data_6MQ3
#
_entry.id   6MQ3
#
_cell.length_a   263.254
_cell.length_b   263.254
_cell.length_c   91.234
_cell.angle_alpha   90.000
_cell.angle_beta   90.000
_cell.angle_gamma   120.000
#
_symmetry.space_group_name_H-M   'P 65'
#
loop_
_entity.id
_entity.type
_entity.pdbx_description
1 polymer 'Insulin-degrading enzyme'
2 non-polymer "{(8R,9S,10S)-9-(2',3'-dimethyl[1,1'-biphenyl]-4-yl)-6-[(1-methyl-1H-imidazol-2-yl)sulfonyl]-1,6-diazabicyclo[6.2.0]decan-10-yl}methanol"
3 non-polymer '4-(2-HYDROXYETHYL)-1-PIPERAZINE ETHANESULFONIC ACID'
#
_entity_poly.entity_id   1
_entity_poly.type   'polypeptide(L)'
_entity_poly.pdbx_seq_one_letter_code
;MNNPAIKRIGNHITKSPEDKREYRGLELANGIKVLLISDPTTDKSSAALDVHIGSLSDPPNIAGLSHFLQHMLFLGTKKY
PKENEYSQFLSEHAGSSNAFTSGEHTNYYFDVSHEHLEGALDRFAQFFLSPLFDESAKDREVNAVDSEHEKNVMNDAWRL
FQLEKATGNPKHPFSKFGTGNKYTLETRPNQEGIDVRQELLKFHSAYYSSNLMAVVVLGRESLDDLTNLVVKLFSEVENK
NVPLPEFPEHPFQEEHLKQLYKIVPIKDIRNLYVTFPIPDLQKYYKSNPGHYLGHLIGHEGPGSLLSELKSKGWVNTLVG
GQKEGARGFMFFIINVDLTEEGLLHVEDIILHMFQYIQKLRAEGPQEWVFQELKDLNAVAFRFKDKERPRGYTSKIAGIL
HYYPLEEVLTAEYLLEEFRPDLIEMVLDKLRPENVRVAIVSKSFEGKTDRTEEWYGTQYKQEAIPDEVIKKWQNADLNGK
FKLPTKNEFIPTNFEILPLEKEATPYPALIKDTAMSKLWFKQDDKFFLPKANLNFEFFSPFAYVDPLHSNMAYLYLELLK
DSLNEYAYAAELAGLSYDLQNTIYGMYLSVKGYNDKQPILLKKIIEKMATFEIDEKRFEIIKEAYMRSLNNFRAEQPHQH
AMYYLRLLMTEVAWTKDELKEALDDVTLPRLKAFIPQLLSRLHIEALLHGNITKQAALGIMQMVEDTLIEHAHTKPLLPS
QLVRYREVQLPDRGWFVYQQRNEVHNNSGIEIYYQTDMQSTSENMFLELFAQIISEPAFNTLRTKEQLGYIVFSGPRRAN
GIQGLRFIIQSEKPPHYLESRVEAFLITMEKSIEDMTEEAFQKHIQALAIRRLDKPKKLSAESAKYWGEIISQQYNFDRD
NTEVAYLKTLTKEDIIKFYKEMLAVDAPRRHKVSVHVLAREMDSNPVVGEFPAQNDINLSQAPALPQPEVIQNMTEFKRG
LPLFPLVKPHINFMAAKL
;
_entity_poly.pdbx_strand_id   A,B
#
# COMPACT_ATOMS: atom_id res chain seq x y z
N ASN A 2 -28.55 -24.39 -16.02
CA ASN A 2 -28.00 -24.90 -14.77
C ASN A 2 -27.23 -23.81 -14.02
N ASN A 3 -27.08 -22.66 -14.66
CA ASN A 3 -26.45 -21.49 -14.06
C ASN A 3 -27.16 -20.25 -14.58
N PRO A 4 -27.50 -19.29 -13.70
CA PRO A 4 -28.24 -18.10 -14.14
C PRO A 4 -27.37 -16.94 -14.59
N ALA A 5 -26.08 -16.93 -14.27
CA ALA A 5 -25.19 -15.85 -14.66
C ALA A 5 -24.50 -16.07 -16.00
N ILE A 6 -24.84 -17.15 -16.72
CA ILE A 6 -24.22 -17.46 -18.00
C ILE A 6 -25.34 -17.68 -19.01
N LYS A 7 -25.47 -16.74 -19.96
CA LYS A 7 -26.51 -16.86 -20.97
C LYS A 7 -26.28 -18.06 -21.90
N ARG A 8 -25.02 -18.31 -22.26
CA ARG A 8 -24.70 -19.45 -23.12
C ARG A 8 -23.19 -19.70 -23.06
N ILE A 9 -22.80 -20.86 -23.58
CA ILE A 9 -21.41 -21.29 -23.63
C ILE A 9 -21.06 -21.69 -25.05
N GLY A 10 -19.98 -21.11 -25.58
CA GLY A 10 -19.60 -21.39 -26.95
C GLY A 10 -18.99 -22.77 -27.11
N ASN A 11 -19.21 -23.35 -28.29
CA ASN A 11 -18.69 -24.69 -28.59
C ASN A 11 -17.19 -24.66 -28.81
N HIS A 12 -16.64 -25.69 -29.44
CA HIS A 12 -15.20 -25.74 -29.68
C HIS A 12 -14.74 -24.50 -30.43
N ILE A 13 -13.81 -23.77 -29.84
CA ILE A 13 -13.23 -22.58 -30.46
C ILE A 13 -12.08 -23.03 -31.34
N THR A 14 -12.27 -22.98 -32.65
CA THR A 14 -11.25 -23.39 -33.60
C THR A 14 -9.96 -22.63 -33.36
N LYS A 15 -8.87 -23.35 -33.15
CA LYS A 15 -7.56 -22.76 -32.91
C LYS A 15 -6.54 -23.39 -33.85
N SER A 16 -5.36 -22.80 -33.89
CA SER A 16 -4.28 -23.36 -34.69
C SER A 16 -3.89 -24.72 -34.12
N PRO A 17 -3.82 -25.77 -34.95
CA PRO A 17 -3.50 -27.11 -34.41
C PRO A 17 -2.13 -27.18 -33.75
N GLU A 18 -1.29 -26.16 -33.92
CA GLU A 18 -0.02 -26.07 -33.23
C GLU A 18 -0.13 -25.26 -31.94
N ASP A 19 -1.34 -24.86 -31.58
CA ASP A 19 -1.56 -24.00 -30.42
C ASP A 19 -1.89 -24.86 -29.21
N LYS A 20 -1.04 -24.79 -28.19
CA LYS A 20 -1.21 -25.62 -26.99
C LYS A 20 -2.25 -25.07 -26.02
N ARG A 21 -2.58 -23.79 -26.12
CA ARG A 21 -3.47 -23.15 -25.15
C ARG A 21 -4.89 -23.72 -25.27
N GLU A 22 -5.68 -23.47 -24.22
CA GLU A 22 -7.06 -23.91 -24.12
C GLU A 22 -7.99 -22.71 -24.11
N TYR A 23 -9.08 -22.79 -24.87
CA TYR A 23 -9.98 -21.66 -25.06
C TYR A 23 -11.42 -22.07 -24.73
N ARG A 24 -12.17 -21.13 -24.15
CA ARG A 24 -13.59 -21.30 -23.92
C ARG A 24 -14.31 -19.97 -24.12
N GLY A 25 -15.44 -20.02 -24.80
CA GLY A 25 -16.23 -18.83 -25.07
C GLY A 25 -17.48 -18.80 -24.21
N LEU A 26 -17.84 -17.60 -23.76
CA LEU A 26 -19.01 -17.40 -22.92
C LEU A 26 -19.75 -16.14 -23.36
N GLU A 27 -21.03 -16.09 -23.01
CA GLU A 27 -21.80 -14.85 -23.00
C GLU A 27 -22.48 -14.77 -21.64
N LEU A 28 -22.03 -13.84 -20.80
CA LEU A 28 -22.57 -13.71 -19.44
C LEU A 28 -24.04 -13.31 -19.47
N ALA A 29 -24.67 -13.26 -18.29
CA ALA A 29 -26.08 -12.87 -18.23
C ALA A 29 -26.26 -11.43 -18.70
N ASN A 30 -25.30 -10.56 -18.38
CA ASN A 30 -25.37 -9.16 -18.75
C ASN A 30 -24.89 -8.90 -20.18
N GLY A 31 -24.75 -9.94 -20.99
CA GLY A 31 -24.40 -9.77 -22.39
C GLY A 31 -22.95 -9.52 -22.67
N ILE A 32 -22.06 -9.72 -21.70
CA ILE A 32 -20.63 -9.50 -21.89
C ILE A 32 -20.04 -10.72 -22.57
N LYS A 33 -19.57 -10.55 -23.81
CA LYS A 33 -18.88 -11.63 -24.49
C LYS A 33 -17.51 -11.84 -23.86
N VAL A 34 -17.21 -13.07 -23.46
CA VAL A 34 -16.00 -13.39 -22.71
C VAL A 34 -15.27 -14.53 -23.41
N LEU A 35 -13.94 -14.41 -23.48
CA LEU A 35 -13.09 -15.49 -23.92
C LEU A 35 -12.07 -15.78 -22.83
N LEU A 36 -11.94 -17.05 -22.46
CA LEU A 36 -11.05 -17.48 -21.40
C LEU A 36 -9.91 -18.29 -22.01
N ILE A 37 -8.68 -17.92 -21.68
CA ILE A 37 -7.50 -18.56 -22.23
C ILE A 37 -6.71 -19.16 -21.07
N SER A 38 -6.52 -20.47 -21.10
CA SER A 38 -5.75 -21.18 -20.08
C SER A 38 -4.43 -21.64 -20.68
N ASP A 39 -3.32 -21.14 -20.15
CA ASP A 39 -1.98 -21.51 -20.61
C ASP A 39 -1.13 -21.76 -19.37
N PRO A 40 -1.11 -23.00 -18.87
CA PRO A 40 -0.35 -23.28 -17.64
C PRO A 40 1.14 -23.01 -17.76
N THR A 41 1.60 -22.63 -18.97
CA THR A 41 3.01 -22.32 -19.17
C THR A 41 3.33 -20.86 -18.91
N THR A 42 2.37 -19.96 -19.15
CA THR A 42 2.66 -18.54 -19.11
C THR A 42 3.21 -18.12 -17.75
N ASP A 43 4.29 -17.33 -17.78
CA ASP A 43 4.85 -16.75 -16.56
C ASP A 43 4.11 -15.49 -16.15
N LYS A 44 3.46 -14.81 -17.10
CA LYS A 44 2.64 -13.63 -16.83
C LYS A 44 1.21 -13.92 -17.28
N SER A 45 0.26 -13.70 -16.38
CA SER A 45 -1.15 -13.74 -16.75
C SER A 45 -1.60 -12.36 -17.20
N SER A 46 -2.73 -12.31 -17.89
CA SER A 46 -3.21 -11.04 -18.43
C SER A 46 -4.71 -11.13 -18.69
N ALA A 47 -5.33 -9.96 -18.79
CA ALA A 47 -6.73 -9.84 -19.11
C ALA A 47 -6.95 -8.45 -19.70
N ALA A 48 -8.03 -8.30 -20.44
CA ALA A 48 -8.33 -7.03 -21.10
C ALA A 48 -9.82 -6.96 -21.35
N LEU A 49 -10.35 -5.74 -21.33
CA LEU A 49 -11.77 -5.51 -21.57
C LEU A 49 -11.93 -4.43 -22.62
N ASP A 50 -12.89 -4.63 -23.52
CA ASP A 50 -13.15 -3.71 -24.62
C ASP A 50 -14.60 -3.24 -24.56
N VAL A 51 -14.80 -1.94 -24.60
CA VAL A 51 -16.12 -1.33 -24.66
C VAL A 51 -16.33 -0.79 -26.07
N HIS A 52 -17.46 -1.14 -26.67
CA HIS A 52 -17.74 -0.73 -28.05
C HIS A 52 -18.16 0.73 -28.13
N ILE A 53 -17.38 1.62 -27.49
CA ILE A 53 -17.63 3.05 -27.53
C ILE A 53 -16.31 3.78 -27.71
N GLY A 54 -16.34 4.90 -28.40
CA GLY A 54 -15.13 5.63 -28.68
C GLY A 54 -15.38 7.10 -28.98
N SER A 55 -14.39 7.71 -29.60
CA SER A 55 -14.40 9.16 -29.83
C SER A 55 -15.68 9.61 -30.51
N LEU A 56 -16.22 8.80 -31.43
CA LEU A 56 -17.37 9.24 -32.21
C LEU A 56 -18.59 9.50 -31.34
N SER A 57 -18.66 8.86 -30.18
CA SER A 57 -19.75 9.10 -29.24
C SER A 57 -19.44 10.20 -28.24
N ASP A 58 -18.38 10.97 -28.45
CA ASP A 58 -18.09 12.09 -27.56
C ASP A 58 -19.19 13.14 -27.66
N PRO A 59 -19.47 13.86 -26.57
CA PRO A 59 -20.43 14.95 -26.64
C PRO A 59 -19.91 16.04 -27.55
N PRO A 60 -20.81 16.74 -28.26
CA PRO A 60 -20.35 17.79 -29.17
C PRO A 60 -19.61 18.92 -28.48
N ASN A 61 -19.89 19.15 -27.20
CA ASN A 61 -19.32 20.27 -26.46
C ASN A 61 -18.07 19.90 -25.66
N ILE A 62 -17.77 18.61 -25.53
CA ILE A 62 -16.60 18.18 -24.76
C ILE A 62 -15.80 17.18 -25.60
N ALA A 63 -15.18 17.66 -26.67
CA ALA A 63 -14.43 16.78 -27.55
C ALA A 63 -13.28 16.12 -26.79
N GLY A 64 -13.25 14.79 -26.82
CA GLY A 64 -12.21 14.02 -26.15
C GLY A 64 -12.61 13.40 -24.84
N LEU A 65 -13.88 13.54 -24.42
CA LEU A 65 -14.30 13.04 -23.12
C LEU A 65 -14.03 11.55 -22.97
N SER A 66 -14.33 10.76 -24.00
CA SER A 66 -14.13 9.32 -23.91
C SER A 66 -12.65 8.98 -23.72
N HIS A 67 -11.76 9.68 -24.44
CA HIS A 67 -10.34 9.46 -24.26
C HIS A 67 -9.85 10.03 -22.94
N PHE A 68 -10.54 11.05 -22.42
CA PHE A 68 -10.25 11.53 -21.07
C PHE A 68 -10.74 10.54 -20.02
N LEU A 69 -11.96 10.03 -20.21
CA LEU A 69 -12.49 9.02 -19.30
C LEU A 69 -11.58 7.81 -19.23
N GLN A 70 -10.89 7.49 -20.33
CA GLN A 70 -9.90 6.42 -20.29
C GLN A 70 -8.82 6.72 -19.26
N HIS A 71 -8.27 7.94 -19.30
CA HIS A 71 -7.23 8.31 -18.35
C HIS A 71 -7.74 8.30 -16.92
N MET A 72 -9.03 8.55 -16.72
CA MET A 72 -9.58 8.77 -15.39
C MET A 72 -10.02 7.48 -14.70
N LEU A 73 -10.16 6.39 -15.45
CA LEU A 73 -10.57 5.13 -14.83
C LEU A 73 -9.48 4.55 -13.94
N PHE A 74 -8.22 4.89 -14.22
CA PHE A 74 -7.10 4.36 -13.45
C PHE A 74 -6.94 5.06 -12.10
N LEU A 75 -7.42 6.28 -11.96
CA LEU A 75 -7.13 7.13 -10.80
C LEU A 75 -8.19 7.03 -9.72
N GLY A 76 -8.53 5.80 -9.32
CA GLY A 76 -9.39 5.61 -8.16
C GLY A 76 -10.70 4.91 -8.40
N THR A 77 -11.05 4.00 -7.49
CA THR A 77 -12.31 3.27 -7.51
C THR A 77 -12.92 3.32 -6.11
N LYS A 78 -14.19 2.91 -6.01
CA LYS A 78 -14.85 2.91 -4.70
C LYS A 78 -14.17 1.94 -3.75
N LYS A 79 -13.91 0.71 -4.23
CA LYS A 79 -13.26 -0.28 -3.38
C LYS A 79 -11.76 -0.02 -3.24
N TYR A 80 -11.11 0.51 -4.28
CA TYR A 80 -9.69 0.82 -4.27
C TYR A 80 -9.51 2.30 -4.58
N PRO A 81 -9.69 3.17 -3.59
CA PRO A 81 -9.70 4.61 -3.86
C PRO A 81 -8.33 5.27 -3.93
N LYS A 82 -7.26 4.58 -3.54
CA LYS A 82 -5.93 5.17 -3.63
C LYS A 82 -5.61 5.45 -5.09
N GLU A 83 -5.16 6.68 -5.37
CA GLU A 83 -5.06 7.14 -6.74
C GLU A 83 -4.23 6.21 -7.62
N ASN A 84 -3.24 5.52 -7.04
CA ASN A 84 -2.32 4.70 -7.82
C ASN A 84 -2.28 3.25 -7.33
N GLU A 85 -3.32 2.79 -6.64
CA GLU A 85 -3.35 1.38 -6.21
C GLU A 85 -3.30 0.43 -7.40
N TYR A 86 -3.75 0.88 -8.57
CA TYR A 86 -3.69 0.03 -9.76
C TYR A 86 -2.27 -0.03 -10.31
N SER A 87 -1.67 1.13 -10.60
CA SER A 87 -0.28 1.16 -11.05
C SER A 87 0.64 0.53 -10.01
N GLN A 88 0.45 0.88 -8.73
CA GLN A 88 1.34 0.37 -7.70
C GLN A 88 1.25 -1.15 -7.59
N PHE A 89 0.04 -1.70 -7.60
CA PHE A 89 -0.12 -3.14 -7.47
C PHE A 89 0.59 -3.88 -8.59
N LEU A 90 0.40 -3.43 -9.83
CA LEU A 90 1.01 -4.12 -10.97
C LEU A 90 2.52 -4.00 -10.95
N SER A 91 3.05 -2.82 -10.63
CA SER A 91 4.50 -2.65 -10.61
C SER A 91 5.14 -3.58 -9.60
N GLU A 92 4.48 -3.79 -8.46
CA GLU A 92 5.00 -4.68 -7.42
C GLU A 92 4.78 -6.15 -7.72
N HIS A 93 4.09 -6.49 -8.80
CA HIS A 93 3.79 -7.88 -9.16
C HIS A 93 4.10 -8.14 -10.62
N ALA A 94 5.16 -7.51 -11.13
CA ALA A 94 5.68 -7.76 -12.47
C ALA A 94 4.67 -7.43 -13.56
N GLY A 95 3.73 -6.52 -13.29
CA GLY A 95 2.68 -6.20 -14.23
C GLY A 95 2.90 -4.89 -14.96
N SER A 96 2.11 -4.70 -16.02
CA SER A 96 2.06 -3.45 -16.76
C SER A 96 0.64 -3.29 -17.29
N SER A 97 0.31 -2.07 -17.70
CA SER A 97 -1.04 -1.82 -18.19
C SER A 97 -1.03 -0.57 -19.06
N ASN A 98 -2.09 -0.43 -19.86
CA ASN A 98 -2.32 0.74 -20.69
C ASN A 98 -3.69 0.56 -21.34
N ALA A 99 -4.04 1.52 -22.18
CA ALA A 99 -5.34 1.49 -22.85
C ALA A 99 -5.33 2.53 -23.96
N PHE A 100 -6.17 2.29 -24.97
CA PHE A 100 -6.30 3.19 -26.10
C PHE A 100 -7.76 3.40 -26.41
N THR A 101 -8.04 4.41 -27.25
CA THR A 101 -9.41 4.80 -27.56
C THR A 101 -9.48 5.15 -29.04
N SER A 102 -10.21 4.36 -29.81
CA SER A 102 -10.43 4.63 -31.22
C SER A 102 -11.81 5.29 -31.36
N GLY A 103 -12.31 5.35 -32.60
CA GLY A 103 -13.60 5.98 -32.81
C GLY A 103 -14.76 5.16 -32.28
N GLU A 104 -14.61 3.84 -32.22
CA GLU A 104 -15.69 2.95 -31.82
C GLU A 104 -15.31 1.99 -30.69
N HIS A 105 -14.14 2.14 -30.09
CA HIS A 105 -13.73 1.20 -29.06
C HIS A 105 -12.90 1.92 -28.00
N THR A 106 -13.03 1.44 -26.76
CA THR A 106 -12.14 1.80 -25.67
C THR A 106 -11.63 0.51 -25.06
N ASN A 107 -10.31 0.35 -25.04
CA ASN A 107 -9.68 -0.95 -24.84
C ASN A 107 -8.71 -0.88 -23.66
N TYR A 108 -9.06 -1.55 -22.57
CA TYR A 108 -8.24 -1.61 -21.37
C TYR A 108 -7.60 -2.99 -21.25
N TYR A 109 -6.32 -3.02 -20.90
CA TYR A 109 -5.59 -4.28 -20.81
C TYR A 109 -4.47 -4.17 -19.79
N PHE A 110 -4.07 -5.33 -19.26
CA PHE A 110 -2.95 -5.42 -18.34
C PHE A 110 -2.37 -6.82 -18.41
N ASP A 111 -1.14 -6.95 -17.92
CA ASP A 111 -0.56 -8.25 -17.61
C ASP A 111 0.10 -8.17 -16.24
N VAL A 112 0.38 -9.34 -15.67
CA VAL A 112 0.90 -9.42 -14.31
C VAL A 112 1.42 -10.83 -14.03
N SER A 113 2.16 -11.00 -12.94
CA SER A 113 2.64 -12.31 -12.56
C SER A 113 1.47 -13.28 -12.44
N HIS A 114 1.66 -14.49 -12.95
CA HIS A 114 0.56 -15.45 -13.06
C HIS A 114 -0.04 -15.81 -11.71
N GLU A 115 0.67 -15.55 -10.61
CA GLU A 115 0.16 -15.86 -9.29
C GLU A 115 -0.74 -14.78 -8.72
N HIS A 116 -0.93 -13.66 -9.42
CA HIS A 116 -1.70 -12.53 -8.92
C HIS A 116 -2.73 -12.06 -9.93
N LEU A 117 -3.21 -12.97 -10.78
CA LEU A 117 -4.24 -12.58 -11.75
C LEU A 117 -5.50 -12.08 -11.05
N GLU A 118 -5.91 -12.77 -9.98
CA GLU A 118 -7.14 -12.38 -9.28
C GLU A 118 -6.98 -11.03 -8.60
N GLY A 119 -5.87 -10.83 -7.88
CA GLY A 119 -5.65 -9.54 -7.24
C GLY A 119 -5.68 -8.40 -8.24
N ALA A 120 -5.10 -8.61 -9.42
CA ALA A 120 -5.11 -7.58 -10.44
C ALA A 120 -6.49 -7.43 -11.06
N LEU A 121 -7.14 -8.56 -11.38
CA LEU A 121 -8.43 -8.51 -12.06
C LEU A 121 -9.49 -7.81 -11.20
N ASP A 122 -9.49 -8.07 -9.90
CA ASP A 122 -10.44 -7.40 -9.01
C ASP A 122 -10.25 -5.88 -9.05
N ARG A 123 -9.01 -5.43 -8.86
CA ARG A 123 -8.73 -4.00 -8.95
C ARG A 123 -9.07 -3.47 -10.34
N PHE A 124 -8.77 -4.25 -11.37
CA PHE A 124 -9.05 -3.83 -12.74
C PHE A 124 -10.54 -3.77 -13.01
N ALA A 125 -11.29 -4.78 -12.57
CA ALA A 125 -12.72 -4.85 -12.87
C ALA A 125 -13.48 -3.69 -12.26
N GLN A 126 -13.04 -3.20 -11.10
CA GLN A 126 -13.74 -2.10 -10.44
C GLN A 126 -13.84 -0.86 -11.30
N PHE A 127 -13.03 -0.77 -12.36
CA PHE A 127 -13.11 0.38 -13.26
C PHE A 127 -14.54 0.60 -13.75
N PHE A 128 -15.26 -0.47 -14.00
CA PHE A 128 -16.56 -0.41 -14.66
C PHE A 128 -17.71 -0.56 -13.68
N LEU A 129 -17.48 -0.27 -12.40
CA LEU A 129 -18.51 -0.43 -11.38
C LEU A 129 -18.64 0.83 -10.52
N SER A 130 -17.51 1.37 -10.05
CA SER A 130 -17.58 2.53 -9.17
C SER A 130 -16.28 3.33 -9.24
N PRO A 131 -15.98 3.99 -10.35
CA PRO A 131 -14.82 4.85 -10.42
C PRO A 131 -15.06 6.18 -9.70
N LEU A 132 -13.98 6.72 -9.12
CA LEU A 132 -14.11 7.92 -8.31
C LEU A 132 -14.36 9.15 -9.18
N PHE A 133 -13.54 9.35 -10.20
CA PHE A 133 -13.53 10.62 -10.94
C PHE A 133 -13.26 11.77 -9.98
N ASP A 134 -12.28 11.56 -9.10
CA ASP A 134 -11.96 12.54 -8.06
C ASP A 134 -11.68 13.90 -8.68
N GLU A 135 -12.35 14.93 -8.17
CA GLU A 135 -12.17 16.27 -8.70
C GLU A 135 -10.71 16.69 -8.64
N SER A 136 -10.00 16.33 -7.57
CA SER A 136 -8.59 16.67 -7.46
C SER A 136 -7.79 16.07 -8.61
N ALA A 137 -8.07 14.81 -8.96
CA ALA A 137 -7.35 14.17 -10.06
C ALA A 137 -7.77 14.73 -11.41
N LYS A 138 -9.04 15.14 -11.55
CA LYS A 138 -9.50 15.67 -12.83
C LYS A 138 -8.72 16.90 -13.24
N ASP A 139 -8.57 17.86 -12.31
CA ASP A 139 -7.83 19.08 -12.64
C ASP A 139 -6.36 18.81 -12.93
N ARG A 140 -5.83 17.66 -12.50
CA ARG A 140 -4.42 17.34 -12.72
C ARG A 140 -4.20 16.56 -14.01
N GLU A 141 -4.99 15.51 -14.25
CA GLU A 141 -4.73 14.63 -15.38
C GLU A 141 -5.02 15.30 -16.73
N VAL A 142 -5.79 16.39 -16.74
CA VAL A 142 -6.07 17.08 -18.00
C VAL A 142 -4.78 17.63 -18.61
N ASN A 143 -3.78 17.92 -17.78
CA ASN A 143 -2.49 18.36 -18.30
C ASN A 143 -1.79 17.24 -19.05
N ALA A 144 -1.93 16.00 -18.56
CA ALA A 144 -1.39 14.86 -19.29
C ALA A 144 -2.02 14.74 -20.67
N VAL A 145 -3.31 15.05 -20.78
CA VAL A 145 -3.97 15.00 -22.08
C VAL A 145 -3.54 16.16 -22.96
N ASP A 146 -3.37 17.35 -22.38
CA ASP A 146 -2.95 18.49 -23.17
C ASP A 146 -1.52 18.32 -23.67
N SER A 147 -0.63 17.80 -22.81
CA SER A 147 0.72 17.50 -23.26
C SER A 147 0.70 16.42 -24.34
N GLU A 148 -0.18 15.42 -24.19
CA GLU A 148 -0.29 14.39 -25.21
C GLU A 148 -0.65 14.99 -26.57
N HIS A 149 -1.62 15.91 -26.59
CA HIS A 149 -1.98 16.57 -27.84
C HIS A 149 -0.85 17.43 -28.36
N GLU A 150 -0.21 18.21 -27.48
CA GLU A 150 0.85 19.12 -27.92
C GLU A 150 1.93 18.38 -28.68
N LYS A 151 2.37 17.24 -28.15
CA LYS A 151 3.28 16.37 -28.90
C LYS A 151 2.80 16.16 -30.33
N ASN A 152 1.51 15.89 -30.50
CA ASN A 152 0.95 15.56 -31.81
C ASN A 152 0.73 16.79 -32.70
N VAL A 153 0.71 17.99 -32.12
CA VAL A 153 0.34 19.17 -32.90
C VAL A 153 1.28 19.36 -34.08
N MET A 154 2.58 19.11 -33.88
CA MET A 154 3.57 19.31 -34.93
C MET A 154 3.98 18.00 -35.60
N ASN A 155 3.07 17.04 -35.65
CA ASN A 155 3.31 15.75 -36.29
C ASN A 155 2.51 15.69 -37.59
N ASP A 156 3.17 15.36 -38.69
CA ASP A 156 2.52 15.40 -39.99
C ASP A 156 1.44 14.33 -40.13
N ALA A 157 1.61 13.19 -39.47
CA ALA A 157 0.61 12.14 -39.58
C ALA A 157 -0.65 12.48 -38.80
N TRP A 158 -0.49 13.06 -37.61
CA TRP A 158 -1.65 13.50 -36.85
C TRP A 158 -2.36 14.66 -37.53
N ARG A 159 -1.59 15.60 -38.09
CA ARG A 159 -2.20 16.76 -38.73
C ARG A 159 -3.02 16.36 -39.95
N LEU A 160 -2.56 15.35 -40.69
CA LEU A 160 -3.35 14.84 -41.82
C LEU A 160 -4.56 14.05 -41.32
N PHE A 161 -4.35 13.19 -40.33
CA PHE A 161 -5.46 12.43 -39.74
C PHE A 161 -6.65 13.33 -39.44
N GLN A 162 -6.45 14.33 -38.56
CA GLN A 162 -7.54 15.21 -38.20
C GLN A 162 -7.95 16.14 -39.34
N LEU A 163 -7.08 16.34 -40.34
CA LEU A 163 -7.48 17.17 -41.48
C LEU A 163 -8.57 16.48 -42.30
N GLU A 164 -8.39 15.19 -42.59
CA GLU A 164 -9.42 14.46 -43.31
C GLU A 164 -10.76 14.56 -42.59
N LYS A 165 -10.75 14.36 -41.26
CA LYS A 165 -11.97 14.50 -40.48
C LYS A 165 -12.63 15.86 -40.71
N ALA A 166 -11.83 16.93 -40.61
CA ALA A 166 -12.38 18.27 -40.74
C ALA A 166 -12.80 18.60 -42.16
N THR A 167 -12.27 17.90 -43.17
CA THR A 167 -12.50 18.26 -44.55
C THR A 167 -13.82 17.72 -45.10
N GLY A 168 -14.41 16.72 -44.46
CA GLY A 168 -15.65 16.13 -44.92
C GLY A 168 -16.87 16.87 -44.40
N ASN A 169 -17.97 16.14 -44.29
CA ASN A 169 -19.19 16.71 -43.74
C ASN A 169 -18.93 17.16 -42.30
N PRO A 170 -19.14 18.43 -41.97
CA PRO A 170 -18.89 18.89 -40.60
C PRO A 170 -19.93 18.41 -39.59
N LYS A 171 -21.11 17.95 -40.04
CA LYS A 171 -22.10 17.42 -39.13
C LYS A 171 -21.82 15.97 -38.74
N HIS A 172 -21.00 15.26 -39.51
CA HIS A 172 -20.79 13.85 -39.25
C HIS A 172 -19.85 13.67 -38.07
N PRO A 173 -20.13 12.71 -37.18
CA PRO A 173 -19.25 12.49 -36.02
C PRO A 173 -17.81 12.24 -36.43
N PHE A 174 -17.59 11.92 -37.70
CA PHE A 174 -16.23 11.71 -38.19
C PHE A 174 -15.36 12.94 -37.98
N SER A 175 -15.93 14.13 -38.09
CA SER A 175 -15.17 15.38 -37.93
C SER A 175 -14.84 15.70 -36.49
N LYS A 176 -15.26 14.88 -35.53
CA LYS A 176 -15.05 15.19 -34.13
C LYS A 176 -13.57 15.16 -33.78
N PHE A 177 -13.15 16.08 -32.91
CA PHE A 177 -11.82 16.03 -32.31
C PHE A 177 -11.80 14.94 -31.24
N GLY A 178 -10.78 14.09 -31.27
CA GLY A 178 -10.75 12.94 -30.41
C GLY A 178 -9.78 13.05 -29.25
N THR A 179 -8.56 13.48 -29.54
CA THR A 179 -7.52 13.49 -28.52
C THR A 179 -7.94 14.34 -27.32
N GLY A 180 -8.58 15.47 -27.56
CA GLY A 180 -8.90 16.39 -26.49
C GLY A 180 -7.67 17.12 -26.01
N ASN A 181 -7.83 18.35 -25.52
CA ASN A 181 -6.71 19.10 -24.95
C ASN A 181 -7.22 19.86 -23.73
N LYS A 182 -6.38 20.77 -23.23
CA LYS A 182 -6.76 21.51 -22.03
C LYS A 182 -7.92 22.46 -22.29
N TYR A 183 -8.06 22.96 -23.52
CA TYR A 183 -9.13 23.88 -23.84
C TYR A 183 -10.49 23.17 -23.75
N THR A 184 -10.66 22.09 -24.50
CA THR A 184 -11.94 21.41 -24.58
C THR A 184 -12.31 20.65 -23.31
N LEU A 185 -11.38 20.47 -22.37
CA LEU A 185 -11.65 19.64 -21.20
C LEU A 185 -11.63 20.39 -19.87
N GLU A 186 -11.18 21.64 -19.85
CA GLU A 186 -11.21 22.43 -18.62
C GLU A 186 -11.57 23.88 -18.93
N THR A 187 -10.79 24.52 -19.81
CA THR A 187 -10.96 25.94 -20.08
C THR A 187 -12.35 26.25 -20.60
N ARG A 188 -12.77 25.55 -21.68
CA ARG A 188 -14.05 25.89 -22.30
C ARG A 188 -15.22 25.33 -21.49
N PRO A 189 -15.16 24.09 -21.01
CA PRO A 189 -16.26 23.60 -20.18
C PRO A 189 -16.48 24.45 -18.93
N ASN A 190 -15.41 24.75 -18.18
CA ASN A 190 -15.53 25.68 -17.09
C ASN A 190 -15.95 27.06 -17.58
N GLN A 191 -15.79 27.32 -18.88
CA GLN A 191 -16.27 28.55 -19.50
C GLN A 191 -17.75 28.49 -19.81
N GLU A 192 -18.25 27.31 -20.16
CA GLU A 192 -19.67 27.08 -20.40
C GLU A 192 -20.38 26.57 -19.16
N GLY A 193 -19.72 26.59 -18.00
CA GLY A 193 -20.33 26.23 -16.74
C GLY A 193 -20.41 24.76 -16.45
N ILE A 194 -20.00 23.89 -17.39
CA ILE A 194 -20.20 22.47 -17.23
C ILE A 194 -19.34 21.93 -16.08
N ASP A 195 -19.94 21.07 -15.26
CA ASP A 195 -19.20 20.30 -14.27
C ASP A 195 -18.75 19.02 -14.95
N VAL A 196 -17.44 18.91 -15.20
CA VAL A 196 -16.94 17.79 -15.99
C VAL A 196 -17.15 16.46 -15.27
N ARG A 197 -17.05 16.45 -13.93
CA ARG A 197 -17.17 15.20 -13.21
C ARG A 197 -18.56 14.57 -13.41
N GLN A 198 -19.59 15.40 -13.61
CA GLN A 198 -20.89 14.86 -13.96
C GLN A 198 -20.90 14.30 -15.37
N GLU A 199 -20.33 15.04 -16.32
CA GLU A 199 -20.28 14.55 -17.69
C GLU A 199 -19.45 13.28 -17.80
N LEU A 200 -18.46 13.12 -16.94
CA LEU A 200 -17.73 11.86 -16.87
C LEU A 200 -18.58 10.76 -16.26
N LEU A 201 -19.32 11.08 -15.19
CA LEU A 201 -20.21 10.09 -14.59
C LEU A 201 -21.46 9.88 -15.45
N LYS A 202 -22.01 10.96 -15.99
CA LYS A 202 -23.14 10.84 -16.90
C LYS A 202 -22.79 9.94 -18.09
N PHE A 203 -21.60 10.14 -18.67
CA PHE A 203 -21.17 9.34 -19.81
C PHE A 203 -20.89 7.90 -19.40
N HIS A 204 -20.05 7.72 -18.37
CA HIS A 204 -19.71 6.38 -17.90
C HIS A 204 -20.96 5.57 -17.59
N SER A 205 -21.89 6.15 -16.82
CA SER A 205 -23.09 5.43 -16.44
C SER A 205 -23.98 5.13 -17.64
N ALA A 206 -23.93 5.97 -18.67
CA ALA A 206 -24.86 5.80 -19.80
C ALA A 206 -24.33 4.80 -20.83
N TYR A 207 -23.06 4.92 -21.21
CA TYR A 207 -22.53 4.13 -22.32
C TYR A 207 -21.74 2.90 -21.89
N TYR A 208 -21.08 2.93 -20.74
CA TYR A 208 -20.30 1.78 -20.30
C TYR A 208 -21.22 0.67 -19.80
N SER A 209 -22.07 0.18 -20.68
CA SER A 209 -23.01 -0.89 -20.36
C SER A 209 -22.37 -2.24 -20.61
N SER A 210 -22.91 -3.26 -19.92
CA SER A 210 -22.35 -4.60 -20.02
C SER A 210 -22.63 -5.21 -21.39
N ASN A 211 -23.71 -4.81 -22.05
CA ASN A 211 -24.03 -5.38 -23.36
C ASN A 211 -23.03 -4.96 -24.43
N LEU A 212 -22.27 -3.88 -24.19
CA LEU A 212 -21.27 -3.41 -25.14
C LEU A 212 -19.85 -3.75 -24.72
N MET A 213 -19.67 -4.75 -23.87
CA MET A 213 -18.36 -5.09 -23.35
C MET A 213 -17.95 -6.49 -23.78
N ALA A 214 -16.64 -6.68 -23.95
CA ALA A 214 -16.05 -7.96 -24.24
C ALA A 214 -14.81 -8.13 -23.38
N VAL A 215 -14.65 -9.31 -22.79
CA VAL A 215 -13.60 -9.57 -21.81
C VAL A 215 -12.80 -10.79 -22.26
N VAL A 216 -11.48 -10.69 -22.13
CA VAL A 216 -10.58 -11.80 -22.38
C VAL A 216 -9.67 -11.94 -21.17
N VAL A 217 -9.57 -13.16 -20.64
CA VAL A 217 -8.75 -13.44 -19.47
C VAL A 217 -7.81 -14.58 -19.82
N LEU A 218 -6.51 -14.35 -19.63
CA LEU A 218 -5.47 -15.33 -19.94
C LEU A 218 -4.69 -15.61 -18.67
N GLY A 219 -4.72 -16.85 -18.22
CA GLY A 219 -4.02 -17.20 -16.99
C GLY A 219 -3.72 -18.67 -16.92
N ARG A 220 -2.89 -19.01 -15.93
CA ARG A 220 -2.54 -20.41 -15.70
C ARG A 220 -3.72 -21.22 -15.21
N GLU A 221 -4.71 -20.58 -14.59
CA GLU A 221 -5.81 -21.29 -13.97
C GLU A 221 -6.56 -22.12 -15.01
N SER A 222 -7.28 -23.14 -14.53
CA SER A 222 -8.06 -23.97 -15.42
C SER A 222 -9.18 -23.16 -16.07
N LEU A 223 -9.73 -23.70 -17.16
CA LEU A 223 -10.81 -22.99 -17.85
C LEU A 223 -12.03 -22.85 -16.96
N ASP A 224 -12.26 -23.81 -16.06
CA ASP A 224 -13.38 -23.71 -15.15
C ASP A 224 -13.11 -22.68 -14.07
N ASP A 225 -11.93 -22.74 -13.45
CA ASP A 225 -11.54 -21.73 -12.48
C ASP A 225 -11.63 -20.33 -13.08
N LEU A 226 -11.20 -20.19 -14.34
CA LEU A 226 -11.30 -18.89 -15.01
C LEU A 226 -12.76 -18.48 -15.19
N THR A 227 -13.64 -19.43 -15.51
CA THR A 227 -15.04 -19.09 -15.74
C THR A 227 -15.70 -18.57 -14.47
N ASN A 228 -15.45 -19.23 -13.32
CA ASN A 228 -16.00 -18.74 -12.07
C ASN A 228 -15.43 -17.36 -11.73
N LEU A 229 -14.13 -17.17 -11.92
CA LEU A 229 -13.53 -15.87 -11.64
C LEU A 229 -14.18 -14.77 -12.46
N VAL A 230 -14.35 -15.01 -13.76
CA VAL A 230 -14.93 -13.99 -14.64
C VAL A 230 -16.36 -13.70 -14.24
N VAL A 231 -17.15 -14.74 -13.99
CA VAL A 231 -18.55 -14.54 -13.62
C VAL A 231 -18.65 -13.82 -12.28
N LYS A 232 -17.82 -14.23 -11.31
CA LYS A 232 -17.85 -13.61 -9.99
C LYS A 232 -17.67 -12.10 -10.08
N LEU A 233 -16.63 -11.66 -10.80
CA LEU A 233 -16.26 -10.24 -10.77
C LEU A 233 -17.07 -9.39 -11.74
N PHE A 234 -17.53 -9.95 -12.86
CA PHE A 234 -18.14 -9.15 -13.91
C PHE A 234 -19.64 -9.31 -14.05
N SER A 235 -20.23 -10.37 -13.48
CA SER A 235 -21.68 -10.52 -13.57
C SER A 235 -22.43 -9.39 -12.85
N GLU A 236 -21.74 -8.61 -12.01
CA GLU A 236 -22.36 -7.49 -11.32
C GLU A 236 -22.29 -6.19 -12.13
N VAL A 237 -21.77 -6.24 -13.35
CA VAL A 237 -21.83 -5.08 -14.23
C VAL A 237 -23.27 -4.92 -14.73
N GLU A 238 -23.72 -3.67 -14.81
CA GLU A 238 -25.12 -3.39 -15.10
C GLU A 238 -25.35 -3.32 -16.61
N ASN A 239 -26.47 -3.87 -17.05
CA ASN A 239 -26.84 -3.90 -18.46
C ASN A 239 -27.86 -2.81 -18.73
N LYS A 240 -27.50 -1.86 -19.59
CA LYS A 240 -28.38 -0.75 -19.93
C LYS A 240 -29.01 -0.89 -21.31
N ASN A 241 -28.72 -1.97 -22.02
CA ASN A 241 -29.27 -2.21 -23.36
C ASN A 241 -29.01 -1.01 -24.28
N VAL A 242 -27.80 -0.47 -24.20
CA VAL A 242 -27.43 0.63 -25.11
C VAL A 242 -27.40 0.10 -26.53
N PRO A 243 -28.11 0.71 -27.47
CA PRO A 243 -28.01 0.28 -28.87
C PRO A 243 -26.62 0.60 -29.42
N LEU A 244 -26.06 -0.34 -30.15
CA LEU A 244 -24.74 -0.13 -30.72
C LEU A 244 -24.82 1.00 -31.75
N PRO A 245 -24.08 2.09 -31.57
CA PRO A 245 -24.15 3.18 -32.54
C PRO A 245 -23.54 2.79 -33.87
N GLU A 246 -24.23 3.14 -34.95
CA GLU A 246 -23.73 2.92 -36.29
C GLU A 246 -24.05 4.13 -37.14
N PHE A 247 -23.21 4.39 -38.13
CA PHE A 247 -23.23 5.63 -38.91
C PHE A 247 -23.38 5.27 -40.38
N PRO A 248 -24.61 5.09 -40.86
CA PRO A 248 -24.79 4.67 -42.25
C PRO A 248 -24.45 5.76 -43.25
N GLU A 249 -24.70 7.02 -42.90
CA GLU A 249 -24.36 8.12 -43.79
C GLU A 249 -22.85 8.20 -43.94
N HIS A 250 -22.39 8.29 -45.19
CA HIS A 250 -20.95 8.37 -45.35
C HIS A 250 -20.47 9.78 -45.02
N PRO A 251 -19.29 9.90 -44.39
CA PRO A 251 -18.78 11.25 -44.05
C PRO A 251 -18.46 12.08 -45.28
N PHE A 252 -18.18 11.45 -46.41
CA PHE A 252 -17.83 12.15 -47.65
C PHE A 252 -19.02 12.04 -48.59
N GLN A 253 -19.71 13.16 -48.80
CA GLN A 253 -20.86 13.23 -49.69
C GLN A 253 -20.42 13.83 -51.03
N GLU A 254 -21.40 14.26 -51.83
CA GLU A 254 -21.09 14.69 -53.19
C GLU A 254 -20.10 15.85 -53.21
N GLU A 255 -20.43 16.95 -52.53
CA GLU A 255 -19.57 18.13 -52.58
C GLU A 255 -18.17 17.84 -52.08
N HIS A 256 -17.98 16.74 -51.36
CA HIS A 256 -16.67 16.37 -50.85
C HIS A 256 -15.89 15.49 -51.82
N LEU A 257 -16.44 15.20 -52.99
CA LEU A 257 -15.79 14.37 -54.00
C LEU A 257 -15.29 15.23 -55.15
N LYS A 258 -14.30 14.70 -55.88
CA LYS A 258 -13.64 15.43 -56.95
C LYS A 258 -12.99 16.71 -56.41
N GLN A 259 -12.43 16.62 -55.22
CA GLN A 259 -11.75 17.73 -54.58
C GLN A 259 -10.26 17.46 -54.49
N LEU A 260 -9.47 18.53 -54.50
CA LEU A 260 -8.02 18.44 -54.42
C LEU A 260 -7.54 19.35 -53.31
N TYR A 261 -6.57 18.86 -52.54
CA TYR A 261 -6.06 19.58 -51.37
C TYR A 261 -4.55 19.68 -51.46
N LYS A 262 -4.03 20.88 -51.24
CA LYS A 262 -2.60 21.15 -51.27
C LYS A 262 -2.18 21.54 -49.86
N ILE A 263 -1.37 20.68 -49.23
CA ILE A 263 -1.13 20.73 -47.80
C ILE A 263 0.34 20.99 -47.56
N VAL A 264 0.64 21.92 -46.65
CA VAL A 264 2.01 22.25 -46.28
C VAL A 264 2.43 21.34 -45.14
N PRO A 265 3.48 20.53 -45.30
CA PRO A 265 3.95 19.69 -44.21
C PRO A 265 4.98 20.39 -43.33
N ILE A 266 5.18 19.83 -42.14
CA ILE A 266 6.23 20.32 -41.26
C ILE A 266 7.58 19.75 -41.67
N LYS A 267 7.66 18.43 -41.79
CA LYS A 267 8.84 17.81 -42.37
C LYS A 267 8.93 18.17 -43.85
N ASP A 268 10.06 17.79 -44.46
CA ASP A 268 10.25 17.93 -45.90
C ASP A 268 9.90 16.61 -46.56
N ILE A 269 8.65 16.47 -46.98
CA ILE A 269 8.18 15.26 -47.63
C ILE A 269 7.37 15.65 -48.86
N ARG A 270 7.20 14.67 -49.75
CA ARG A 270 6.45 14.86 -50.99
C ARG A 270 5.59 13.62 -51.16
N ASN A 271 4.31 13.73 -50.79
CA ASN A 271 3.41 12.59 -50.77
C ASN A 271 2.10 12.92 -51.47
N LEU A 272 1.44 11.87 -51.94
CA LEU A 272 0.19 11.98 -52.69
C LEU A 272 -0.76 10.91 -52.18
N TYR A 273 -1.93 11.33 -51.71
CA TYR A 273 -2.93 10.42 -51.17
C TYR A 273 -4.18 10.48 -52.05
N VAL A 274 -4.61 9.33 -52.54
CA VAL A 274 -5.82 9.21 -53.35
C VAL A 274 -6.80 8.34 -52.58
N THR A 275 -8.00 8.87 -52.32
CA THR A 275 -8.99 8.19 -51.50
C THR A 275 -10.30 8.01 -52.28
N PHE A 276 -10.97 6.90 -52.02
CA PHE A 276 -12.30 6.63 -52.54
C PHE A 276 -13.18 6.18 -51.38
N PRO A 277 -14.36 6.77 -51.19
CA PRO A 277 -15.28 6.26 -50.17
C PRO A 277 -15.88 4.93 -50.61
N ILE A 278 -15.96 4.01 -49.66
CA ILE A 278 -16.53 2.68 -49.91
C ILE A 278 -17.42 2.27 -48.75
N PRO A 279 -18.31 1.31 -48.98
CA PRO A 279 -19.20 0.86 -47.92
C PRO A 279 -18.49 -0.04 -46.90
N ASP A 280 -19.20 -0.35 -45.82
CA ASP A 280 -18.68 -1.15 -44.73
C ASP A 280 -18.50 -2.60 -45.19
N LEU A 281 -17.29 -2.93 -45.61
CA LEU A 281 -16.98 -4.30 -46.04
C LEU A 281 -16.71 -5.24 -44.88
N GLN A 282 -16.82 -4.78 -43.63
CA GLN A 282 -16.45 -5.62 -42.50
C GLN A 282 -17.24 -6.92 -42.46
N LYS A 283 -18.50 -6.91 -42.89
CA LYS A 283 -19.33 -8.09 -42.77
C LYS A 283 -18.94 -9.19 -43.76
N TYR A 284 -18.27 -8.84 -44.86
CA TYR A 284 -17.80 -9.84 -45.82
C TYR A 284 -16.45 -10.43 -45.41
N TYR A 285 -16.21 -10.64 -44.12
CA TYR A 285 -14.89 -11.04 -43.66
C TYR A 285 -14.47 -12.38 -44.26
N LYS A 286 -15.44 -13.26 -44.56
CA LYS A 286 -15.09 -14.55 -45.12
C LYS A 286 -14.46 -14.41 -46.51
N SER A 287 -14.97 -13.49 -47.33
CA SER A 287 -14.44 -13.32 -48.67
C SER A 287 -13.37 -12.24 -48.75
N ASN A 288 -13.53 -11.16 -47.98
CA ASN A 288 -12.52 -10.11 -47.85
C ASN A 288 -12.18 -9.51 -49.21
N PRO A 289 -13.14 -8.83 -49.85
CA PRO A 289 -12.85 -8.24 -51.16
C PRO A 289 -11.96 -7.00 -51.11
N GLY A 290 -11.91 -6.30 -49.98
CA GLY A 290 -11.06 -5.13 -49.89
C GLY A 290 -9.59 -5.48 -49.98
N HIS A 291 -9.19 -6.60 -49.39
CA HIS A 291 -7.79 -7.01 -49.40
C HIS A 291 -7.39 -7.67 -50.71
N TYR A 292 -8.36 -8.23 -51.45
CA TYR A 292 -8.07 -8.73 -52.79
C TYR A 292 -7.59 -7.61 -53.69
N LEU A 293 -8.31 -6.47 -53.67
CA LEU A 293 -7.91 -5.33 -54.48
C LEU A 293 -6.65 -4.66 -53.95
N GLY A 294 -6.57 -4.49 -52.62
CA GLY A 294 -5.36 -3.92 -52.05
C GLY A 294 -4.12 -4.75 -52.36
N HIS A 295 -4.29 -6.06 -52.49
CA HIS A 295 -3.16 -6.92 -52.84
C HIS A 295 -2.66 -6.62 -54.25
N LEU A 296 -3.59 -6.51 -55.20
CA LEU A 296 -3.19 -6.29 -56.60
C LEU A 296 -2.70 -4.87 -56.83
N ILE A 297 -3.43 -3.87 -56.30
CA ILE A 297 -3.03 -2.48 -56.49
C ILE A 297 -1.70 -2.21 -55.81
N GLY A 298 -1.61 -2.49 -54.51
CA GLY A 298 -0.42 -2.26 -53.73
C GLY A 298 0.70 -3.26 -53.97
N HIS A 299 0.57 -4.10 -55.00
CA HIS A 299 1.61 -5.07 -55.31
C HIS A 299 2.88 -4.36 -55.78
N GLU A 300 4.02 -4.84 -55.30
CA GLU A 300 5.31 -4.27 -55.67
C GLU A 300 6.12 -5.18 -56.59
N GLY A 301 5.53 -6.27 -57.06
CA GLY A 301 6.23 -7.21 -57.89
C GLY A 301 6.33 -6.76 -59.33
N PRO A 302 6.88 -7.63 -60.18
CA PRO A 302 7.05 -7.29 -61.59
C PRO A 302 5.70 -7.04 -62.26
N GLY A 303 5.69 -6.06 -63.17
CA GLY A 303 4.47 -5.68 -63.86
C GLY A 303 3.45 -4.96 -63.02
N SER A 304 3.80 -4.60 -61.79
CA SER A 304 2.85 -3.96 -60.88
C SER A 304 2.75 -2.47 -61.17
N LEU A 305 1.79 -1.82 -60.51
CA LEU A 305 1.63 -0.38 -60.66
C LEU A 305 2.87 0.37 -60.18
N LEU A 306 3.43 -0.05 -59.04
CA LEU A 306 4.61 0.63 -58.51
C LEU A 306 5.79 0.53 -59.47
N SER A 307 5.96 -0.63 -60.10
CA SER A 307 7.14 -0.86 -60.94
C SER A 307 7.26 0.21 -62.03
N GLU A 308 6.14 0.57 -62.67
CA GLU A 308 6.21 1.56 -63.74
C GLU A 308 6.38 2.97 -63.20
N LEU A 309 5.62 3.34 -62.17
CA LEU A 309 5.83 4.62 -61.52
C LEU A 309 7.25 4.76 -61.00
N LYS A 310 7.86 3.65 -60.59
CA LYS A 310 9.26 3.65 -60.22
C LYS A 310 10.14 3.78 -61.45
N SER A 311 9.86 2.99 -62.49
CA SER A 311 10.66 3.02 -63.70
C SER A 311 10.65 4.42 -64.33
N LYS A 312 9.53 5.13 -64.23
CA LYS A 312 9.43 6.49 -64.72
C LYS A 312 10.02 7.51 -63.76
N GLY A 313 10.70 7.06 -62.70
CA GLY A 313 11.37 7.98 -61.80
C GLY A 313 10.45 8.95 -61.11
N TRP A 314 9.20 8.57 -60.90
CA TRP A 314 8.21 9.46 -60.30
C TRP A 314 7.96 9.17 -58.83
N VAL A 315 7.85 7.89 -58.46
CA VAL A 315 7.58 7.50 -57.07
C VAL A 315 8.62 6.46 -56.65
N ASN A 316 8.60 6.16 -55.35
CA ASN A 316 9.52 5.18 -54.78
C ASN A 316 8.78 4.11 -54.00
N THR A 317 7.69 4.50 -53.35
CA THR A 317 6.90 3.58 -52.53
C THR A 317 5.42 3.74 -52.89
N LEU A 318 4.70 2.62 -52.83
CA LEU A 318 3.26 2.63 -53.04
C LEU A 318 2.58 1.75 -52.00
N VAL A 319 1.47 2.24 -51.46
CA VAL A 319 0.70 1.51 -50.46
C VAL A 319 -0.77 1.62 -50.83
N GLY A 320 -1.48 0.50 -50.77
CA GLY A 320 -2.89 0.49 -51.15
C GLY A 320 -3.68 -0.53 -50.36
N GLY A 321 -4.99 -0.29 -50.29
CA GLY A 321 -5.88 -1.15 -49.55
C GLY A 321 -7.00 -0.38 -48.87
N GLN A 322 -7.86 -1.09 -48.15
CA GLN A 322 -8.97 -0.45 -47.45
C GLN A 322 -8.49 0.16 -46.14
N LYS A 323 -9.03 1.34 -45.82
CA LYS A 323 -8.75 2.02 -44.58
C LYS A 323 -10.01 2.02 -43.73
N GLU A 324 -9.87 1.63 -42.47
CA GLU A 324 -11.04 1.41 -41.62
C GLU A 324 -11.75 2.73 -41.32
N GLY A 325 -13.08 2.64 -41.25
CA GLY A 325 -13.89 3.70 -40.71
C GLY A 325 -14.98 3.10 -39.85
N ALA A 326 -15.71 3.97 -39.16
CA ALA A 326 -16.72 3.49 -38.24
C ALA A 326 -17.72 2.59 -38.96
N ARG A 327 -18.56 1.92 -38.17
CA ARG A 327 -19.59 1.05 -38.73
C ARG A 327 -20.45 1.81 -39.73
N GLY A 328 -20.39 1.41 -41.01
CA GLY A 328 -21.19 2.04 -42.04
C GLY A 328 -20.42 2.80 -43.10
N PHE A 329 -19.10 2.84 -43.03
CA PHE A 329 -18.34 3.52 -44.09
C PHE A 329 -16.88 3.12 -44.00
N MET A 330 -16.26 2.97 -45.17
CA MET A 330 -14.84 2.67 -45.28
C MET A 330 -14.24 3.55 -46.36
N PHE A 331 -12.92 3.45 -46.54
CA PHE A 331 -12.22 4.17 -47.58
C PHE A 331 -11.30 3.21 -48.32
N PHE A 332 -10.78 3.69 -49.46
CA PHE A 332 -9.75 2.98 -50.21
C PHE A 332 -8.67 3.99 -50.55
N ILE A 333 -7.46 3.75 -50.05
CA ILE A 333 -6.37 4.71 -50.18
C ILE A 333 -5.30 4.14 -51.10
N ILE A 334 -4.65 5.03 -51.85
CA ILE A 334 -3.43 4.71 -52.57
C ILE A 334 -2.41 5.80 -52.22
N ASN A 335 -1.32 5.39 -51.58
CA ASN A 335 -0.32 6.30 -51.04
C ASN A 335 0.98 6.12 -51.82
N VAL A 336 1.46 7.20 -52.42
CA VAL A 336 2.75 7.21 -53.10
C VAL A 336 3.58 8.38 -52.59
N ASP A 337 4.85 8.12 -52.31
CA ASP A 337 5.79 9.22 -52.14
C ASP A 337 6.12 9.78 -53.52
N LEU A 338 6.65 11.00 -53.54
CA LEU A 338 6.88 11.71 -54.79
C LEU A 338 8.35 12.11 -54.91
N THR A 339 8.97 11.71 -56.02
CA THR A 339 10.27 12.25 -56.37
C THR A 339 10.11 13.70 -56.80
N GLU A 340 11.24 14.35 -57.09
CA GLU A 340 11.18 15.72 -57.59
C GLU A 340 10.34 15.80 -58.87
N GLU A 341 10.54 14.85 -59.79
CA GLU A 341 9.78 14.85 -61.03
C GLU A 341 8.34 14.41 -60.81
N GLY A 342 8.14 13.39 -59.96
CA GLY A 342 6.78 12.93 -59.69
C GLY A 342 5.85 14.03 -59.24
N LEU A 343 6.36 15.01 -58.51
CA LEU A 343 5.52 16.12 -58.06
C LEU A 343 4.92 16.87 -59.24
N LEU A 344 5.65 16.98 -60.34
CA LEU A 344 5.20 17.73 -61.51
C LEU A 344 4.26 16.93 -62.40
N HIS A 345 4.17 15.62 -62.20
CA HIS A 345 3.36 14.74 -63.04
C HIS A 345 2.27 14.04 -62.23
N VAL A 346 1.70 14.73 -61.25
CA VAL A 346 0.67 14.11 -60.42
C VAL A 346 -0.52 13.70 -61.28
N GLU A 347 -0.85 14.53 -62.27
CA GLU A 347 -1.95 14.20 -63.19
C GLU A 347 -1.69 12.85 -63.86
N ASP A 348 -0.46 12.63 -64.34
CA ASP A 348 -0.14 11.38 -65.01
C ASP A 348 -0.06 10.22 -64.03
N ILE A 349 0.47 10.46 -62.83
CA ILE A 349 0.55 9.40 -61.82
C ILE A 349 -0.85 8.86 -61.53
N ILE A 350 -1.81 9.76 -61.29
CA ILE A 350 -3.18 9.33 -60.99
C ILE A 350 -3.78 8.62 -62.19
N LEU A 351 -3.47 9.09 -63.40
CA LEU A 351 -3.90 8.37 -64.60
C LEU A 351 -3.35 6.95 -64.61
N HIS A 352 -2.03 6.81 -64.48
CA HIS A 352 -1.44 5.48 -64.42
C HIS A 352 -2.12 4.61 -63.37
N MET A 353 -2.59 5.22 -62.29
CA MET A 353 -3.34 4.48 -61.29
C MET A 353 -4.62 3.91 -61.88
N PHE A 354 -5.39 4.74 -62.57
CA PHE A 354 -6.66 4.28 -63.15
C PHE A 354 -6.42 3.33 -64.32
N GLN A 355 -5.28 3.46 -65.01
CA GLN A 355 -4.96 2.50 -66.05
C GLN A 355 -4.80 1.10 -65.47
N TYR A 356 -4.12 0.99 -64.32
CA TYR A 356 -3.98 -0.30 -63.66
C TYR A 356 -5.32 -0.81 -63.16
N ILE A 357 -6.12 0.06 -62.55
CA ILE A 357 -7.45 -0.35 -62.10
C ILE A 357 -8.27 -0.85 -63.28
N GLN A 358 -8.22 -0.12 -64.40
CA GLN A 358 -8.91 -0.57 -65.60
C GLN A 358 -8.45 -1.96 -66.02
N LYS A 359 -7.15 -2.24 -65.87
CA LYS A 359 -6.65 -3.59 -66.13
C LYS A 359 -7.35 -4.62 -65.26
N LEU A 360 -7.52 -4.32 -63.97
CA LEU A 360 -8.17 -5.26 -63.07
C LEU A 360 -9.62 -5.48 -63.45
N ARG A 361 -10.27 -4.46 -64.03
CA ARG A 361 -11.65 -4.61 -64.46
C ARG A 361 -11.76 -5.48 -65.71
N ALA A 362 -10.78 -5.37 -66.62
CA ALA A 362 -10.85 -6.11 -67.87
C ALA A 362 -10.54 -7.59 -67.67
N GLU A 363 -9.65 -7.92 -66.73
CA GLU A 363 -9.33 -9.32 -66.44
C GLU A 363 -10.36 -9.97 -65.52
N GLY A 364 -11.08 -9.19 -64.71
CA GLY A 364 -12.08 -9.72 -63.82
C GLY A 364 -11.49 -10.45 -62.64
N PRO A 365 -12.35 -10.88 -61.71
CA PRO A 365 -11.85 -11.61 -60.54
C PRO A 365 -11.12 -12.89 -60.95
N GLN A 366 -10.01 -13.15 -60.28
CA GLN A 366 -9.16 -14.30 -60.56
C GLN A 366 -9.24 -15.28 -59.39
N GLU A 367 -9.88 -16.44 -59.62
CA GLU A 367 -10.04 -17.41 -58.56
C GLU A 367 -8.70 -17.89 -58.03
N TRP A 368 -7.70 -18.01 -58.91
CA TRP A 368 -6.39 -18.50 -58.49
C TRP A 368 -5.70 -17.52 -57.54
N VAL A 369 -5.94 -16.21 -57.72
CA VAL A 369 -5.41 -15.25 -56.76
C VAL A 369 -6.05 -15.47 -55.39
N PHE A 370 -7.38 -15.53 -55.34
CA PHE A 370 -8.07 -15.80 -54.10
C PHE A 370 -7.60 -17.11 -53.47
N GLN A 371 -7.41 -18.15 -54.30
CA GLN A 371 -6.92 -19.42 -53.79
C GLN A 371 -5.52 -19.26 -53.23
N GLU A 372 -4.69 -18.42 -53.84
CA GLU A 372 -3.36 -18.13 -53.31
C GLU A 372 -3.45 -17.40 -51.99
N LEU A 373 -4.29 -16.36 -51.92
CA LEU A 373 -4.45 -15.62 -50.67
C LEU A 373 -5.03 -16.50 -49.57
N LYS A 374 -5.97 -17.37 -49.93
CA LYS A 374 -6.54 -18.29 -48.95
C LYS A 374 -5.49 -19.27 -48.44
N ASP A 375 -4.64 -19.78 -49.33
CA ASP A 375 -3.64 -20.75 -48.91
C ASP A 375 -2.56 -20.09 -48.06
N LEU A 376 -2.17 -18.85 -48.39
CA LEU A 376 -1.17 -18.16 -47.60
C LEU A 376 -1.65 -17.89 -46.19
N ASN A 377 -2.88 -17.36 -46.06
CA ASN A 377 -3.43 -17.10 -44.74
C ASN A 377 -3.58 -18.39 -43.94
N ALA A 378 -4.03 -19.46 -44.59
CA ALA A 378 -4.16 -20.74 -43.90
C ALA A 378 -2.85 -21.17 -43.26
N VAL A 379 -1.73 -21.03 -43.98
CA VAL A 379 -0.43 -21.41 -43.44
C VAL A 379 -0.06 -20.49 -42.29
N ALA A 380 -0.13 -19.17 -42.50
CA ALA A 380 0.26 -18.22 -41.46
C ALA A 380 -0.47 -18.51 -40.16
N PHE A 381 -1.73 -18.93 -40.24
CA PHE A 381 -2.50 -19.21 -39.03
C PHE A 381 -2.07 -20.52 -38.38
N ARG A 382 -1.83 -21.56 -39.18
CA ARG A 382 -1.38 -22.83 -38.62
C ARG A 382 -0.07 -22.64 -37.86
N PHE A 383 0.87 -21.92 -38.45
CA PHE A 383 2.18 -21.67 -37.84
C PHE A 383 2.25 -20.26 -37.26
N LYS A 384 1.16 -19.84 -36.62
CA LYS A 384 1.11 -18.54 -35.98
C LYS A 384 2.03 -18.54 -34.76
N ASP A 385 2.86 -17.51 -34.63
CA ASP A 385 3.73 -17.41 -33.48
C ASP A 385 2.90 -17.17 -32.22
N LYS A 386 3.39 -17.71 -31.10
CA LYS A 386 2.68 -17.55 -29.84
C LYS A 386 2.73 -16.09 -29.41
N GLU A 387 1.57 -15.51 -29.17
CA GLU A 387 1.47 -14.08 -28.91
C GLU A 387 1.76 -13.75 -27.46
N ARG A 388 2.16 -12.51 -27.22
CA ARG A 388 2.31 -12.03 -25.86
C ARG A 388 0.94 -11.92 -25.20
N PRO A 389 0.84 -12.27 -23.91
CA PRO A 389 -0.48 -12.24 -23.27
C PRO A 389 -1.15 -10.88 -23.32
N ARG A 390 -0.39 -9.81 -23.06
CA ARG A 390 -0.98 -8.47 -23.04
C ARG A 390 -1.54 -8.10 -24.42
N GLY A 391 -0.77 -8.36 -25.47
CA GLY A 391 -1.24 -8.04 -26.80
C GLY A 391 -2.33 -9.00 -27.27
N TYR A 392 -2.22 -10.27 -26.92
CA TYR A 392 -3.20 -11.26 -27.35
C TYR A 392 -4.57 -10.97 -26.76
N THR A 393 -4.65 -10.80 -25.44
CA THR A 393 -5.93 -10.54 -24.80
C THR A 393 -6.55 -9.25 -25.33
N SER A 394 -5.74 -8.20 -25.51
CA SER A 394 -6.26 -6.93 -25.97
C SER A 394 -6.84 -7.04 -27.39
N LYS A 395 -6.13 -7.73 -28.28
CA LYS A 395 -6.62 -7.85 -29.66
C LYS A 395 -7.92 -8.64 -29.73
N ILE A 396 -8.01 -9.74 -28.99
CA ILE A 396 -9.21 -10.57 -29.04
C ILE A 396 -10.39 -9.82 -28.44
N ALA A 397 -10.17 -9.09 -27.34
CA ALA A 397 -11.27 -8.36 -26.71
C ALA A 397 -11.93 -7.39 -27.69
N GLY A 398 -11.17 -6.83 -28.62
CA GLY A 398 -11.74 -5.93 -29.59
C GLY A 398 -12.55 -6.62 -30.67
N ILE A 399 -12.12 -7.83 -31.06
CA ILE A 399 -12.77 -8.53 -32.18
C ILE A 399 -13.86 -9.48 -31.72
N LEU A 400 -14.10 -9.60 -30.40
CA LEU A 400 -15.26 -10.35 -29.93
C LEU A 400 -16.57 -9.66 -30.30
N HIS A 401 -16.52 -8.36 -30.63
CA HIS A 401 -17.72 -7.64 -31.01
C HIS A 401 -18.16 -7.94 -32.43
N TYR A 402 -17.24 -8.40 -33.29
CA TYR A 402 -17.49 -8.50 -34.72
C TYR A 402 -17.69 -9.92 -35.24
N TYR A 403 -17.27 -10.93 -34.49
CA TYR A 403 -17.26 -12.30 -34.98
C TYR A 403 -17.89 -13.23 -33.95
N PRO A 404 -18.41 -14.37 -34.39
CA PRO A 404 -18.95 -15.35 -33.44
C PRO A 404 -17.86 -15.86 -32.51
N LEU A 405 -18.27 -16.40 -31.36
CA LEU A 405 -17.31 -16.88 -30.39
C LEU A 405 -16.37 -17.91 -31.00
N GLU A 406 -16.90 -18.79 -31.85
CA GLU A 406 -16.11 -19.91 -32.34
C GLU A 406 -15.06 -19.47 -33.35
N GLU A 407 -15.35 -18.46 -34.15
CA GLU A 407 -14.44 -18.01 -35.20
C GLU A 407 -13.49 -16.91 -34.74
N VAL A 408 -13.60 -16.46 -33.49
CA VAL A 408 -12.85 -15.28 -33.04
C VAL A 408 -11.36 -15.44 -33.37
N LEU A 409 -10.84 -16.65 -33.24
CA LEU A 409 -9.41 -16.86 -33.47
C LEU A 409 -9.07 -16.85 -34.96
N THR A 410 -9.96 -17.41 -35.79
CA THR A 410 -9.70 -17.57 -37.21
C THR A 410 -10.30 -16.48 -38.07
N ALA A 411 -11.30 -15.75 -37.56
CA ALA A 411 -12.07 -14.84 -38.40
C ALA A 411 -11.19 -13.88 -39.19
N GLU A 412 -10.08 -13.44 -38.58
CA GLU A 412 -9.21 -12.47 -39.22
C GLU A 412 -8.13 -13.12 -40.08
N TYR A 413 -8.06 -14.45 -40.10
CA TYR A 413 -7.07 -15.16 -40.92
C TYR A 413 -7.71 -15.92 -42.09
N LEU A 414 -8.53 -16.92 -41.81
CA LEU A 414 -8.96 -17.85 -42.85
C LEU A 414 -10.01 -17.22 -43.76
N LEU A 415 -9.99 -17.66 -45.02
CA LEU A 415 -10.99 -17.28 -46.00
C LEU A 415 -11.80 -18.49 -46.43
N GLU A 416 -13.02 -18.25 -46.88
CA GLU A 416 -13.94 -19.32 -47.26
C GLU A 416 -14.62 -19.03 -48.59
N GLU A 417 -15.30 -17.90 -48.68
CA GLU A 417 -16.10 -17.56 -49.85
C GLU A 417 -15.28 -16.81 -50.89
N PHE A 418 -15.40 -17.23 -52.15
CA PHE A 418 -14.86 -16.49 -53.29
C PHE A 418 -16.03 -15.69 -53.86
N ARG A 419 -16.00 -14.37 -53.68
CA ARG A 419 -17.12 -13.54 -54.09
C ARG A 419 -16.72 -12.60 -55.21
N PRO A 420 -16.73 -13.07 -56.46
CA PRO A 420 -16.40 -12.16 -57.57
C PRO A 420 -17.38 -11.01 -57.72
N ASP A 421 -18.60 -11.15 -57.21
CA ASP A 421 -19.55 -10.04 -57.25
C ASP A 421 -19.10 -8.90 -56.36
N LEU A 422 -18.58 -9.23 -55.17
CA LEU A 422 -18.11 -8.19 -54.26
C LEU A 422 -16.87 -7.51 -54.80
N ILE A 423 -15.99 -8.26 -55.47
CA ILE A 423 -14.80 -7.66 -56.06
C ILE A 423 -15.20 -6.63 -57.11
N GLU A 424 -16.10 -7.00 -58.02
CA GLU A 424 -16.59 -6.05 -59.01
C GLU A 424 -17.34 -4.90 -58.34
N MET A 425 -17.97 -5.14 -57.19
CA MET A 425 -18.70 -4.08 -56.51
C MET A 425 -17.75 -3.03 -55.93
N VAL A 426 -16.68 -3.48 -55.27
CA VAL A 426 -15.69 -2.54 -54.76
C VAL A 426 -14.93 -1.90 -55.90
N LEU A 427 -14.56 -2.70 -56.90
CA LEU A 427 -13.80 -2.20 -58.04
C LEU A 427 -14.58 -1.13 -58.81
N ASP A 428 -15.91 -1.11 -58.69
CA ASP A 428 -16.71 -0.09 -59.35
C ASP A 428 -16.73 1.23 -58.58
N LYS A 429 -16.50 1.19 -57.27
CA LYS A 429 -16.41 2.42 -56.49
C LYS A 429 -15.07 3.13 -56.65
N LEU A 430 -14.09 2.48 -57.29
CA LEU A 430 -12.78 3.10 -57.53
C LEU A 430 -12.81 3.75 -58.91
N ARG A 431 -13.33 4.97 -58.94
CA ARG A 431 -13.53 5.68 -60.20
C ARG A 431 -13.26 7.17 -59.99
N PRO A 432 -12.93 7.89 -61.07
CA PRO A 432 -12.54 9.30 -60.91
C PRO A 432 -13.65 10.20 -60.41
N GLU A 433 -14.92 9.90 -60.74
CA GLU A 433 -16.00 10.73 -60.24
C GLU A 433 -16.26 10.52 -58.75
N ASN A 434 -15.52 9.61 -58.12
CA ASN A 434 -15.66 9.31 -56.71
C ASN A 434 -14.37 9.63 -55.94
N VAL A 435 -13.42 10.32 -56.57
CA VAL A 435 -12.06 10.41 -56.07
C VAL A 435 -11.89 11.63 -55.18
N ARG A 436 -10.90 11.54 -54.28
CA ARG A 436 -10.40 12.65 -53.49
C ARG A 436 -8.89 12.62 -53.54
N VAL A 437 -8.27 13.78 -53.79
CA VAL A 437 -6.83 13.86 -54.02
C VAL A 437 -6.20 14.78 -52.98
N ALA A 438 -5.06 14.35 -52.44
CA ALA A 438 -4.34 15.11 -51.43
C ALA A 438 -2.86 15.13 -51.80
N ILE A 439 -2.30 16.33 -51.89
CA ILE A 439 -0.89 16.53 -52.21
C ILE A 439 -0.22 17.22 -51.04
N VAL A 440 0.93 16.68 -50.60
CA VAL A 440 1.68 17.23 -49.48
C VAL A 440 3.07 17.58 -50.00
N SER A 441 3.39 18.87 -50.02
CA SER A 441 4.70 19.31 -50.44
C SER A 441 4.97 20.69 -49.86
N LYS A 442 6.22 20.90 -49.41
CA LYS A 442 6.64 22.22 -48.96
C LYS A 442 6.50 23.28 -50.05
N SER A 443 6.30 22.86 -51.30
CA SER A 443 6.20 23.81 -52.41
C SER A 443 4.96 24.69 -52.33
N PHE A 444 3.98 24.31 -51.53
CA PHE A 444 2.78 25.12 -51.32
C PHE A 444 2.95 26.16 -50.23
N GLU A 445 4.17 26.38 -49.76
CA GLU A 445 4.42 27.37 -48.71
C GLU A 445 3.97 28.74 -49.20
N GLY A 446 3.05 29.36 -48.45
CA GLY A 446 2.56 30.68 -48.78
C GLY A 446 1.41 30.72 -49.75
N LYS A 447 1.15 29.63 -50.47
CA LYS A 447 0.08 29.58 -51.46
C LYS A 447 -1.23 29.04 -50.88
N THR A 448 -1.29 28.79 -49.58
CA THR A 448 -2.49 28.26 -48.94
C THR A 448 -3.38 29.40 -48.48
N ASP A 449 -4.69 29.13 -48.46
CA ASP A 449 -5.68 30.12 -48.04
C ASP A 449 -6.55 29.66 -46.88
N ARG A 450 -6.37 28.43 -46.40
CA ARG A 450 -7.18 27.90 -45.31
C ARG A 450 -6.27 27.35 -44.21
N THR A 451 -6.83 27.26 -43.01
CA THR A 451 -6.11 26.71 -41.86
C THR A 451 -7.04 25.78 -41.10
N GLU A 452 -6.49 24.67 -40.63
CA GLU A 452 -7.22 23.73 -39.80
C GLU A 452 -7.11 24.15 -38.34
N GLU A 453 -8.25 24.27 -37.66
CA GLU A 453 -8.27 24.96 -36.38
C GLU A 453 -7.57 24.16 -35.27
N TRP A 454 -7.54 22.84 -35.38
CA TRP A 454 -7.05 22.03 -34.27
C TRP A 454 -5.53 21.87 -34.28
N TYR A 455 -4.95 21.56 -35.43
CA TYR A 455 -3.51 21.35 -35.54
C TYR A 455 -2.78 22.50 -36.22
N GLY A 456 -3.50 23.43 -36.83
CA GLY A 456 -2.87 24.53 -37.54
C GLY A 456 -2.48 24.25 -38.96
N THR A 457 -2.89 23.10 -39.51
CA THR A 457 -2.44 22.69 -40.84
C THR A 457 -2.75 23.77 -41.88
N GLN A 458 -1.74 24.12 -42.67
CA GLN A 458 -1.93 25.03 -43.80
C GLN A 458 -2.31 24.21 -45.03
N TYR A 459 -3.41 24.59 -45.68
CA TYR A 459 -3.83 23.86 -46.86
C TYR A 459 -4.66 24.78 -47.75
N LYS A 460 -4.87 24.31 -48.98
CA LYS A 460 -5.67 25.01 -49.98
C LYS A 460 -6.56 23.98 -50.67
N GLN A 461 -7.84 24.31 -50.82
CA GLN A 461 -8.81 23.41 -51.40
C GLN A 461 -9.17 23.87 -52.81
N GLU A 462 -9.04 22.96 -53.78
CA GLU A 462 -9.37 23.22 -55.17
C GLU A 462 -10.24 22.09 -55.69
N ALA A 463 -11.21 22.44 -56.54
CA ALA A 463 -12.01 21.44 -57.22
C ALA A 463 -11.23 20.87 -58.39
N ILE A 464 -11.33 19.56 -58.59
CA ILE A 464 -10.62 18.88 -59.67
C ILE A 464 -11.29 19.24 -60.98
N PRO A 465 -10.58 19.82 -61.94
CA PRO A 465 -11.23 20.24 -63.18
C PRO A 465 -11.88 19.07 -63.90
N ASP A 466 -13.10 19.30 -64.39
CA ASP A 466 -13.81 18.27 -65.15
C ASP A 466 -12.96 17.77 -66.32
N GLU A 467 -12.19 18.67 -66.93
CA GLU A 467 -11.30 18.27 -68.02
C GLU A 467 -10.36 17.16 -67.57
N VAL A 468 -9.83 17.26 -66.35
CA VAL A 468 -8.91 16.26 -65.84
C VAL A 468 -9.64 14.96 -65.53
N ILE A 469 -10.85 15.06 -65.00
CA ILE A 469 -11.62 13.85 -64.68
C ILE A 469 -11.85 13.01 -65.92
N LYS A 470 -12.21 13.66 -67.03
CA LYS A 470 -12.46 12.92 -68.27
C LYS A 470 -11.22 12.16 -68.72
N LYS A 471 -10.05 12.80 -68.62
CA LYS A 471 -8.81 12.11 -68.96
C LYS A 471 -8.66 10.84 -68.14
N TRP A 472 -8.92 10.93 -66.83
CA TRP A 472 -8.81 9.76 -65.96
C TRP A 472 -9.84 8.70 -66.31
N GLN A 473 -11.09 9.12 -66.59
CA GLN A 473 -12.13 8.15 -66.92
C GLN A 473 -11.77 7.35 -68.17
N ASN A 474 -11.45 8.05 -69.26
CA ASN A 474 -11.05 7.39 -70.49
C ASN A 474 -9.64 6.84 -70.35
N ALA A 475 -9.44 5.92 -69.41
CA ALA A 475 -8.13 5.38 -69.11
C ALA A 475 -7.82 4.25 -70.08
N ASP A 476 -6.97 4.53 -71.08
CA ASP A 476 -6.50 3.47 -71.95
C ASP A 476 -5.80 2.39 -71.13
N LEU A 477 -5.64 1.21 -71.74
CA LEU A 477 -4.89 0.15 -71.10
C LEU A 477 -3.40 0.32 -71.37
N ASN A 478 -2.61 0.36 -70.30
CA ASN A 478 -1.16 0.48 -70.40
C ASN A 478 -0.56 -0.92 -70.51
N GLY A 479 0.25 -1.13 -71.54
CA GLY A 479 0.88 -2.42 -71.76
C GLY A 479 1.94 -2.79 -70.74
N LYS A 480 2.28 -1.88 -69.83
CA LYS A 480 3.26 -2.14 -68.79
C LYS A 480 2.64 -2.76 -67.54
N PHE A 481 1.32 -2.90 -67.49
CA PHE A 481 0.62 -3.41 -66.32
C PHE A 481 0.11 -4.82 -66.61
N LYS A 482 0.83 -5.82 -66.10
CA LYS A 482 0.43 -7.22 -66.17
C LYS A 482 0.06 -7.71 -64.79
N LEU A 483 -0.86 -8.68 -64.74
CA LEU A 483 -1.20 -9.28 -63.46
C LEU A 483 -0.01 -10.06 -62.90
N PRO A 484 0.16 -10.09 -61.58
CA PRO A 484 1.24 -10.88 -61.00
C PRO A 484 1.09 -12.36 -61.36
N THR A 485 2.20 -13.08 -61.25
CA THR A 485 2.26 -14.49 -61.56
C THR A 485 2.32 -15.31 -60.28
N LYS A 486 2.20 -16.62 -60.42
CA LYS A 486 2.22 -17.51 -59.27
C LYS A 486 3.44 -17.23 -58.41
N ASN A 487 3.20 -17.00 -57.12
CA ASN A 487 4.28 -16.74 -56.17
C ASN A 487 5.12 -18.01 -56.00
N GLU A 488 6.36 -17.98 -56.48
CA GLU A 488 7.24 -19.14 -56.41
C GLU A 488 7.88 -19.33 -55.05
N PHE A 489 7.72 -18.37 -54.14
CA PHE A 489 8.29 -18.45 -52.80
C PHE A 489 7.35 -19.08 -51.79
N ILE A 490 6.16 -19.50 -52.22
CA ILE A 490 5.24 -20.19 -51.30
C ILE A 490 5.94 -21.42 -50.74
N PRO A 491 5.96 -21.61 -49.42
CA PRO A 491 6.64 -22.79 -48.86
C PRO A 491 5.82 -24.05 -49.02
N THR A 492 6.53 -25.17 -49.19
CA THR A 492 5.91 -26.48 -49.30
C THR A 492 6.39 -27.47 -48.27
N ASN A 493 7.61 -27.31 -47.74
CA ASN A 493 8.21 -28.24 -46.80
C ASN A 493 8.12 -27.65 -45.40
N PHE A 494 7.09 -28.04 -44.65
CA PHE A 494 6.92 -27.61 -43.27
C PHE A 494 7.43 -28.64 -42.27
N GLU A 495 8.25 -29.58 -42.71
CA GLU A 495 8.67 -30.68 -41.86
C GLU A 495 9.60 -30.18 -40.77
N ILE A 496 9.27 -30.50 -39.53
CA ILE A 496 10.11 -30.15 -38.39
C ILE A 496 11.27 -31.14 -38.32
N LEU A 497 12.48 -30.64 -38.52
CA LEU A 497 13.65 -31.53 -38.53
C LEU A 497 13.85 -32.13 -37.15
N PRO A 498 14.23 -33.41 -37.07
CA PRO A 498 14.40 -34.05 -35.76
C PRO A 498 15.55 -33.43 -34.99
N LEU A 499 15.39 -33.42 -33.67
CA LEU A 499 16.36 -32.77 -32.79
C LEU A 499 17.61 -33.63 -32.71
N GLU A 500 18.75 -33.07 -33.13
CA GLU A 500 20.00 -33.82 -33.13
C GLU A 500 20.36 -34.25 -31.72
N LYS A 501 21.11 -35.35 -31.63
CA LYS A 501 21.50 -35.88 -30.33
C LYS A 501 22.43 -34.91 -29.61
N GLU A 502 23.47 -34.45 -30.29
CA GLU A 502 24.44 -33.51 -29.73
C GLU A 502 23.91 -32.09 -29.65
N ALA A 503 22.58 -31.91 -29.71
CA ALA A 503 22.01 -30.58 -29.64
C ALA A 503 22.27 -29.94 -28.27
N THR A 504 22.21 -28.62 -28.24
CA THR A 504 22.48 -27.83 -27.04
C THR A 504 21.28 -26.96 -26.67
N PRO A 505 21.24 -26.49 -25.42
CA PRO A 505 20.17 -25.56 -25.02
C PRO A 505 20.48 -24.12 -25.39
N TYR A 506 21.76 -23.78 -25.44
CA TYR A 506 22.22 -22.44 -25.81
C TYR A 506 23.01 -22.48 -27.11
N PRO A 507 23.13 -21.35 -27.81
CA PRO A 507 23.86 -21.33 -29.08
C PRO A 507 25.30 -21.80 -28.89
N ALA A 508 25.75 -22.66 -29.79
CA ALA A 508 27.10 -23.19 -29.77
C ALA A 508 27.93 -22.53 -30.86
N LEU A 509 29.22 -22.33 -30.57
CA LEU A 509 30.15 -21.73 -31.53
C LEU A 509 30.70 -22.87 -32.39
N ILE A 510 30.10 -23.06 -33.57
CA ILE A 510 30.44 -24.18 -34.44
C ILE A 510 31.41 -23.77 -35.53
N LYS A 511 31.93 -22.55 -35.48
CA LYS A 511 32.91 -22.11 -36.47
C LYS A 511 33.56 -20.84 -35.94
N ASP A 512 34.90 -20.84 -35.89
CA ASP A 512 35.69 -19.71 -35.39
C ASP A 512 36.92 -19.60 -36.29
N THR A 513 36.72 -19.06 -37.49
CA THR A 513 37.78 -18.89 -38.46
C THR A 513 38.23 -17.43 -38.47
N ALA A 514 39.24 -17.14 -39.28
CA ALA A 514 39.72 -15.76 -39.39
C ALA A 514 38.69 -14.84 -40.01
N MET A 515 37.74 -15.37 -40.80
CA MET A 515 36.74 -14.56 -41.46
C MET A 515 35.34 -14.74 -40.89
N SER A 516 34.97 -15.93 -40.44
CA SER A 516 33.64 -16.21 -39.94
C SER A 516 33.68 -16.61 -38.47
N LYS A 517 32.51 -16.49 -37.82
CA LYS A 517 32.33 -16.96 -36.45
C LYS A 517 30.84 -17.27 -36.31
N LEU A 518 30.49 -18.55 -36.33
CA LEU A 518 29.12 -18.99 -36.52
C LEU A 518 28.53 -19.51 -35.21
N TRP A 519 27.45 -18.88 -34.76
CA TRP A 519 26.68 -19.33 -33.62
C TRP A 519 25.45 -20.09 -34.10
N PHE A 520 25.20 -21.24 -33.49
CA PHE A 520 24.14 -22.13 -33.97
C PHE A 520 23.36 -22.69 -32.78
N LYS A 521 22.04 -22.73 -32.94
CA LYS A 521 21.18 -23.47 -32.03
C LYS A 521 19.96 -23.96 -32.81
N GLN A 522 19.72 -25.26 -32.78
CA GLN A 522 18.51 -25.82 -33.36
C GLN A 522 17.35 -25.65 -32.38
N ASP A 523 16.23 -25.12 -32.86
CA ASP A 523 15.10 -24.82 -31.99
C ASP A 523 14.60 -26.07 -31.28
N ASP A 524 14.48 -25.97 -29.95
CA ASP A 524 13.99 -27.07 -29.12
C ASP A 524 12.76 -26.68 -28.33
N LYS A 525 12.08 -25.60 -28.70
CA LYS A 525 10.98 -25.07 -27.90
C LYS A 525 9.69 -24.89 -28.67
N PHE A 526 9.76 -24.45 -29.93
CA PHE A 526 8.58 -24.03 -30.68
C PHE A 526 8.16 -24.99 -31.77
N PHE A 527 9.12 -25.61 -32.47
CA PHE A 527 8.82 -26.61 -33.50
C PHE A 527 7.91 -26.04 -34.59
N LEU A 528 8.32 -24.92 -35.16
CA LEU A 528 7.67 -24.38 -36.33
C LEU A 528 8.64 -24.35 -37.51
N PRO A 529 8.14 -24.48 -38.73
CA PRO A 529 9.03 -24.50 -39.90
C PRO A 529 9.60 -23.13 -40.21
N LYS A 530 10.32 -22.54 -39.26
CA LYS A 530 10.85 -21.20 -39.42
C LYS A 530 12.30 -21.18 -38.96
N ALA A 531 13.03 -20.16 -39.40
CA ALA A 531 14.43 -20.01 -39.02
C ALA A 531 14.79 -18.53 -39.07
N ASN A 532 15.74 -18.15 -38.23
CA ASN A 532 16.27 -16.79 -38.19
C ASN A 532 17.75 -16.82 -38.53
N LEU A 533 18.14 -16.02 -39.51
CA LEU A 533 19.53 -15.97 -39.98
C LEU A 533 20.02 -14.53 -39.79
N ASN A 534 20.84 -14.32 -38.76
CA ASN A 534 21.38 -13.01 -38.44
C ASN A 534 22.86 -12.95 -38.78
N PHE A 535 23.27 -11.89 -39.45
CA PHE A 535 24.65 -11.69 -39.88
C PHE A 535 25.10 -10.29 -39.50
N GLU A 536 26.27 -10.18 -38.88
CA GLU A 536 26.93 -8.91 -38.64
C GLU A 536 28.19 -8.89 -39.48
N PHE A 537 28.26 -7.94 -40.42
CA PHE A 537 29.44 -7.74 -41.26
C PHE A 537 30.28 -6.62 -40.67
N PHE A 538 31.51 -6.94 -40.28
CA PHE A 538 32.43 -5.96 -39.71
C PHE A 538 33.35 -5.46 -40.82
N SER A 539 33.36 -4.14 -41.02
CA SER A 539 34.32 -3.49 -41.89
C SER A 539 34.58 -2.12 -41.26
N PRO A 540 35.85 -1.76 -41.03
CA PRO A 540 36.14 -0.43 -40.48
C PRO A 540 35.83 0.71 -41.42
N PHE A 541 35.44 0.42 -42.66
CA PHE A 541 35.18 1.44 -43.67
C PHE A 541 33.72 1.85 -43.75
N ALA A 542 32.86 1.33 -42.87
CA ALA A 542 31.45 1.71 -42.86
C ALA A 542 31.19 2.93 -41.98
N TYR A 543 32.15 3.29 -41.11
CA TYR A 543 31.97 4.44 -40.23
C TYR A 543 33.27 5.20 -40.01
N VAL A 544 34.27 5.02 -40.89
CA VAL A 544 35.58 5.64 -40.68
C VAL A 544 35.47 7.16 -40.69
N ASP A 545 34.58 7.71 -41.51
CA ASP A 545 34.35 9.14 -41.56
C ASP A 545 32.96 9.38 -42.10
N PRO A 546 32.46 10.62 -42.02
CA PRO A 546 31.09 10.88 -42.51
C PRO A 546 30.86 10.44 -43.95
N LEU A 547 31.78 10.80 -44.85
CA LEU A 547 31.62 10.46 -46.26
C LEU A 547 31.36 8.97 -46.45
N HIS A 548 32.11 8.12 -45.76
CA HIS A 548 31.93 6.67 -45.93
C HIS A 548 30.66 6.18 -45.27
N SER A 549 30.23 6.81 -44.18
CA SER A 549 28.97 6.42 -43.55
C SER A 549 27.80 6.61 -44.50
N ASN A 550 27.75 7.75 -45.20
CA ASN A 550 26.68 7.98 -46.15
C ASN A 550 26.68 6.92 -47.25
N MET A 551 27.87 6.63 -47.81
CA MET A 551 27.96 5.63 -48.87
C MET A 551 27.61 4.24 -48.38
N ALA A 552 27.96 3.93 -47.13
CA ALA A 552 27.48 2.68 -46.54
C ALA A 552 25.96 2.61 -46.59
N TYR A 553 25.30 3.67 -46.13
CA TYR A 553 23.84 3.71 -46.18
C TYR A 553 23.34 3.62 -47.62
N LEU A 554 23.84 4.49 -48.50
CA LEU A 554 23.37 4.52 -49.87
C LEU A 554 23.61 3.19 -50.58
N TYR A 555 24.76 2.55 -50.31
CA TYR A 555 25.04 1.26 -50.90
C TYR A 555 23.91 0.27 -50.64
N LEU A 556 23.47 0.19 -49.37
CA LEU A 556 22.42 -0.77 -49.03
C LEU A 556 21.05 -0.29 -49.49
N GLU A 557 20.76 1.00 -49.37
CA GLU A 557 19.46 1.49 -49.81
C GLU A 557 19.28 1.31 -51.31
N LEU A 558 20.36 1.43 -52.08
CA LEU A 558 20.30 1.11 -53.50
C LEU A 558 20.14 -0.39 -53.71
N LEU A 559 20.87 -1.20 -52.94
CA LEU A 559 20.78 -2.65 -53.08
C LEU A 559 19.37 -3.15 -52.77
N LYS A 560 18.79 -2.70 -51.66
CA LYS A 560 17.44 -3.11 -51.30
C LYS A 560 16.43 -2.66 -52.34
N ASP A 561 16.60 -1.44 -52.88
CA ASP A 561 15.71 -0.95 -53.92
C ASP A 561 15.73 -1.89 -55.13
N SER A 562 16.92 -2.41 -55.47
CA SER A 562 17.02 -3.31 -56.62
C SER A 562 16.28 -4.62 -56.39
N LEU A 563 16.38 -5.17 -55.18
CA LEU A 563 15.81 -6.48 -54.88
C LEU A 563 14.30 -6.43 -54.61
N ASN A 564 13.72 -5.25 -54.42
CA ASN A 564 12.34 -5.17 -53.96
C ASN A 564 11.40 -5.98 -54.86
N GLU A 565 11.50 -5.78 -56.18
CA GLU A 565 10.64 -6.55 -57.09
C GLU A 565 10.76 -8.04 -56.85
N TYR A 566 11.99 -8.54 -56.80
CA TYR A 566 12.20 -9.98 -56.57
C TYR A 566 11.73 -10.39 -55.19
N ALA A 567 12.15 -9.64 -54.16
CA ALA A 567 11.93 -10.07 -52.78
C ALA A 567 10.49 -9.90 -52.31
N TYR A 568 9.70 -9.05 -52.98
CA TYR A 568 8.34 -8.80 -52.50
C TYR A 568 7.53 -10.08 -52.44
N ALA A 569 7.70 -10.96 -53.43
CA ALA A 569 7.01 -12.25 -53.40
C ALA A 569 7.36 -13.03 -52.13
N ALA A 570 8.65 -13.07 -51.79
CA ALA A 570 9.07 -13.76 -50.58
C ALA A 570 8.41 -13.16 -49.34
N GLU A 571 8.41 -11.83 -49.22
CA GLU A 571 7.79 -11.18 -48.08
C GLU A 571 6.37 -11.68 -47.88
N LEU A 572 5.59 -11.74 -48.95
CA LEU A 572 4.22 -12.25 -48.84
C LEU A 572 4.21 -13.69 -48.33
N ALA A 573 5.20 -14.48 -48.71
CA ALA A 573 5.24 -15.89 -48.35
C ALA A 573 5.85 -16.11 -46.97
N GLY A 574 5.65 -15.14 -46.07
CA GLY A 574 6.19 -15.28 -44.72
C GLY A 574 7.70 -15.46 -44.69
N LEU A 575 8.41 -14.75 -45.57
CA LEU A 575 9.86 -14.90 -45.68
C LEU A 575 10.42 -13.51 -46.00
N SER A 576 10.86 -12.81 -44.95
CA SER A 576 11.32 -11.43 -45.07
C SER A 576 12.81 -11.34 -44.76
N TYR A 577 13.40 -10.21 -45.13
CA TYR A 577 14.81 -9.96 -44.89
C TYR A 577 14.99 -8.50 -44.48
N ASP A 578 15.90 -8.27 -43.55
CA ASP A 578 16.24 -6.92 -43.09
C ASP A 578 17.71 -6.66 -43.38
N LEU A 579 18.00 -5.50 -43.95
CA LEU A 579 19.35 -5.17 -44.38
C LEU A 579 19.59 -3.69 -44.12
N GLN A 580 20.64 -3.36 -43.38
CA GLN A 580 20.93 -1.97 -43.06
C GLN A 580 22.36 -1.85 -42.54
N ASN A 581 22.88 -0.63 -42.62
CA ASN A 581 24.24 -0.35 -42.18
C ASN A 581 24.29 -0.09 -40.68
N THR A 582 25.44 -0.36 -40.08
CA THR A 582 25.71 -0.07 -38.68
C THR A 582 26.98 0.78 -38.58
N ILE A 583 27.34 1.14 -37.34
CA ILE A 583 28.60 1.85 -37.11
C ILE A 583 29.79 0.91 -37.15
N TYR A 584 29.55 -0.40 -37.26
CA TYR A 584 30.61 -1.39 -37.35
C TYR A 584 30.61 -2.12 -38.68
N GLY A 585 29.66 -1.83 -39.56
CA GLY A 585 29.55 -2.50 -40.84
C GLY A 585 28.12 -2.63 -41.32
N MET A 586 27.69 -3.85 -41.61
CA MET A 586 26.34 -4.11 -42.10
C MET A 586 25.68 -5.17 -41.24
N TYR A 587 24.35 -5.19 -41.28
CA TYR A 587 23.54 -6.14 -40.54
C TYR A 587 22.48 -6.70 -41.48
N LEU A 588 22.48 -8.03 -41.63
CA LEU A 588 21.53 -8.71 -42.50
C LEU A 588 20.78 -9.75 -41.69
N SER A 589 19.46 -9.69 -41.71
CA SER A 589 18.60 -10.60 -40.99
C SER A 589 17.60 -11.22 -41.94
N VAL A 590 17.38 -12.53 -41.81
CA VAL A 590 16.47 -13.26 -42.67
C VAL A 590 15.64 -14.17 -41.77
N LYS A 591 14.35 -13.88 -41.64
CA LYS A 591 13.44 -14.63 -40.79
C LYS A 591 12.27 -15.14 -41.63
N GLY A 592 11.71 -16.27 -41.21
CA GLY A 592 10.52 -16.80 -41.85
C GLY A 592 10.65 -18.29 -42.09
N TYR A 593 9.79 -18.79 -42.98
CA TYR A 593 9.75 -20.21 -43.30
C TYR A 593 11.07 -20.66 -43.89
N ASN A 594 11.65 -21.70 -43.29
CA ASN A 594 13.00 -22.16 -43.63
C ASN A 594 13.09 -22.81 -45.00
N ASP A 595 11.96 -23.03 -45.68
CA ASP A 595 11.97 -23.81 -46.91
C ASP A 595 12.75 -23.07 -48.00
N LYS A 596 12.25 -21.91 -48.44
CA LYS A 596 12.86 -21.14 -49.50
C LYS A 596 13.94 -20.18 -48.99
N GLN A 597 14.45 -20.39 -47.78
CA GLN A 597 15.34 -19.41 -47.17
C GLN A 597 16.69 -19.33 -47.86
N PRO A 598 17.42 -20.44 -48.08
CA PRO A 598 18.74 -20.33 -48.71
C PRO A 598 18.69 -19.77 -50.12
N ILE A 599 17.55 -19.88 -50.81
CA ILE A 599 17.45 -19.32 -52.16
C ILE A 599 17.45 -17.81 -52.10
N LEU A 600 16.75 -17.22 -51.12
CA LEU A 600 16.72 -15.77 -50.99
C LEU A 600 18.06 -15.23 -50.48
N LEU A 601 18.67 -15.94 -49.53
CA LEU A 601 19.94 -15.46 -48.97
C LEU A 601 21.03 -15.41 -50.03
N LYS A 602 21.06 -16.40 -50.94
CA LYS A 602 22.04 -16.39 -52.00
C LYS A 602 21.85 -15.17 -52.91
N LYS A 603 20.59 -14.89 -53.29
CA LYS A 603 20.34 -13.77 -54.18
C LYS A 603 20.74 -12.44 -53.54
N ILE A 604 20.66 -12.36 -52.21
CA ILE A 604 21.08 -11.14 -51.53
C ILE A 604 22.60 -11.01 -51.57
N ILE A 605 23.32 -12.06 -51.18
CA ILE A 605 24.78 -11.98 -51.12
C ILE A 605 25.37 -11.84 -52.52
N GLU A 606 24.79 -12.55 -53.50
CA GLU A 606 25.21 -12.35 -54.88
C GLU A 606 25.02 -10.89 -55.29
N LYS A 607 23.82 -10.34 -55.04
CA LYS A 607 23.56 -8.96 -55.41
C LYS A 607 24.49 -8.01 -54.66
N MET A 608 24.88 -8.35 -53.43
CA MET A 608 25.84 -7.53 -52.69
C MET A 608 27.15 -7.39 -53.46
N ALA A 609 27.80 -8.51 -53.74
CA ALA A 609 29.15 -8.49 -54.30
C ALA A 609 29.19 -8.15 -55.79
N THR A 610 28.07 -8.29 -56.50
CA THR A 610 28.00 -8.05 -57.93
C THR A 610 27.01 -6.93 -58.26
N PHE A 611 27.01 -5.89 -57.43
CA PHE A 611 26.02 -4.83 -57.56
C PHE A 611 26.40 -3.85 -58.65
N GLU A 612 25.41 -3.47 -59.46
CA GLU A 612 25.58 -2.44 -60.49
C GLU A 612 24.58 -1.33 -60.22
N ILE A 613 25.06 -0.09 -60.17
CA ILE A 613 24.26 1.03 -59.72
C ILE A 613 23.59 1.69 -60.92
N ASP A 614 22.27 1.88 -60.84
CA ASP A 614 21.53 2.69 -61.78
C ASP A 614 21.74 4.16 -61.41
N GLU A 615 22.29 4.96 -62.32
CA GLU A 615 22.59 6.34 -61.98
C GLU A 615 21.33 7.12 -61.64
N LYS A 616 20.23 6.85 -62.36
CA LYS A 616 19.00 7.58 -62.08
C LYS A 616 18.47 7.26 -60.68
N ARG A 617 18.58 6.00 -60.27
CA ARG A 617 18.14 5.63 -58.92
C ARG A 617 19.05 6.22 -57.86
N PHE A 618 20.37 6.22 -58.12
CA PHE A 618 21.32 6.82 -57.19
C PHE A 618 20.93 8.24 -56.83
N GLU A 619 20.71 9.09 -57.84
CA GLU A 619 20.44 10.50 -57.58
C GLU A 619 19.09 10.69 -56.87
N ILE A 620 18.16 9.76 -57.03
CA ILE A 620 16.86 9.91 -56.38
C ILE A 620 16.94 9.53 -54.91
N ILE A 621 17.64 8.44 -54.60
CA ILE A 621 17.80 8.02 -53.21
C ILE A 621 18.71 8.99 -52.47
N LYS A 622 19.75 9.47 -53.15
CA LYS A 622 20.67 10.42 -52.53
C LYS A 622 19.95 11.67 -52.07
N GLU A 623 18.98 12.13 -52.86
CA GLU A 623 18.16 13.27 -52.46
C GLU A 623 17.26 12.92 -51.27
N ALA A 624 16.44 11.89 -51.43
CA ALA A 624 15.54 11.49 -50.35
C ALA A 624 16.30 11.27 -49.04
N TYR A 625 17.52 10.75 -49.12
CA TYR A 625 18.32 10.55 -47.92
C TYR A 625 18.67 11.88 -47.26
N MET A 626 18.93 12.92 -48.06
CA MET A 626 19.30 14.19 -47.45
C MET A 626 18.09 14.81 -46.73
N ARG A 627 16.90 14.71 -47.32
CA ARG A 627 15.70 15.16 -46.64
C ARG A 627 15.51 14.39 -45.34
N SER A 628 15.76 13.08 -45.36
CA SER A 628 15.64 12.28 -44.15
C SER A 628 16.58 12.78 -43.06
N LEU A 629 17.71 13.37 -43.46
CA LEU A 629 18.64 13.96 -42.49
C LEU A 629 18.13 15.30 -41.98
N ASN A 630 17.75 16.20 -42.90
CA ASN A 630 17.17 17.47 -42.50
C ASN A 630 15.93 17.27 -41.64
N ASN A 631 15.06 16.33 -42.03
CA ASN A 631 13.82 16.13 -41.31
C ASN A 631 14.03 15.70 -39.87
N PHE A 632 15.29 15.45 -39.47
CA PHE A 632 15.56 15.14 -38.07
C PHE A 632 15.30 16.34 -37.17
N ARG A 633 15.39 17.55 -37.72
CA ARG A 633 15.12 18.75 -36.92
C ARG A 633 13.68 18.81 -36.43
N ALA A 634 12.79 17.99 -36.99
CA ALA A 634 11.38 17.98 -36.61
C ALA A 634 11.03 16.79 -35.73
N GLU A 635 12.01 16.16 -35.10
CA GLU A 635 11.74 15.06 -34.19
C GLU A 635 11.41 15.59 -32.79
N GLN A 636 10.85 14.70 -31.97
CA GLN A 636 10.40 15.10 -30.65
C GLN A 636 11.58 15.66 -29.85
N PRO A 637 11.37 16.67 -29.02
CA PRO A 637 12.49 17.24 -28.25
C PRO A 637 13.23 16.19 -27.42
N HIS A 638 12.51 15.23 -26.84
CA HIS A 638 13.18 14.20 -26.04
C HIS A 638 14.02 13.28 -26.91
N GLN A 639 13.63 13.09 -28.17
CA GLN A 639 14.47 12.31 -29.07
C GLN A 639 15.73 13.08 -29.45
N HIS A 640 15.65 14.41 -29.50
CA HIS A 640 16.86 15.21 -29.65
C HIS A 640 17.79 14.97 -28.47
N ALA A 641 17.26 15.03 -27.25
CA ALA A 641 18.07 14.80 -26.06
C ALA A 641 18.72 13.43 -26.10
N MET A 642 17.95 12.39 -26.44
CA MET A 642 18.51 11.06 -26.54
C MET A 642 19.58 10.98 -27.63
N TYR A 643 19.29 11.59 -28.79
CA TYR A 643 20.27 11.64 -29.87
C TYR A 643 21.56 12.30 -29.41
N TYR A 644 21.46 13.50 -28.84
CA TYR A 644 22.65 14.25 -28.43
C TYR A 644 23.47 13.47 -27.42
N LEU A 645 22.82 12.88 -26.41
CA LEU A 645 23.56 12.14 -25.39
C LEU A 645 24.34 10.99 -26.01
N ARG A 646 23.74 10.30 -26.99
CA ARG A 646 24.46 9.25 -27.69
C ARG A 646 25.75 9.79 -28.32
N LEU A 647 25.67 11.00 -28.90
CA LEU A 647 26.85 11.62 -29.49
C LEU A 647 27.91 11.92 -28.43
N LEU A 648 27.48 12.39 -27.26
CA LEU A 648 28.43 12.84 -26.23
C LEU A 648 29.22 11.68 -25.64
N MET A 649 28.58 10.53 -25.46
CA MET A 649 29.16 9.43 -24.68
C MET A 649 29.79 8.33 -25.53
N THR A 650 29.80 8.46 -26.85
CA THR A 650 30.37 7.45 -27.73
C THR A 650 31.70 7.93 -28.30
N GLU A 651 32.67 7.02 -28.32
CA GLU A 651 34.03 7.37 -28.73
C GLU A 651 34.05 8.07 -30.08
N VAL A 652 33.49 7.42 -31.10
CA VAL A 652 33.38 7.99 -32.44
C VAL A 652 31.91 7.97 -32.84
N ALA A 653 31.42 9.11 -33.34
CA ALA A 653 30.03 9.23 -33.74
C ALA A 653 29.80 10.51 -34.51
N TRP A 654 29.17 10.41 -35.68
CA TRP A 654 29.00 11.54 -36.59
C TRP A 654 27.62 12.15 -36.40
N THR A 655 27.57 13.48 -36.31
CA THR A 655 26.30 14.17 -36.19
C THR A 655 25.55 14.17 -37.52
N LYS A 656 24.24 14.42 -37.45
CA LYS A 656 23.47 14.58 -38.68
C LYS A 656 24.02 15.70 -39.54
N ASP A 657 24.42 16.80 -38.91
CA ASP A 657 24.95 17.94 -39.66
C ASP A 657 26.25 17.56 -40.38
N GLU A 658 27.11 16.79 -39.71
CA GLU A 658 28.36 16.36 -40.34
C GLU A 658 28.09 15.46 -41.54
N LEU A 659 27.15 14.52 -41.41
CA LEU A 659 26.79 13.66 -42.52
C LEU A 659 26.18 14.45 -43.66
N LYS A 660 25.27 15.39 -43.34
CA LYS A 660 24.57 16.13 -44.36
C LYS A 660 25.54 16.93 -45.22
N GLU A 661 26.60 17.46 -44.60
CA GLU A 661 27.60 18.23 -45.33
C GLU A 661 28.40 17.34 -46.28
N ALA A 662 28.84 16.17 -45.79
CA ALA A 662 29.62 15.26 -46.61
C ALA A 662 28.80 14.56 -47.68
N LEU A 663 27.48 14.67 -47.64
CA LEU A 663 26.65 13.97 -48.62
C LEU A 663 26.78 14.56 -50.02
N ASP A 664 27.05 15.87 -50.12
CA ASP A 664 27.20 16.47 -51.45
C ASP A 664 28.42 15.92 -52.18
N ASP A 665 29.44 15.48 -51.45
CA ASP A 665 30.66 14.97 -52.06
C ASP A 665 30.54 13.53 -52.52
N VAL A 666 29.35 12.93 -52.42
CA VAL A 666 29.15 11.53 -52.78
C VAL A 666 28.76 11.51 -54.27
N THR A 667 29.77 11.41 -55.12
CA THR A 667 29.57 11.21 -56.54
C THR A 667 29.45 9.71 -56.83
N LEU A 668 28.73 9.37 -57.90
CA LEU A 668 28.57 7.97 -58.24
C LEU A 668 29.91 7.27 -58.44
N PRO A 669 30.91 7.86 -59.10
CA PRO A 669 32.23 7.21 -59.16
C PRO A 669 32.74 6.78 -57.79
N ARG A 670 32.78 7.70 -56.82
CA ARG A 670 33.27 7.35 -55.50
C ARG A 670 32.44 6.23 -54.88
N LEU A 671 31.12 6.27 -55.08
CA LEU A 671 30.29 5.19 -54.54
C LEU A 671 30.58 3.86 -55.22
N LYS A 672 30.76 3.87 -56.54
CA LYS A 672 31.11 2.63 -57.22
C LYS A 672 32.43 2.07 -56.73
N ALA A 673 33.37 2.95 -56.37
CA ALA A 673 34.64 2.49 -55.81
C ALA A 673 34.51 2.11 -54.34
N PHE A 674 33.57 2.71 -53.62
CA PHE A 674 33.40 2.40 -52.20
C PHE A 674 33.08 0.93 -51.99
N ILE A 675 32.09 0.41 -52.71
CA ILE A 675 31.55 -0.92 -52.49
C ILE A 675 32.66 -1.97 -52.45
N PRO A 676 33.46 -2.10 -53.52
CA PRO A 676 34.53 -3.11 -53.50
C PRO A 676 35.53 -2.88 -52.38
N GLN A 677 35.77 -1.64 -52.00
CA GLN A 677 36.63 -1.35 -50.86
C GLN A 677 36.00 -1.85 -49.56
N LEU A 678 34.68 -1.69 -49.42
CA LEU A 678 34.00 -2.14 -48.22
C LEU A 678 33.95 -3.65 -48.10
N LEU A 679 33.89 -4.37 -49.21
CA LEU A 679 33.79 -5.83 -49.19
C LEU A 679 35.14 -6.54 -49.24
N SER A 680 36.24 -5.79 -49.37
CA SER A 680 37.54 -6.42 -49.59
C SER A 680 38.04 -7.17 -48.35
N ARG A 681 37.70 -6.68 -47.16
CA ARG A 681 38.10 -7.34 -45.92
C ARG A 681 36.92 -7.28 -44.96
N LEU A 682 36.47 -8.45 -44.50
CA LEU A 682 35.31 -8.52 -43.62
C LEU A 682 35.53 -9.58 -42.55
N HIS A 683 34.79 -9.45 -41.46
CA HIS A 683 34.62 -10.51 -40.47
C HIS A 683 33.13 -10.68 -40.23
N ILE A 684 32.68 -11.94 -40.21
CA ILE A 684 31.26 -12.26 -40.20
C ILE A 684 30.95 -13.00 -38.91
N GLU A 685 30.14 -12.37 -38.04
CA GLU A 685 29.62 -13.01 -36.85
C GLU A 685 28.13 -13.20 -37.06
N ALA A 686 27.67 -14.45 -36.95
CA ALA A 686 26.33 -14.82 -37.40
C ALA A 686 25.68 -15.73 -36.38
N LEU A 687 24.36 -15.61 -36.29
CA LEU A 687 23.54 -16.47 -35.44
C LEU A 687 22.50 -17.16 -36.30
N LEU A 688 22.57 -18.49 -36.36
CA LEU A 688 21.61 -19.30 -37.10
C LEU A 688 20.80 -20.10 -36.08
N HIS A 689 19.49 -19.86 -36.05
CA HIS A 689 18.65 -20.37 -34.97
C HIS A 689 17.26 -20.66 -35.52
N GLY A 690 16.83 -21.90 -35.39
CA GLY A 690 15.47 -22.27 -35.80
C GLY A 690 15.39 -23.74 -36.17
N ASN A 691 14.53 -24.04 -37.16
CA ASN A 691 14.31 -25.40 -37.62
C ASN A 691 15.31 -25.73 -38.73
N ILE A 692 16.55 -25.98 -38.31
CA ILE A 692 17.59 -26.35 -39.26
C ILE A 692 18.68 -27.11 -38.51
N THR A 693 19.41 -27.95 -39.23
CA THR A 693 20.44 -28.78 -38.63
C THR A 693 21.79 -28.07 -38.66
N LYS A 694 22.72 -28.63 -37.88
CA LYS A 694 24.08 -28.07 -37.84
C LYS A 694 24.72 -28.08 -39.22
N GLN A 695 24.57 -29.19 -39.96
CA GLN A 695 25.23 -29.29 -41.26
C GLN A 695 24.67 -28.27 -42.24
N ALA A 696 23.35 -28.10 -42.27
CA ALA A 696 22.76 -27.08 -43.13
C ALA A 696 23.20 -25.69 -42.71
N ALA A 697 23.37 -25.47 -41.41
CA ALA A 697 23.81 -24.16 -40.93
C ALA A 697 25.23 -23.85 -41.38
N LEU A 698 26.15 -24.81 -41.21
CA LEU A 698 27.50 -24.62 -41.71
C LEU A 698 27.49 -24.34 -43.21
N GLY A 699 26.62 -25.01 -43.95
CA GLY A 699 26.51 -24.75 -45.36
C GLY A 699 26.05 -23.33 -45.67
N ILE A 700 25.13 -22.82 -44.86
CA ILE A 700 24.68 -21.43 -45.03
C ILE A 700 25.85 -20.47 -44.90
N MET A 701 26.58 -20.56 -43.79
CA MET A 701 27.68 -19.63 -43.52
C MET A 701 28.73 -19.71 -44.62
N GLN A 702 29.17 -20.93 -44.96
CA GLN A 702 30.20 -21.07 -45.98
C GLN A 702 29.74 -20.58 -47.34
N MET A 703 28.42 -20.66 -47.60
CA MET A 703 27.90 -20.12 -48.85
C MET A 703 28.03 -18.61 -48.89
N VAL A 704 27.76 -17.93 -47.78
CA VAL A 704 27.96 -16.48 -47.72
C VAL A 704 29.43 -16.16 -47.91
N GLU A 705 30.32 -16.94 -47.30
CA GLU A 705 31.75 -16.76 -47.52
C GLU A 705 32.12 -17.00 -48.98
N ASP A 706 31.77 -18.18 -49.49
CA ASP A 706 32.17 -18.53 -50.85
C ASP A 706 31.67 -17.51 -51.86
N THR A 707 30.47 -16.98 -51.66
CA THR A 707 29.95 -15.99 -52.59
C THR A 707 30.73 -14.69 -52.50
N LEU A 708 31.02 -14.22 -51.28
CA LEU A 708 31.79 -13.00 -51.12
C LEU A 708 33.21 -13.15 -51.64
N ILE A 709 33.85 -14.29 -51.38
CA ILE A 709 35.23 -14.49 -51.81
C ILE A 709 35.31 -14.49 -53.34
N GLU A 710 34.40 -15.19 -54.00
CA GLU A 710 34.46 -15.31 -55.46
C GLU A 710 34.24 -13.97 -56.14
N HIS A 711 33.19 -13.24 -55.75
CA HIS A 711 32.76 -12.06 -56.49
C HIS A 711 33.29 -10.76 -55.91
N ALA A 712 33.75 -10.75 -54.66
CA ALA A 712 34.29 -9.55 -54.03
C ALA A 712 35.74 -9.73 -53.59
N HIS A 713 36.31 -10.93 -53.75
CA HIS A 713 37.69 -11.20 -53.36
C HIS A 713 37.93 -10.76 -51.91
N THR A 714 37.05 -11.22 -51.02
CA THR A 714 37.08 -10.80 -49.62
C THR A 714 38.16 -11.54 -48.84
N LYS A 715 38.94 -10.80 -48.06
CA LYS A 715 39.92 -11.35 -47.15
C LYS A 715 39.50 -11.08 -45.71
N PRO A 716 39.99 -11.88 -44.75
CA PRO A 716 39.63 -11.67 -43.35
C PRO A 716 40.26 -10.41 -42.79
N LEU A 717 39.76 -10.01 -41.63
CA LEU A 717 40.33 -8.92 -40.84
C LEU A 717 41.29 -9.48 -39.80
N LEU A 718 42.13 -8.60 -39.28
CA LEU A 718 42.95 -8.98 -38.15
C LEU A 718 42.18 -8.81 -36.86
N PRO A 719 42.39 -9.68 -35.86
CA PRO A 719 41.68 -9.53 -34.59
C PRO A 719 41.84 -8.15 -33.97
N SER A 720 42.99 -7.49 -34.20
CA SER A 720 43.20 -6.16 -33.67
C SER A 720 42.38 -5.09 -34.40
N GLN A 721 41.81 -5.40 -35.56
CA GLN A 721 40.96 -4.45 -36.25
C GLN A 721 39.53 -4.45 -35.72
N LEU A 722 39.12 -5.50 -35.03
CA LEU A 722 37.75 -5.62 -34.54
C LEU A 722 37.58 -4.82 -33.23
N VAL A 723 37.74 -3.52 -33.36
CA VAL A 723 37.72 -2.62 -32.21
C VAL A 723 36.31 -2.07 -32.04
N ARG A 724 35.74 -2.26 -30.86
CA ARG A 724 34.46 -1.67 -30.52
C ARG A 724 34.68 -0.29 -29.90
N TYR A 725 33.68 0.57 -30.05
CA TYR A 725 33.79 1.92 -29.51
C TYR A 725 33.51 1.91 -28.00
N ARG A 726 34.21 2.77 -27.29
CA ARG A 726 34.10 2.88 -25.84
C ARG A 726 33.21 4.06 -25.47
N GLU A 727 32.81 4.08 -24.20
CA GLU A 727 32.00 5.16 -23.65
C GLU A 727 32.86 6.09 -22.80
N VAL A 728 32.55 7.39 -22.86
CA VAL A 728 33.34 8.37 -22.13
C VAL A 728 33.22 8.12 -20.63
N GLN A 729 34.35 8.21 -19.94
CA GLN A 729 34.40 8.02 -18.49
C GLN A 729 34.26 9.39 -17.82
N LEU A 730 33.11 9.61 -17.18
CA LEU A 730 32.87 10.86 -16.50
C LEU A 730 33.62 10.90 -15.17
N PRO A 731 34.02 12.10 -14.73
CA PRO A 731 34.76 12.21 -13.47
C PRO A 731 33.85 12.21 -12.26
N ASP A 732 34.39 11.72 -11.15
CA ASP A 732 33.64 11.70 -9.90
C ASP A 732 33.17 13.11 -9.52
N ARG A 733 32.00 13.19 -8.90
CA ARG A 733 31.41 14.44 -8.47
C ARG A 733 31.23 15.43 -9.61
N GLY A 734 31.20 14.95 -10.85
CA GLY A 734 31.08 15.83 -11.99
C GLY A 734 29.66 16.00 -12.47
N TRP A 735 29.42 17.12 -13.15
CA TRP A 735 28.11 17.40 -13.73
C TRP A 735 28.29 18.26 -14.97
N PHE A 736 27.92 17.72 -16.13
CA PHE A 736 28.03 18.42 -17.39
C PHE A 736 26.63 18.63 -17.97
N VAL A 737 26.48 19.72 -18.73
CA VAL A 737 25.19 20.09 -19.31
C VAL A 737 25.42 20.52 -20.75
N TYR A 738 24.70 19.89 -21.67
CA TYR A 738 24.73 20.24 -23.09
C TYR A 738 23.37 20.83 -23.45
N GLN A 739 23.38 22.04 -24.00
CA GLN A 739 22.16 22.79 -24.26
C GLN A 739 21.98 22.99 -25.75
N GLN A 740 20.81 22.62 -26.26
CA GLN A 740 20.44 22.83 -27.65
C GLN A 740 18.95 23.16 -27.69
N ARG A 741 18.50 23.60 -28.86
CA ARG A 741 17.12 24.02 -29.05
C ARG A 741 16.46 23.11 -30.08
N ASN A 742 15.13 23.06 -30.04
CA ASN A 742 14.33 22.37 -31.04
C ASN A 742 13.53 23.44 -31.78
N GLU A 743 13.84 23.63 -33.06
CA GLU A 743 13.27 24.72 -33.83
C GLU A 743 11.81 24.47 -34.22
N VAL A 744 11.31 23.25 -34.06
CA VAL A 744 9.98 22.89 -34.55
C VAL A 744 8.97 22.88 -33.41
N HIS A 745 9.14 21.95 -32.47
CA HIS A 745 8.16 21.76 -31.41
C HIS A 745 8.35 22.79 -30.29
N ASN A 746 7.22 23.31 -29.79
CA ASN A 746 7.23 24.24 -28.67
C ASN A 746 7.18 23.52 -27.32
N ASN A 747 7.78 22.33 -27.24
CA ASN A 747 7.93 21.60 -25.99
C ASN A 747 9.41 21.47 -25.65
N SER A 748 9.68 21.31 -24.37
CA SER A 748 11.05 21.13 -23.89
C SER A 748 11.32 19.66 -23.60
N GLY A 749 12.60 19.29 -23.70
CA GLY A 749 13.00 17.93 -23.43
C GLY A 749 14.29 17.90 -22.63
N ILE A 750 14.53 16.75 -22.00
CA ILE A 750 15.68 16.59 -21.12
C ILE A 750 15.92 15.10 -20.91
N GLU A 751 17.19 14.71 -20.97
CA GLU A 751 17.63 13.42 -20.49
C GLU A 751 18.67 13.65 -19.41
N ILE A 752 18.63 12.83 -18.37
CA ILE A 752 19.53 12.95 -17.24
C ILE A 752 20.19 11.60 -17.05
N TYR A 753 21.52 11.57 -17.17
CA TYR A 753 22.28 10.32 -17.16
C TYR A 753 23.14 10.29 -15.90
N TYR A 754 22.82 9.35 -15.00
CA TYR A 754 23.64 9.09 -13.83
C TYR A 754 24.46 7.84 -14.14
N GLN A 755 25.74 8.02 -14.38
CA GLN A 755 26.60 6.94 -14.86
C GLN A 755 27.09 6.11 -13.68
N THR A 756 26.89 4.81 -13.75
CA THR A 756 27.26 3.93 -12.66
C THR A 756 28.68 3.40 -12.85
N ASP A 757 28.80 2.22 -13.47
CA ASP A 757 30.11 1.62 -13.68
C ASP A 757 29.96 0.55 -14.75
N MET A 758 31.09 0.01 -15.18
CA MET A 758 31.08 -1.03 -16.22
C MET A 758 30.10 -2.13 -15.85
N GLN A 759 29.49 -2.73 -16.87
CA GLN A 759 28.51 -3.77 -16.64
C GLN A 759 29.16 -4.96 -15.93
N SER A 760 28.41 -5.56 -15.02
CA SER A 760 28.90 -6.68 -14.21
C SER A 760 27.72 -7.29 -13.49
N THR A 761 27.86 -8.57 -13.13
CA THR A 761 26.77 -9.26 -12.47
C THR A 761 26.30 -8.52 -11.23
N SER A 762 27.22 -7.86 -10.53
CA SER A 762 26.86 -7.07 -9.36
C SER A 762 26.27 -5.73 -9.75
N GLU A 763 27.02 -4.92 -10.50
CA GLU A 763 26.58 -3.57 -10.84
C GLU A 763 25.32 -3.58 -11.71
N ASN A 764 25.06 -4.65 -12.45
CA ASN A 764 23.81 -4.76 -13.19
C ASN A 764 22.62 -4.81 -12.25
N MET A 765 22.66 -5.73 -11.28
CA MET A 765 21.49 -5.95 -10.42
C MET A 765 21.28 -4.80 -9.45
N PHE A 766 22.35 -4.15 -9.00
CA PHE A 766 22.21 -2.94 -8.20
C PHE A 766 21.35 -1.91 -8.95
N LEU A 767 21.69 -1.66 -10.21
CA LEU A 767 20.95 -0.68 -11.00
C LEU A 767 19.54 -1.17 -11.31
N GLU A 768 19.42 -2.39 -11.86
CA GLU A 768 18.12 -2.88 -12.29
C GLU A 768 17.13 -2.95 -11.13
N LEU A 769 17.60 -3.21 -9.91
CA LEU A 769 16.69 -3.25 -8.77
C LEU A 769 16.26 -1.84 -8.36
N PHE A 770 17.23 -0.93 -8.24
CA PHE A 770 16.89 0.45 -7.89
C PHE A 770 15.94 1.06 -8.92
N ALA A 771 16.16 0.76 -10.21
CA ALA A 771 15.25 1.24 -11.24
C ALA A 771 13.88 0.58 -11.15
N GLN A 772 13.79 -0.61 -10.55
CA GLN A 772 12.51 -1.25 -10.32
C GLN A 772 11.74 -0.57 -9.20
N ILE A 773 12.45 -0.22 -8.12
CA ILE A 773 11.79 0.39 -6.96
C ILE A 773 11.22 1.76 -7.33
N ILE A 774 11.93 2.52 -8.16
CA ILE A 774 11.49 3.86 -8.55
C ILE A 774 10.71 3.88 -9.85
N SER A 775 10.66 2.76 -10.59
CA SER A 775 9.94 2.71 -11.86
C SER A 775 8.56 3.36 -11.76
N GLU A 776 7.73 2.88 -10.84
CA GLU A 776 6.36 3.34 -10.71
C GLU A 776 6.31 4.68 -9.98
N PRO A 777 6.89 4.79 -8.78
CA PRO A 777 6.81 6.06 -8.05
C PRO A 777 7.28 7.27 -8.85
N ALA A 778 8.30 7.10 -9.71
CA ALA A 778 8.73 8.22 -10.54
C ALA A 778 7.62 8.68 -11.48
N PHE A 779 6.86 7.74 -12.03
CA PHE A 779 5.73 8.11 -12.88
C PHE A 779 4.63 8.78 -12.09
N ASN A 780 4.34 8.27 -10.89
CA ASN A 780 3.25 8.82 -10.08
C ASN A 780 3.61 10.21 -9.54
N THR A 781 4.90 10.47 -9.31
CA THR A 781 5.35 11.73 -8.74
C THR A 781 5.57 12.80 -9.81
N LEU A 782 6.23 12.44 -10.91
CA LEU A 782 6.60 13.41 -11.93
C LEU A 782 5.49 13.69 -12.93
N ARG A 783 4.58 12.74 -13.14
CA ARG A 783 3.43 12.96 -14.01
C ARG A 783 2.11 13.04 -13.25
N THR A 784 1.73 11.98 -12.54
CA THR A 784 0.41 11.95 -11.93
C THR A 784 0.23 13.10 -10.95
N LYS A 785 1.26 13.42 -10.18
CA LYS A 785 1.18 14.53 -9.21
C LYS A 785 1.67 15.83 -9.84
N GLU A 786 2.95 15.92 -10.16
CA GLU A 786 3.53 17.17 -10.61
C GLU A 786 3.15 17.52 -12.05
N GLN A 787 2.62 16.57 -12.81
CA GLN A 787 2.11 16.81 -14.16
C GLN A 787 3.14 17.57 -15.01
N LEU A 788 4.39 17.14 -14.93
CA LEU A 788 5.43 17.77 -15.74
C LEU A 788 5.17 17.57 -17.23
N GLY A 789 4.58 16.46 -17.62
CA GLY A 789 4.30 16.23 -19.03
C GLY A 789 3.70 14.86 -19.24
N TYR A 790 3.54 14.51 -20.52
CA TYR A 790 3.02 13.21 -20.90
C TYR A 790 4.10 12.13 -20.91
N ILE A 791 5.34 12.50 -21.21
CA ILE A 791 6.43 11.55 -21.40
C ILE A 791 7.35 11.63 -20.20
N VAL A 792 7.32 10.60 -19.36
CA VAL A 792 8.21 10.49 -18.20
C VAL A 792 8.69 9.06 -18.13
N PHE A 793 9.98 8.84 -18.42
CA PHE A 793 10.56 7.51 -18.45
C PHE A 793 11.76 7.47 -17.51
N SER A 794 11.86 6.39 -16.75
CA SER A 794 12.99 6.15 -15.87
C SER A 794 13.41 4.70 -16.01
N GLY A 795 14.71 4.48 -16.13
CA GLY A 795 15.23 3.14 -16.26
C GLY A 795 16.71 3.13 -16.54
N PRO A 796 17.28 1.94 -16.67
CA PRO A 796 18.72 1.83 -16.97
C PRO A 796 19.02 2.28 -18.39
N ARG A 797 20.27 2.70 -18.59
CA ARG A 797 20.80 2.98 -19.91
C ARG A 797 22.05 2.12 -20.10
N ARG A 798 22.03 1.28 -21.13
CA ARG A 798 23.15 0.41 -21.46
C ARG A 798 23.72 0.80 -22.82
N ALA A 799 25.04 0.90 -22.89
CA ALA A 799 25.71 1.33 -24.11
C ALA A 799 27.21 1.13 -24.00
N ASN A 800 27.81 0.45 -24.99
CA ASN A 800 29.25 0.29 -25.08
C ASN A 800 29.83 -0.37 -23.83
N GLY A 801 29.07 -1.27 -23.21
CA GLY A 801 29.54 -1.97 -22.03
C GLY A 801 29.39 -1.20 -20.74
N ILE A 802 28.89 0.02 -20.77
CA ILE A 802 28.71 0.84 -19.58
C ILE A 802 27.21 0.92 -19.28
N GLN A 803 26.88 1.48 -18.12
CA GLN A 803 25.48 1.57 -17.72
C GLN A 803 25.30 2.74 -16.76
N GLY A 804 24.06 2.92 -16.34
CA GLY A 804 23.70 4.03 -15.47
C GLY A 804 22.19 4.23 -15.50
N LEU A 805 21.75 5.16 -14.66
CA LEU A 805 20.34 5.49 -14.53
C LEU A 805 20.02 6.74 -15.34
N ARG A 806 18.85 6.73 -15.98
CA ARG A 806 18.47 7.83 -16.86
C ARG A 806 17.01 8.20 -16.66
N PHE A 807 16.74 9.51 -16.64
CA PHE A 807 15.39 10.04 -16.68
C PHE A 807 15.19 10.77 -18.00
N ILE A 808 13.99 10.68 -18.55
CA ILE A 808 13.66 11.34 -19.81
C ILE A 808 12.29 11.96 -19.68
N ILE A 809 12.21 13.29 -19.79
CA ILE A 809 10.96 14.02 -19.62
C ILE A 809 10.79 14.95 -20.81
N GLN A 810 9.56 15.07 -21.30
CA GLN A 810 9.19 16.08 -22.28
C GLN A 810 8.05 16.90 -21.68
N SER A 811 8.27 18.21 -21.54
CA SER A 811 7.39 19.05 -20.76
C SER A 811 7.19 20.39 -21.45
N GLU A 812 6.37 21.23 -20.82
CA GLU A 812 6.26 22.64 -21.15
C GLU A 812 7.21 23.50 -20.34
N LYS A 813 7.67 23.02 -19.18
CA LYS A 813 8.52 23.78 -18.30
C LYS A 813 9.96 23.81 -18.81
N PRO A 814 10.76 24.75 -18.32
CA PRO A 814 12.17 24.77 -18.71
C PRO A 814 12.92 23.60 -18.13
N PRO A 815 13.97 23.11 -18.81
CA PRO A 815 14.67 21.92 -18.31
C PRO A 815 15.25 22.09 -16.92
N HIS A 816 15.84 23.25 -16.61
CA HIS A 816 16.48 23.43 -15.31
C HIS A 816 15.46 23.30 -14.18
N TYR A 817 14.17 23.49 -14.46
CA TYR A 817 13.15 23.19 -13.48
C TYR A 817 13.02 21.68 -13.26
N LEU A 818 12.83 20.93 -14.35
CA LEU A 818 12.73 19.48 -14.23
C LEU A 818 13.96 18.88 -13.57
N GLU A 819 15.14 19.49 -13.79
CA GLU A 819 16.34 19.04 -13.09
C GLU A 819 16.13 19.02 -11.58
N SER A 820 15.65 20.13 -11.03
CA SER A 820 15.38 20.18 -9.59
C SER A 820 14.29 19.20 -9.20
N ARG A 821 13.21 19.12 -9.99
CA ARG A 821 12.08 18.28 -9.62
C ARG A 821 12.46 16.80 -9.60
N VAL A 822 13.21 16.34 -10.61
CA VAL A 822 13.68 14.96 -10.59
C VAL A 822 14.73 14.76 -9.51
N GLU A 823 15.55 15.78 -9.24
CA GLU A 823 16.50 15.70 -8.14
C GLU A 823 15.78 15.70 -6.79
N ALA A 824 14.73 16.51 -6.66
CA ALA A 824 13.95 16.50 -5.42
C ALA A 824 13.23 15.17 -5.24
N PHE A 825 12.80 14.54 -6.35
CA PHE A 825 12.17 13.23 -6.25
C PHE A 825 13.14 12.16 -5.79
N LEU A 826 14.43 12.28 -6.17
CA LEU A 826 15.40 11.26 -5.80
C LEU A 826 15.54 11.16 -4.29
N ILE A 827 15.41 12.29 -3.58
CA ILE A 827 15.47 12.25 -2.13
C ILE A 827 14.18 11.67 -1.57
N THR A 828 13.06 11.86 -2.26
CA THR A 828 11.82 11.22 -1.88
C THR A 828 11.98 9.71 -1.84
N MET A 829 12.75 9.15 -2.79
CA MET A 829 12.97 7.71 -2.83
C MET A 829 13.86 7.25 -1.69
N GLU A 830 14.91 8.02 -1.36
CA GLU A 830 15.78 7.66 -0.25
C GLU A 830 14.96 7.36 1.00
N LYS A 831 14.02 8.25 1.34
CA LYS A 831 13.13 7.99 2.47
C LYS A 831 12.26 6.78 2.18
N SER A 832 11.56 6.78 1.03
CA SER A 832 10.68 5.67 0.67
C SER A 832 11.39 4.33 0.84
N ILE A 833 12.70 4.30 0.63
CA ILE A 833 13.46 3.06 0.83
C ILE A 833 13.67 2.78 2.32
N GLU A 834 14.07 3.81 3.07
CA GLU A 834 14.30 3.61 4.51
C GLU A 834 13.02 3.21 5.22
N ASP A 835 11.88 3.76 4.79
CA ASP A 835 10.61 3.39 5.39
C ASP A 835 10.02 2.13 4.75
N MET A 836 10.52 1.72 3.59
CA MET A 836 9.98 0.54 2.93
C MET A 836 10.19 -0.69 3.80
N THR A 837 9.12 -1.47 3.97
CA THR A 837 9.17 -2.66 4.79
C THR A 837 10.18 -3.66 4.21
N GLU A 838 10.69 -4.54 5.07
CA GLU A 838 11.57 -5.60 4.58
C GLU A 838 10.83 -6.55 3.65
N GLU A 839 9.51 -6.68 3.83
CA GLU A 839 8.70 -7.53 2.97
C GLU A 839 8.40 -6.84 1.64
N ALA A 840 8.02 -5.57 1.68
CA ALA A 840 7.78 -4.82 0.44
C ALA A 840 9.05 -4.75 -0.41
N PHE A 841 10.22 -4.87 0.22
CA PHE A 841 11.47 -4.93 -0.54
C PHE A 841 11.57 -6.22 -1.34
N GLN A 842 11.49 -7.36 -0.66
CA GLN A 842 11.53 -8.64 -1.36
C GLN A 842 10.44 -8.74 -2.40
N LYS A 843 9.37 -7.93 -2.28
CA LYS A 843 8.37 -7.86 -3.32
C LYS A 843 8.97 -7.38 -4.62
N HIS A 844 9.71 -6.27 -4.58
CA HIS A 844 10.36 -5.74 -5.77
C HIS A 844 11.37 -6.72 -6.35
N ILE A 845 12.15 -7.38 -5.49
CA ILE A 845 13.10 -8.38 -5.97
C ILE A 845 12.38 -9.46 -6.75
N GLN A 846 11.28 -10.00 -6.18
CA GLN A 846 10.51 -11.01 -6.90
C GLN A 846 9.89 -10.44 -8.17
N ALA A 847 9.54 -9.15 -8.15
CA ALA A 847 8.99 -8.53 -9.35
C ALA A 847 10.02 -8.48 -10.46
N LEU A 848 11.23 -7.99 -10.16
CA LEU A 848 12.28 -7.96 -11.16
C LEU A 848 12.65 -9.36 -11.63
N ALA A 849 12.74 -10.32 -10.70
CA ALA A 849 13.11 -11.67 -11.08
C ALA A 849 12.08 -12.29 -12.01
N ILE A 850 10.79 -12.01 -11.77
CA ILE A 850 9.75 -12.52 -12.66
C ILE A 850 9.92 -11.95 -14.06
N ARG A 851 10.07 -10.63 -14.17
CA ARG A 851 10.20 -10.03 -15.49
C ARG A 851 11.49 -10.47 -16.17
N ARG A 852 12.53 -10.74 -15.39
CA ARG A 852 13.80 -11.16 -15.98
C ARG A 852 13.74 -12.60 -16.47
N LEU A 853 12.94 -13.44 -15.83
CA LEU A 853 12.85 -14.85 -16.19
C LEU A 853 11.63 -15.17 -17.05
N ASP A 854 10.94 -14.15 -17.55
CA ASP A 854 9.83 -14.39 -18.47
C ASP A 854 10.36 -15.13 -19.69
N LYS A 855 9.84 -16.32 -19.93
CA LYS A 855 10.33 -17.14 -21.04
C LYS A 855 9.86 -16.55 -22.36
N PRO A 856 10.74 -16.52 -23.38
CA PRO A 856 10.32 -16.01 -24.69
C PRO A 856 9.24 -16.89 -25.28
N LYS A 857 8.25 -16.26 -25.90
CA LYS A 857 7.09 -16.97 -26.43
C LYS A 857 7.28 -17.48 -27.84
N LYS A 858 8.03 -16.76 -28.67
CA LYS A 858 8.22 -17.12 -30.08
C LYS A 858 9.71 -17.16 -30.41
N LEU A 859 10.01 -17.77 -31.56
CA LEU A 859 11.41 -17.92 -31.97
C LEU A 859 12.08 -16.56 -32.16
N SER A 860 11.39 -15.62 -32.82
CA SER A 860 11.96 -14.30 -33.05
C SER A 860 12.47 -13.66 -31.76
N ALA A 861 11.72 -13.85 -30.67
CA ALA A 861 12.10 -13.21 -29.41
C ALA A 861 13.32 -13.89 -28.79
N GLU A 862 13.35 -15.22 -28.80
CA GLU A 862 14.50 -15.92 -28.22
C GLU A 862 15.78 -15.58 -28.96
N SER A 863 15.69 -15.42 -30.29
CA SER A 863 16.87 -15.07 -31.07
C SER A 863 17.44 -13.73 -30.64
N ALA A 864 16.57 -12.78 -30.28
CA ALA A 864 17.05 -11.47 -29.84
C ALA A 864 17.95 -11.59 -28.60
N LYS A 865 17.50 -12.35 -27.60
CA LYS A 865 18.31 -12.55 -26.41
C LYS A 865 19.70 -13.03 -26.79
N TYR A 866 19.78 -14.04 -27.66
CA TYR A 866 21.08 -14.51 -28.12
C TYR A 866 21.79 -13.46 -28.94
N TRP A 867 21.08 -12.80 -29.85
CA TRP A 867 21.73 -11.80 -30.69
C TRP A 867 22.19 -10.60 -29.88
N GLY A 868 21.51 -10.30 -28.78
CA GLY A 868 21.98 -9.24 -27.91
C GLY A 868 23.28 -9.58 -27.21
N GLU A 869 23.37 -10.81 -26.68
CA GLU A 869 24.61 -11.25 -26.05
C GLU A 869 25.76 -11.30 -27.04
N ILE A 870 25.45 -11.46 -28.33
CA ILE A 870 26.48 -11.64 -29.35
C ILE A 870 27.02 -10.29 -29.83
N ILE A 871 26.14 -9.39 -30.27
CA ILE A 871 26.61 -8.08 -30.73
C ILE A 871 27.31 -7.34 -29.61
N SER A 872 26.89 -7.59 -28.37
CA SER A 872 27.51 -6.96 -27.20
C SER A 872 28.87 -7.57 -26.85
N GLN A 873 29.32 -8.58 -27.58
CA GLN A 873 30.61 -9.22 -27.32
C GLN A 873 30.72 -9.75 -25.89
N GLN A 874 29.59 -10.03 -25.25
CA GLN A 874 29.56 -10.49 -23.87
C GLN A 874 29.26 -11.98 -23.75
N TYR A 875 28.40 -12.51 -24.61
CA TYR A 875 28.22 -13.96 -24.75
C TYR A 875 27.86 -14.63 -23.44
N ASN A 876 26.89 -14.05 -22.73
CA ASN A 876 26.44 -14.59 -21.45
C ASN A 876 25.03 -15.15 -21.62
N PHE A 877 24.94 -16.32 -22.28
CA PHE A 877 23.64 -16.87 -22.62
C PHE A 877 22.87 -17.35 -21.40
N ASP A 878 23.54 -17.59 -20.28
CA ASP A 878 22.86 -17.95 -19.03
C ASP A 878 22.76 -16.76 -18.09
N ARG A 879 22.67 -15.55 -18.64
CA ARG A 879 22.68 -14.34 -17.81
C ARG A 879 21.47 -14.31 -16.89
N ASP A 880 20.31 -14.77 -17.37
CA ASP A 880 19.08 -14.60 -16.62
C ASP A 880 19.11 -15.42 -15.32
N ASN A 881 19.51 -16.68 -15.41
CA ASN A 881 19.61 -17.50 -14.21
C ASN A 881 20.71 -16.98 -13.28
N THR A 882 21.85 -16.61 -13.86
CA THR A 882 22.98 -16.16 -13.05
C THR A 882 22.67 -14.84 -12.35
N GLU A 883 22.12 -13.87 -13.09
CA GLU A 883 21.89 -12.55 -12.49
C GLU A 883 20.75 -12.57 -11.50
N VAL A 884 19.71 -13.35 -11.77
CA VAL A 884 18.58 -13.41 -10.83
C VAL A 884 19.03 -14.02 -9.51
N ALA A 885 19.92 -15.02 -9.56
CA ALA A 885 20.40 -15.64 -8.33
C ALA A 885 21.10 -14.62 -7.43
N TYR A 886 21.97 -13.79 -8.01
CA TYR A 886 22.63 -12.74 -7.24
C TYR A 886 21.62 -11.72 -6.72
N LEU A 887 20.63 -11.36 -7.54
CA LEU A 887 19.66 -10.34 -7.15
C LEU A 887 18.98 -10.69 -5.83
N LYS A 888 18.60 -11.96 -5.65
CA LYS A 888 17.85 -12.35 -4.48
C LYS A 888 18.65 -12.22 -3.18
N THR A 889 19.98 -12.26 -3.27
CA THR A 889 20.83 -12.12 -2.09
C THR A 889 20.99 -10.67 -1.64
N LEU A 890 20.42 -9.71 -2.35
CA LEU A 890 20.55 -8.31 -2.00
C LEU A 890 19.68 -7.95 -0.81
N THR A 891 20.14 -6.99 -0.03
CA THR A 891 19.44 -6.48 1.14
C THR A 891 19.06 -5.02 0.90
N LYS A 892 18.15 -4.52 1.72
CA LYS A 892 17.79 -3.11 1.63
C LYS A 892 18.98 -2.20 1.87
N GLU A 893 19.96 -2.67 2.66
CA GLU A 893 21.16 -1.87 2.93
C GLU A 893 22.06 -1.81 1.71
N ASP A 894 22.20 -2.92 0.98
CA ASP A 894 23.03 -2.91 -0.23
C ASP A 894 22.55 -1.85 -1.21
N ILE A 895 21.23 -1.63 -1.28
CA ILE A 895 20.70 -0.60 -2.17
C ILE A 895 21.05 0.78 -1.64
N ILE A 896 20.91 0.98 -0.32
CA ILE A 896 21.12 2.31 0.25
C ILE A 896 22.55 2.79 0.04
N LYS A 897 23.53 1.89 0.22
CA LYS A 897 24.91 2.28 -0.02
C LYS A 897 25.14 2.58 -1.49
N PHE A 898 24.47 1.86 -2.38
CA PHE A 898 24.58 2.15 -3.81
C PHE A 898 24.07 3.55 -4.13
N TYR A 899 22.90 3.91 -3.60
CA TYR A 899 22.36 5.26 -3.82
C TYR A 899 23.27 6.32 -3.19
N LYS A 900 23.68 6.10 -1.95
CA LYS A 900 24.51 7.09 -1.26
C LYS A 900 25.88 7.24 -1.91
N GLU A 901 26.36 6.18 -2.58
CA GLU A 901 27.72 6.15 -3.11
C GLU A 901 27.79 6.58 -4.56
N MET A 902 26.77 6.27 -5.36
CA MET A 902 26.78 6.52 -6.78
C MET A 902 25.81 7.61 -7.24
N LEU A 903 24.67 7.75 -6.56
CA LEU A 903 23.56 8.54 -7.08
C LEU A 903 23.24 9.78 -6.24
N ALA A 904 23.26 9.67 -4.92
CA ALA A 904 22.80 10.75 -4.06
C ALA A 904 23.42 12.08 -4.49
N VAL A 905 22.69 13.17 -4.20
CA VAL A 905 23.08 14.48 -4.70
C VAL A 905 24.49 14.86 -4.24
N ASP A 906 24.93 14.34 -3.10
CA ASP A 906 26.27 14.60 -2.59
C ASP A 906 27.09 13.31 -2.52
N ALA A 907 26.80 12.37 -3.41
CA ALA A 907 27.54 11.12 -3.44
C ALA A 907 28.99 11.38 -3.83
N PRO A 908 29.92 10.51 -3.38
CA PRO A 908 31.32 10.71 -3.74
C PRO A 908 31.62 10.34 -5.19
N ARG A 909 30.89 9.36 -5.75
CA ARG A 909 31.15 8.87 -7.10
C ARG A 909 30.01 9.20 -8.06
N ARG A 910 29.34 10.33 -7.85
CA ARG A 910 28.27 10.74 -8.74
C ARG A 910 28.83 11.14 -10.10
N HIS A 911 28.32 10.52 -11.16
CA HIS A 911 28.68 10.84 -12.55
C HIS A 911 27.41 11.30 -13.25
N LYS A 912 27.24 12.61 -13.41
CA LYS A 912 26.01 13.17 -13.94
C LYS A 912 26.30 13.98 -15.19
N VAL A 913 25.50 13.76 -16.23
CA VAL A 913 25.53 14.54 -17.46
C VAL A 913 24.09 14.71 -17.92
N SER A 914 23.71 15.95 -18.26
CA SER A 914 22.34 16.28 -18.58
C SER A 914 22.27 16.92 -19.96
N VAL A 915 21.17 16.67 -20.66
CA VAL A 915 20.90 17.24 -21.97
C VAL A 915 19.61 18.05 -21.87
N HIS A 916 19.70 19.34 -22.17
CA HIS A 916 18.56 20.24 -22.14
C HIS A 916 18.20 20.62 -23.56
N VAL A 917 16.99 20.27 -23.98
CA VAL A 917 16.46 20.66 -25.29
C VAL A 917 15.35 21.66 -25.04
N LEU A 918 15.57 22.89 -25.50
CA LEU A 918 14.65 23.99 -25.22
C LEU A 918 13.55 24.06 -26.28
N ALA A 919 12.34 24.36 -25.83
CA ALA A 919 11.22 24.52 -26.75
C ALA A 919 11.53 25.61 -27.77
N ARG A 920 10.82 25.54 -28.91
CA ARG A 920 11.07 26.47 -30.01
C ARG A 920 11.25 27.91 -29.54
N GLU A 921 10.29 28.42 -28.77
CA GLU A 921 10.28 29.82 -28.37
C GLU A 921 10.76 30.05 -26.94
N MET A 922 11.25 29.01 -26.28
CA MET A 922 11.68 29.13 -24.89
C MET A 922 12.90 30.03 -24.79
N ASP A 923 12.80 31.07 -23.97
CA ASP A 923 13.95 31.95 -23.73
C ASP A 923 15.13 31.14 -23.21
N SER A 924 16.33 31.56 -23.62
CA SER A 924 17.56 30.89 -23.20
C SER A 924 17.58 30.69 -21.69
N ASN A 925 17.50 29.43 -21.25
CA ASN A 925 17.46 29.12 -19.83
C ASN A 925 18.84 29.32 -19.20
N PRO A 926 18.88 29.55 -17.88
CA PRO A 926 20.13 29.71 -17.14
C PRO A 926 20.63 28.42 -16.49
N ILE A 937 5.55 25.51 -1.39
CA ILE A 937 4.20 25.18 -1.79
C ILE A 937 3.86 23.77 -1.34
N ASN A 938 3.03 23.08 -2.12
CA ASN A 938 2.63 21.71 -1.82
C ASN A 938 3.58 20.68 -2.44
N LEU A 939 4.73 21.12 -2.94
CA LEU A 939 5.67 20.23 -3.61
C LEU A 939 6.81 19.83 -2.67
N SER A 940 7.54 18.80 -3.08
CA SER A 940 8.66 18.32 -2.30
C SER A 940 9.84 19.28 -2.41
N GLN A 941 10.75 19.19 -1.44
CA GLN A 941 11.89 20.10 -1.38
C GLN A 941 12.99 19.65 -2.32
N ALA A 942 13.44 20.56 -3.18
CA ALA A 942 14.52 20.20 -4.09
C ALA A 942 15.87 20.57 -3.50
N PRO A 943 16.88 19.71 -3.62
CA PRO A 943 18.18 20.02 -3.03
C PRO A 943 18.90 21.09 -3.83
N ALA A 944 19.95 21.63 -3.22
CA ALA A 944 20.76 22.66 -3.87
C ALA A 944 21.78 21.99 -4.77
N LEU A 945 21.86 22.45 -6.02
CA LEU A 945 22.68 21.77 -7.00
C LEU A 945 23.96 22.54 -7.27
N PRO A 946 25.08 21.83 -7.50
CA PRO A 946 26.34 22.52 -7.80
C PRO A 946 26.27 23.27 -9.12
N GLN A 947 27.35 23.99 -9.45
CA GLN A 947 27.38 24.74 -10.71
C GLN A 947 27.81 23.82 -11.84
N PRO A 948 26.97 23.57 -12.83
CA PRO A 948 27.31 22.61 -13.88
C PRO A 948 28.31 23.17 -14.87
N GLU A 949 29.13 22.27 -15.41
CA GLU A 949 30.04 22.61 -16.50
C GLU A 949 29.28 22.46 -17.81
N VAL A 950 29.25 23.52 -18.60
CA VAL A 950 28.39 23.62 -19.78
C VAL A 950 29.19 23.20 -20.99
N ILE A 951 28.85 22.05 -21.58
CA ILE A 951 29.53 21.61 -22.79
C ILE A 951 29.33 22.65 -23.88
N GLN A 952 30.43 23.19 -24.40
CA GLN A 952 30.40 24.13 -25.52
C GLN A 952 30.69 23.45 -26.84
N ASN A 953 31.56 22.44 -26.84
CA ASN A 953 31.91 21.69 -28.04
C ASN A 953 32.06 20.23 -27.66
N MET A 954 31.39 19.35 -28.43
CA MET A 954 31.38 17.93 -28.07
C MET A 954 32.75 17.29 -28.27
N THR A 955 33.51 17.73 -29.28
CA THR A 955 34.80 17.12 -29.55
C THR A 955 35.81 17.44 -28.46
N GLU A 956 35.88 18.71 -28.04
CA GLU A 956 36.75 19.08 -26.94
C GLU A 956 36.33 18.41 -25.64
N PHE A 957 35.03 18.21 -25.45
CA PHE A 957 34.53 17.50 -24.28
C PHE A 957 35.16 16.12 -24.16
N LYS A 958 35.12 15.34 -25.23
CA LYS A 958 35.64 13.97 -25.18
C LYS A 958 37.15 13.94 -25.04
N ARG A 959 37.85 14.87 -25.71
CA ARG A 959 39.32 14.86 -25.66
C ARG A 959 39.82 14.99 -24.23
N GLY A 960 39.09 15.68 -23.37
CA GLY A 960 39.51 15.93 -22.01
C GLY A 960 39.06 14.91 -20.98
N LEU A 961 38.53 13.77 -21.42
CA LEU A 961 38.03 12.77 -20.50
C LEU A 961 38.57 11.40 -20.88
N PRO A 962 38.72 10.49 -19.91
CA PRO A 962 39.16 9.13 -20.25
C PRO A 962 38.08 8.37 -21.00
N LEU A 963 38.41 7.16 -21.44
CA LEU A 963 37.44 6.27 -22.04
C LEU A 963 37.38 4.99 -21.21
N PHE A 964 36.17 4.52 -20.92
CA PHE A 964 36.02 3.30 -20.15
C PHE A 964 36.67 2.15 -20.91
N PRO A 965 37.05 1.09 -20.20
CA PRO A 965 37.55 -0.11 -20.89
C PRO A 965 36.44 -0.77 -21.68
N LEU A 966 36.62 -2.04 -22.02
CA LEU A 966 35.59 -2.83 -22.66
C LEU A 966 35.37 -4.09 -21.84
N VAL A 967 34.12 -4.55 -21.81
CA VAL A 967 33.76 -5.66 -20.94
C VAL A 967 34.51 -6.90 -21.39
N LYS A 968 35.03 -7.65 -20.42
CA LYS A 968 35.60 -8.94 -20.74
C LYS A 968 34.47 -9.90 -21.13
N PRO A 969 34.66 -10.69 -22.18
CA PRO A 969 33.55 -11.52 -22.69
C PRO A 969 33.48 -12.89 -22.04
N HIS A 970 32.33 -13.52 -22.22
CA HIS A 970 32.11 -14.93 -21.87
C HIS A 970 31.89 -15.10 -20.37
N ASN B 2 36.50 -4.09 14.88
CA ASN B 2 35.36 -4.94 15.19
C ASN B 2 35.21 -5.17 16.69
N ASN B 3 34.29 -6.06 17.06
CA ASN B 3 34.09 -6.45 18.44
C ASN B 3 33.70 -7.92 18.49
N PRO B 4 34.26 -8.69 19.43
CA PRO B 4 33.95 -10.12 19.51
C PRO B 4 32.73 -10.46 20.35
N ALA B 5 32.25 -9.52 21.17
CA ALA B 5 31.10 -9.74 22.03
C ALA B 5 29.77 -9.42 21.35
N ILE B 6 29.80 -9.09 20.06
CA ILE B 6 28.62 -8.74 19.29
C ILE B 6 28.60 -9.65 18.07
N LYS B 7 27.64 -10.58 18.04
CA LYS B 7 27.57 -11.52 16.93
C LYS B 7 27.27 -10.80 15.62
N ARG B 8 26.40 -9.80 15.66
CA ARG B 8 26.10 -9.00 14.47
C ARG B 8 25.39 -7.72 14.91
N ILE B 9 25.27 -6.79 13.97
CA ILE B 9 24.63 -5.50 14.19
C ILE B 9 23.57 -5.30 13.12
N GLY B 10 22.36 -4.95 13.54
CA GLY B 10 21.27 -4.79 12.60
C GLY B 10 21.40 -3.52 11.77
N ASN B 11 20.94 -3.59 10.52
CA ASN B 11 20.99 -2.46 9.61
C ASN B 11 19.95 -1.42 10.02
N HIS B 12 19.58 -0.53 9.10
CA HIS B 12 18.55 0.43 9.42
C HIS B 12 17.29 -0.30 9.84
N ILE B 13 16.83 -0.02 11.06
CA ILE B 13 15.60 -0.62 11.58
C ILE B 13 14.44 0.24 11.13
N THR B 14 13.62 -0.30 10.22
CA THR B 14 12.49 0.44 9.69
C THR B 14 11.65 0.98 10.83
N LYS B 15 11.43 2.30 10.82
CA LYS B 15 10.66 2.98 11.84
C LYS B 15 9.60 3.85 11.18
N SER B 16 8.70 4.36 12.01
CA SER B 16 7.68 5.27 11.51
C SER B 16 8.36 6.54 10.99
N PRO B 17 8.05 6.99 9.77
CA PRO B 17 8.73 8.16 9.22
C PRO B 17 8.51 9.44 10.02
N GLU B 18 7.57 9.44 10.95
CA GLU B 18 7.36 10.57 11.85
C GLU B 18 8.06 10.38 13.20
N ASP B 19 8.86 9.32 13.33
CA ASP B 19 9.49 8.96 14.60
C ASP B 19 10.88 9.59 14.68
N LYS B 20 11.08 10.44 15.68
CA LYS B 20 12.36 11.14 15.84
C LYS B 20 13.44 10.27 16.46
N ARG B 21 13.07 9.19 17.15
CA ARG B 21 14.04 8.37 17.86
C ARG B 21 14.95 7.63 16.88
N GLU B 22 16.09 7.17 17.40
CA GLU B 22 17.06 6.41 16.62
C GLU B 22 17.19 5.01 17.19
N TYR B 23 17.24 4.01 16.31
CA TYR B 23 17.22 2.61 16.72
C TYR B 23 18.42 1.88 16.15
N ARG B 24 18.94 0.93 16.93
CA ARG B 24 19.98 0.01 16.49
C ARG B 24 19.72 -1.36 17.08
N GLY B 25 19.89 -2.38 16.26
CA GLY B 25 19.67 -3.77 16.66
C GLY B 25 20.98 -4.50 16.85
N LEU B 26 21.02 -5.40 17.83
CA LEU B 26 22.20 -6.20 18.11
C LEU B 26 21.80 -7.63 18.40
N GLU B 27 22.75 -8.54 18.19
CA GLU B 27 22.72 -9.89 18.72
C GLU B 27 24.05 -10.15 19.40
N LEU B 28 24.05 -10.21 20.72
CA LEU B 28 25.28 -10.42 21.44
C LEU B 28 25.84 -11.81 21.12
N ALA B 29 27.02 -12.09 21.65
CA ALA B 29 27.64 -13.39 21.43
C ALA B 29 26.78 -14.50 22.03
N ASN B 30 26.17 -14.25 23.18
CA ASN B 30 25.35 -15.23 23.87
C ASN B 30 23.91 -15.28 23.35
N GLY B 31 23.63 -14.70 22.20
CA GLY B 31 22.32 -14.83 21.59
C GLY B 31 21.25 -13.90 22.14
N ILE B 32 21.61 -12.88 22.89
CA ILE B 32 20.62 -11.94 23.43
C ILE B 32 20.27 -10.94 22.32
N LYS B 33 19.04 -10.99 21.84
CA LYS B 33 18.58 -10.03 20.86
C LYS B 33 18.36 -8.69 21.54
N VAL B 34 18.96 -7.63 21.00
CA VAL B 34 18.98 -6.33 21.65
C VAL B 34 18.48 -5.27 20.68
N LEU B 35 17.65 -4.36 21.21
CA LEU B 35 17.24 -3.16 20.49
C LEU B 35 17.62 -1.95 21.32
N LEU B 36 18.27 -0.98 20.69
CA LEU B 36 18.75 0.23 21.34
C LEU B 36 17.95 1.42 20.83
N ILE B 37 17.41 2.20 21.75
CA ILE B 37 16.59 3.36 21.40
C ILE B 37 17.27 4.59 22.00
N SER B 38 17.66 5.52 21.13
CA SER B 38 18.27 6.78 21.54
C SER B 38 17.27 7.90 21.31
N ASP B 39 16.83 8.55 22.39
CA ASP B 39 15.87 9.63 22.34
C ASP B 39 16.41 10.76 23.20
N PRO B 40 17.22 11.66 22.63
CA PRO B 40 17.82 12.74 23.44
C PRO B 40 16.81 13.68 24.07
N THR B 41 15.52 13.48 23.75
CA THR B 41 14.45 14.29 24.32
C THR B 41 13.92 13.71 25.63
N THR B 42 13.99 12.39 25.80
CA THR B 42 13.32 11.73 26.91
C THR B 42 13.75 12.30 28.26
N ASP B 43 12.77 12.58 29.11
CA ASP B 43 13.07 12.98 30.48
C ASP B 43 13.34 11.79 31.37
N LYS B 44 12.80 10.62 31.01
CA LYS B 44 13.03 9.37 31.71
C LYS B 44 13.64 8.36 30.76
N SER B 45 14.75 7.75 31.18
CA SER B 45 15.30 6.62 30.46
C SER B 45 14.68 5.33 30.98
N SER B 46 14.81 4.27 30.20
CA SER B 46 14.16 3.01 30.58
C SER B 46 14.84 1.85 29.88
N ALA B 47 14.60 0.66 30.42
CA ALA B 47 15.09 -0.59 29.85
C ALA B 47 14.21 -1.72 30.34
N ALA B 48 14.22 -2.82 29.59
CA ALA B 48 13.37 -3.96 29.92
C ALA B 48 13.98 -5.21 29.31
N LEU B 49 13.76 -6.35 29.97
CA LEU B 49 14.26 -7.64 29.50
C LEU B 49 13.12 -8.65 29.52
N ASP B 50 13.08 -9.49 28.47
CA ASP B 50 12.03 -10.49 28.32
C ASP B 50 12.67 -11.86 28.18
N VAL B 51 12.21 -12.81 29.00
CA VAL B 51 12.66 -14.19 28.97
C VAL B 51 11.55 -15.04 28.37
N HIS B 52 11.90 -15.86 27.37
CA HIS B 52 10.90 -16.68 26.69
C HIS B 52 10.51 -17.89 27.53
N ILE B 53 10.21 -17.67 28.80
CA ILE B 53 9.74 -18.72 29.70
C ILE B 53 8.62 -18.16 30.56
N GLY B 54 7.67 -19.01 30.90
CA GLY B 54 6.52 -18.57 31.66
C GLY B 54 5.82 -19.70 32.38
N SER B 55 4.55 -19.45 32.74
CA SER B 55 3.80 -20.39 33.56
C SER B 55 3.80 -21.80 32.98
N LEU B 56 3.74 -21.91 31.65
CA LEU B 56 3.61 -23.22 31.02
C LEU B 56 4.82 -24.10 31.29
N SER B 57 5.99 -23.52 31.57
CA SER B 57 7.18 -24.27 31.91
C SER B 57 7.31 -24.54 33.40
N ASP B 58 6.27 -24.27 34.18
CA ASP B 58 6.30 -24.55 35.60
C ASP B 58 6.38 -26.05 35.86
N PRO B 59 7.04 -26.46 36.94
CA PRO B 59 7.04 -27.88 37.30
C PRO B 59 5.63 -28.31 37.69
N PRO B 60 5.26 -29.57 37.41
CA PRO B 60 3.90 -30.02 37.76
C PRO B 60 3.61 -29.97 39.24
N ASN B 61 4.64 -30.06 40.08
CA ASN B 61 4.45 -30.14 41.53
C ASN B 61 4.53 -28.79 42.24
N ILE B 62 4.96 -27.74 41.55
CA ILE B 62 5.06 -26.42 42.16
C ILE B 62 4.40 -25.39 41.26
N ALA B 63 3.07 -25.45 41.15
CA ALA B 63 2.36 -24.55 40.27
C ALA B 63 2.56 -23.09 40.70
N GLY B 64 3.01 -22.27 39.76
CA GLY B 64 3.24 -20.86 40.02
C GLY B 64 4.68 -20.48 40.22
N LEU B 65 5.62 -21.43 40.11
CA LEU B 65 7.02 -21.14 40.38
C LEU B 65 7.53 -20.01 39.49
N SER B 66 7.20 -20.05 38.20
CA SER B 66 7.70 -19.01 37.29
C SER B 66 7.17 -17.64 37.67
N HIS B 67 5.90 -17.56 38.06
CA HIS B 67 5.34 -16.31 38.56
C HIS B 67 5.85 -15.97 39.94
N PHE B 68 6.27 -16.97 40.72
CA PHE B 68 6.89 -16.70 42.01
C PHE B 68 8.30 -16.13 41.84
N LEU B 69 9.08 -16.75 40.96
CA LEU B 69 10.43 -16.24 40.70
C LEU B 69 10.41 -14.79 40.26
N GLN B 70 9.35 -14.37 39.57
CA GLN B 70 9.22 -12.96 39.18
C GLN B 70 9.25 -12.07 40.42
N HIS B 71 8.45 -12.39 41.43
CA HIS B 71 8.41 -11.57 42.64
C HIS B 71 9.75 -11.59 43.37
N MET B 72 10.52 -12.68 43.24
CA MET B 72 11.69 -12.89 44.08
C MET B 72 12.97 -12.26 43.55
N LEU B 73 13.03 -11.89 42.28
CA LEU B 73 14.24 -11.25 41.76
C LEU B 73 14.42 -9.84 42.30
N PHE B 74 13.32 -9.18 42.68
CA PHE B 74 13.41 -7.81 43.17
C PHE B 74 13.99 -7.75 44.57
N LEU B 75 13.86 -8.82 45.34
CA LEU B 75 14.19 -8.80 46.77
C LEU B 75 15.65 -9.21 47.03
N GLY B 76 16.58 -8.58 46.31
CA GLY B 76 17.98 -8.78 46.61
C GLY B 76 18.82 -9.39 45.52
N THR B 77 20.03 -8.88 45.34
CA THR B 77 20.99 -9.42 44.38
C THR B 77 22.33 -9.57 45.09
N LYS B 78 23.22 -10.33 44.47
CA LYS B 78 24.53 -10.59 45.09
C LYS B 78 25.35 -9.31 45.20
N LYS B 79 25.42 -8.53 44.12
CA LYS B 79 26.18 -7.28 44.16
C LYS B 79 25.45 -6.20 44.95
N TYR B 80 24.11 -6.21 44.90
CA TYR B 80 23.28 -5.25 45.61
C TYR B 80 22.38 -6.07 46.53
N PRO B 81 22.88 -6.44 47.71
CA PRO B 81 22.15 -7.40 48.56
C PRO B 81 21.06 -6.79 49.42
N LYS B 82 20.95 -5.46 49.50
CA LYS B 82 19.88 -4.86 50.27
C LYS B 82 18.53 -5.24 49.66
N GLU B 83 17.62 -5.74 50.51
CA GLU B 83 16.38 -6.32 50.00
C GLU B 83 15.62 -5.37 49.09
N ASN B 84 15.73 -4.06 49.33
CA ASN B 84 14.98 -3.07 48.56
C ASN B 84 15.89 -2.03 47.92
N GLU B 85 17.17 -2.34 47.72
CA GLU B 85 18.07 -1.41 47.06
C GLU B 85 17.58 -1.09 45.65
N TYR B 86 16.86 -2.02 45.03
CA TYR B 86 16.29 -1.78 43.70
C TYR B 86 15.08 -0.86 43.78
N SER B 87 14.07 -1.22 44.58
CA SER B 87 12.92 -0.36 44.75
C SER B 87 13.33 1.02 45.28
N GLN B 88 14.24 1.05 46.26
CA GLN B 88 14.64 2.31 46.85
C GLN B 88 15.36 3.20 45.84
N PHE B 89 16.26 2.62 45.05
CA PHE B 89 17.02 3.42 44.09
C PHE B 89 16.10 4.10 43.09
N LEU B 90 15.11 3.38 42.56
CA LEU B 90 14.20 3.97 41.59
C LEU B 90 13.36 5.06 42.24
N SER B 91 12.90 4.83 43.47
CA SER B 91 12.08 5.81 44.17
C SER B 91 12.86 7.11 44.38
N GLU B 92 14.15 7.01 44.67
CA GLU B 92 14.97 8.20 44.90
C GLU B 92 15.38 8.89 43.60
N HIS B 93 15.06 8.32 42.44
CA HIS B 93 15.46 8.89 41.15
C HIS B 93 14.30 8.90 40.18
N ALA B 94 13.08 9.13 40.69
CA ALA B 94 11.90 9.34 39.85
C ALA B 94 11.58 8.12 38.99
N GLY B 95 12.00 6.94 39.45
CA GLY B 95 11.83 5.72 38.69
C GLY B 95 10.66 4.86 39.18
N SER B 96 10.32 3.88 38.35
CA SER B 96 9.30 2.89 38.71
C SER B 96 9.66 1.58 38.04
N SER B 97 9.04 0.49 38.52
CA SER B 97 9.32 -0.82 37.97
C SER B 97 8.18 -1.77 38.27
N ASN B 98 8.13 -2.85 37.50
CA ASN B 98 7.18 -3.93 37.70
C ASN B 98 7.49 -5.04 36.70
N ALA B 99 6.69 -6.09 36.69
CA ALA B 99 6.92 -7.21 35.78
C ALA B 99 5.71 -8.14 35.83
N PHE B 100 5.48 -8.86 34.75
CA PHE B 100 4.37 -9.80 34.66
C PHE B 100 4.87 -11.11 34.07
N THR B 101 4.03 -12.14 34.16
CA THR B 101 4.41 -13.50 33.77
C THR B 101 3.24 -14.15 33.05
N SER B 102 3.40 -14.41 31.75
CA SER B 102 2.42 -15.11 30.95
C SER B 102 2.84 -16.57 30.81
N GLY B 103 2.19 -17.28 29.88
CA GLY B 103 2.51 -18.68 29.69
C GLY B 103 3.86 -18.93 29.05
N GLU B 104 4.35 -17.98 28.25
CA GLU B 104 5.59 -18.17 27.49
C GLU B 104 6.62 -17.08 27.71
N HIS B 105 6.38 -16.13 28.60
CA HIS B 105 7.32 -15.02 28.79
C HIS B 105 7.32 -14.56 30.23
N THR B 106 8.47 -14.04 30.66
CA THR B 106 8.60 -13.31 31.92
C THR B 106 9.26 -11.98 31.61
N ASN B 107 8.59 -10.88 31.96
CA ASN B 107 8.88 -9.57 31.40
C ASN B 107 9.16 -8.57 32.53
N TYR B 108 10.41 -8.14 32.64
CA TYR B 108 10.85 -7.17 33.64
C TYR B 108 11.15 -5.83 32.96
N TYR B 109 10.71 -4.74 33.59
CA TYR B 109 10.89 -3.41 33.01
C TYR B 109 11.00 -2.37 34.12
N PHE B 110 11.62 -1.24 33.77
CA PHE B 110 11.74 -0.11 34.68
C PHE B 110 11.90 1.16 33.86
N ASP B 111 11.64 2.30 34.52
CA ASP B 111 12.05 3.60 34.00
C ASP B 111 12.70 4.38 35.14
N VAL B 112 13.43 5.43 34.78
CA VAL B 112 14.20 6.19 35.75
C VAL B 112 14.67 7.49 35.14
N SER B 113 15.16 8.41 35.98
CA SER B 113 15.67 9.68 35.47
C SER B 113 16.77 9.43 34.44
N HIS B 114 16.73 10.22 33.36
CA HIS B 114 17.61 9.94 32.22
C HIS B 114 19.09 10.02 32.60
N GLU B 115 19.42 10.66 33.72
CA GLU B 115 20.81 10.78 34.16
C GLU B 115 21.29 9.58 34.96
N HIS B 116 20.44 8.59 35.22
CA HIS B 116 20.81 7.46 36.06
C HIS B 116 20.47 6.13 35.38
N LEU B 117 20.46 6.10 34.06
CA LEU B 117 20.21 4.85 33.36
C LEU B 117 21.26 3.80 33.72
N GLU B 118 22.53 4.22 33.82
CA GLU B 118 23.59 3.27 34.11
C GLU B 118 23.43 2.69 35.52
N GLY B 119 23.22 3.54 36.51
CA GLY B 119 23.03 3.05 37.87
C GLY B 119 21.88 2.07 38.00
N ALA B 120 20.76 2.36 37.34
CA ALA B 120 19.61 1.47 37.39
C ALA B 120 19.85 0.19 36.59
N LEU B 121 20.41 0.34 35.38
CA LEU B 121 20.60 -0.82 34.52
C LEU B 121 21.54 -1.83 35.17
N ASP B 122 22.59 -1.35 35.85
CA ASP B 122 23.49 -2.25 36.55
C ASP B 122 22.73 -3.06 37.60
N ARG B 123 21.98 -2.37 38.47
CA ARG B 123 21.17 -3.07 39.46
C ARG B 123 20.16 -3.99 38.79
N PHE B 124 19.55 -3.53 37.69
CA PHE B 124 18.54 -4.34 37.02
C PHE B 124 19.15 -5.59 36.38
N ALA B 125 20.31 -5.44 35.73
CA ALA B 125 20.92 -6.57 35.05
C ALA B 125 21.27 -7.68 36.03
N GLN B 126 21.62 -7.30 37.26
CA GLN B 126 21.99 -8.30 38.27
C GLN B 126 20.87 -9.31 38.54
N PHE B 127 19.62 -8.99 38.19
CA PHE B 127 18.53 -9.93 38.39
C PHE B 127 18.85 -11.28 37.74
N PHE B 128 19.52 -11.25 36.58
CA PHE B 128 19.73 -12.44 35.76
C PHE B 128 21.16 -12.94 35.86
N LEU B 129 21.87 -12.61 36.94
CA LEU B 129 23.27 -12.98 37.09
C LEU B 129 23.52 -13.69 38.41
N SER B 130 23.04 -13.11 39.50
CA SER B 130 23.25 -13.66 40.83
C SER B 130 22.17 -13.20 41.79
N PRO B 131 20.94 -13.67 41.64
CA PRO B 131 19.89 -13.30 42.58
C PRO B 131 20.02 -14.04 43.90
N LEU B 132 19.60 -13.37 44.98
CA LEU B 132 19.79 -13.93 46.31
C LEU B 132 18.81 -15.07 46.59
N PHE B 133 17.52 -14.83 46.38
CA PHE B 133 16.48 -15.76 46.81
C PHE B 133 16.60 -16.05 48.31
N ASP B 134 16.77 -14.98 49.08
CA ASP B 134 16.94 -15.12 50.52
C ASP B 134 15.78 -15.89 51.13
N GLU B 135 16.12 -16.91 51.92
CA GLU B 135 15.09 -17.75 52.53
C GLU B 135 14.12 -16.93 53.38
N SER B 136 14.64 -15.92 54.09
CA SER B 136 13.79 -15.09 54.92
C SER B 136 12.72 -14.38 54.10
N ALA B 137 13.10 -13.81 52.95
CA ALA B 137 12.13 -13.12 52.12
C ALA B 137 11.18 -14.09 51.44
N LYS B 138 11.65 -15.30 51.12
CA LYS B 138 10.78 -16.28 50.47
C LYS B 138 9.56 -16.60 51.34
N ASP B 139 9.80 -16.86 52.62
CA ASP B 139 8.69 -17.17 53.52
C ASP B 139 7.73 -16.00 53.68
N ARG B 140 8.18 -14.79 53.33
CA ARG B 140 7.33 -13.60 53.42
C ARG B 140 6.59 -13.31 52.12
N GLU B 141 7.30 -13.37 50.99
CA GLU B 141 6.71 -12.97 49.72
C GLU B 141 5.64 -13.96 49.24
N VAL B 142 5.60 -15.17 49.78
CA VAL B 142 4.55 -16.11 49.40
C VAL B 142 3.18 -15.56 49.79
N ASN B 143 3.13 -14.71 50.82
CA ASN B 143 1.87 -14.08 51.19
C ASN B 143 1.46 -13.03 50.14
N ALA B 144 2.43 -12.32 49.57
CA ALA B 144 2.11 -11.40 48.48
C ALA B 144 1.51 -12.15 47.29
N VAL B 145 2.02 -13.36 47.04
CA VAL B 145 1.46 -14.18 45.96
C VAL B 145 0.11 -14.76 46.38
N ASP B 146 -0.02 -15.14 47.65
CA ASP B 146 -1.28 -15.70 48.14
C ASP B 146 -2.38 -14.64 48.15
N SER B 147 -2.05 -13.41 48.58
CA SER B 147 -3.02 -12.33 48.53
C SER B 147 -3.43 -12.02 47.09
N GLU B 148 -2.48 -12.04 46.15
CA GLU B 148 -2.83 -11.78 44.76
C GLU B 148 -3.84 -12.79 44.24
N HIS B 149 -3.62 -14.07 44.54
CA HIS B 149 -4.58 -15.09 44.12
C HIS B 149 -5.91 -14.91 44.81
N GLU B 150 -5.90 -14.63 46.11
CA GLU B 150 -7.15 -14.47 46.85
C GLU B 150 -8.02 -13.38 46.21
N LYS B 151 -7.41 -12.25 45.88
CA LYS B 151 -8.10 -11.21 45.12
C LYS B 151 -8.84 -11.80 43.93
N ASN B 152 -8.18 -12.65 43.17
CA ASN B 152 -8.73 -13.20 41.94
C ASN B 152 -9.73 -14.34 42.18
N VAL B 153 -9.73 -14.94 43.38
CA VAL B 153 -10.55 -16.12 43.63
C VAL B 153 -12.02 -15.81 43.34
N MET B 154 -12.47 -14.61 43.70
CA MET B 154 -13.86 -14.21 43.52
C MET B 154 -14.05 -13.30 42.31
N ASN B 155 -13.21 -13.46 41.29
CA ASN B 155 -13.29 -12.67 40.07
C ASN B 155 -13.82 -13.57 38.95
N ASP B 156 -14.86 -13.09 38.25
CA ASP B 156 -15.52 -13.92 37.25
C ASP B 156 -14.62 -14.17 36.04
N ALA B 157 -13.73 -13.23 35.71
CA ALA B 157 -12.87 -13.42 34.55
C ALA B 157 -11.78 -14.44 34.85
N TRP B 158 -11.21 -14.42 36.06
CA TRP B 158 -10.21 -15.41 36.43
C TRP B 158 -10.82 -16.80 36.54
N ARG B 159 -12.02 -16.89 37.11
CA ARG B 159 -12.63 -18.20 37.31
C ARG B 159 -12.93 -18.86 35.96
N LEU B 160 -13.33 -18.08 34.96
CA LEU B 160 -13.52 -18.63 33.63
C LEU B 160 -12.18 -18.95 32.99
N PHE B 161 -11.22 -18.03 33.11
CA PHE B 161 -9.87 -18.25 32.61
C PHE B 161 -9.35 -19.64 33.03
N GLN B 162 -9.25 -19.86 34.33
CA GLN B 162 -8.73 -21.13 34.83
C GLN B 162 -9.67 -22.30 34.58
N LEU B 163 -10.95 -22.03 34.36
CA LEU B 163 -11.90 -23.11 34.08
C LEU B 163 -11.62 -23.75 32.73
N GLU B 164 -11.43 -22.93 31.68
CA GLU B 164 -11.11 -23.47 30.36
C GLU B 164 -9.87 -24.35 30.42
N LYS B 165 -8.82 -23.89 31.11
CA LYS B 165 -7.61 -24.67 31.26
C LYS B 165 -7.92 -26.06 31.79
N ALA B 166 -8.72 -26.12 32.87
CA ALA B 166 -9.03 -27.40 33.50
C ALA B 166 -9.96 -28.26 32.65
N THR B 167 -10.70 -27.67 31.72
CA THR B 167 -11.71 -28.40 30.98
C THR B 167 -11.13 -29.18 29.80
N GLY B 168 -9.94 -28.85 29.35
CA GLY B 168 -9.31 -29.53 28.23
C GLY B 168 -8.56 -30.77 28.66
N ASN B 169 -7.54 -31.12 27.88
CA ASN B 169 -6.70 -32.25 28.22
C ASN B 169 -6.00 -31.98 29.55
N PRO B 170 -6.18 -32.82 30.57
CA PRO B 170 -5.52 -32.57 31.86
C PRO B 170 -4.03 -32.82 31.85
N LYS B 171 -3.50 -33.54 30.84
CA LYS B 171 -2.07 -33.77 30.74
C LYS B 171 -1.33 -32.59 30.14
N HIS B 172 -2.02 -31.69 29.44
CA HIS B 172 -1.40 -30.59 28.71
C HIS B 172 -1.01 -29.47 29.67
N PRO B 173 0.18 -28.89 29.50
CA PRO B 173 0.58 -27.77 30.37
C PRO B 173 -0.41 -26.63 30.38
N PHE B 174 -1.30 -26.56 29.39
CA PHE B 174 -2.31 -25.50 29.39
C PHE B 174 -3.18 -25.57 30.64
N SER B 175 -3.42 -26.78 31.15
CA SER B 175 -4.24 -26.98 32.35
C SER B 175 -3.53 -26.60 33.63
N LYS B 176 -2.27 -26.17 33.57
CA LYS B 176 -1.51 -25.90 34.78
C LYS B 176 -2.07 -24.68 35.51
N PHE B 177 -2.02 -24.74 36.84
CA PHE B 177 -2.29 -23.56 37.65
C PHE B 177 -1.10 -22.61 37.56
N GLY B 178 -1.37 -21.34 37.28
CA GLY B 178 -0.31 -20.40 37.00
C GLY B 178 -0.01 -19.40 38.10
N THR B 179 -1.05 -18.76 38.63
CA THR B 179 -0.84 -17.68 39.59
C THR B 179 -0.03 -18.15 40.79
N GLY B 180 -0.30 -19.37 41.27
CA GLY B 180 0.32 -19.88 42.48
C GLY B 180 -0.27 -19.25 43.73
N ASN B 181 -0.30 -20.02 44.82
CA ASN B 181 -0.79 -19.52 46.10
C ASN B 181 0.08 -20.12 47.20
N LYS B 182 -0.38 -19.96 48.45
CA LYS B 182 0.40 -20.44 49.58
C LYS B 182 0.46 -21.97 49.60
N TYR B 183 -0.56 -22.63 49.08
CA TYR B 183 -0.57 -24.10 49.04
C TYR B 183 0.50 -24.64 48.10
N THR B 184 0.46 -24.23 46.83
CA THR B 184 1.37 -24.79 45.84
C THR B 184 2.81 -24.35 46.05
N LEU B 185 3.05 -23.33 46.87
CA LEU B 185 4.39 -22.78 47.06
C LEU B 185 4.93 -22.96 48.48
N GLU B 186 4.11 -23.40 49.43
CA GLU B 186 4.62 -23.63 50.78
C GLU B 186 4.01 -24.88 51.42
N THR B 187 2.68 -24.91 51.54
CA THR B 187 2.02 -25.99 52.26
C THR B 187 2.30 -27.34 51.62
N ARG B 188 2.07 -27.47 50.30
CA ARG B 188 2.20 -28.74 49.60
C ARG B 188 3.67 -29.11 49.42
N PRO B 189 4.53 -28.15 49.03
CA PRO B 189 5.96 -28.48 48.90
C PRO B 189 6.59 -28.95 50.21
N ASN B 190 6.39 -28.21 51.31
CA ASN B 190 6.91 -28.64 52.59
C ASN B 190 6.33 -29.98 53.04
N GLN B 191 5.19 -30.39 52.47
CA GLN B 191 4.64 -31.70 52.78
C GLN B 191 5.27 -32.81 51.93
N GLU B 192 5.66 -32.50 50.69
CA GLU B 192 6.36 -33.45 49.83
C GLU B 192 7.88 -33.35 49.94
N GLY B 193 8.40 -32.59 50.90
CA GLY B 193 9.83 -32.51 51.15
C GLY B 193 10.61 -31.59 50.23
N ILE B 194 9.96 -30.99 49.23
CA ILE B 194 10.68 -30.19 48.24
C ILE B 194 11.20 -28.92 48.88
N ASP B 195 12.44 -28.57 48.57
CA ASP B 195 13.01 -27.27 48.94
C ASP B 195 12.71 -26.27 47.83
N VAL B 196 11.83 -25.32 48.13
CA VAL B 196 11.41 -24.39 47.09
C VAL B 196 12.57 -23.50 46.63
N ARG B 197 13.46 -23.14 47.56
CA ARG B 197 14.56 -22.27 47.20
C ARG B 197 15.50 -22.95 46.20
N GLN B 198 15.61 -24.28 46.26
CA GLN B 198 16.37 -25.00 45.25
C GLN B 198 15.65 -24.99 43.91
N GLU B 199 14.34 -25.24 43.93
CA GLU B 199 13.57 -25.25 42.70
C GLU B 199 13.55 -23.87 42.04
N LEU B 200 13.69 -22.81 42.83
CA LEU B 200 13.82 -21.48 42.25
C LEU B 200 15.16 -21.32 41.56
N LEU B 201 16.24 -21.81 42.18
CA LEU B 201 17.56 -21.72 41.55
C LEU B 201 17.68 -22.75 40.43
N LYS B 202 17.15 -23.96 40.64
CA LYS B 202 17.12 -24.96 39.59
C LYS B 202 16.40 -24.41 38.35
N PHE B 203 15.27 -23.73 38.56
CA PHE B 203 14.53 -23.14 37.45
C PHE B 203 15.30 -21.97 36.86
N HIS B 204 15.69 -21.02 37.71
CA HIS B 204 16.46 -19.86 37.23
C HIS B 204 17.69 -20.30 36.46
N SER B 205 18.48 -21.21 37.04
CA SER B 205 19.72 -21.64 36.41
C SER B 205 19.45 -22.40 35.11
N ALA B 206 18.33 -23.10 35.02
CA ALA B 206 18.05 -23.94 33.86
C ALA B 206 17.41 -23.16 32.71
N TYR B 207 16.41 -22.33 33.01
CA TYR B 207 15.63 -21.68 31.97
C TYR B 207 16.02 -20.23 31.70
N TYR B 208 16.51 -19.51 32.71
CA TYR B 208 16.93 -18.11 32.51
C TYR B 208 18.28 -18.06 31.78
N SER B 209 18.26 -18.60 30.56
CA SER B 209 19.42 -18.61 29.69
C SER B 209 19.46 -17.35 28.82
N SER B 210 20.67 -17.01 28.38
CA SER B 210 20.84 -15.81 27.56
C SER B 210 20.24 -15.98 26.18
N ASN B 211 20.19 -17.22 25.67
CA ASN B 211 19.64 -17.44 24.33
C ASN B 211 18.14 -17.20 24.29
N LEU B 212 17.47 -17.22 25.44
CA LEU B 212 16.03 -16.99 25.52
C LEU B 212 15.69 -15.59 26.05
N MET B 213 16.61 -14.64 25.92
CA MET B 213 16.43 -13.30 26.46
C MET B 213 16.39 -12.26 25.35
N ALA B 214 15.63 -11.20 25.59
CA ALA B 214 15.56 -10.05 24.70
C ALA B 214 15.63 -8.79 25.55
N VAL B 215 16.42 -7.81 25.11
CA VAL B 215 16.70 -6.62 25.90
C VAL B 215 16.41 -5.38 25.06
N VAL B 216 15.76 -4.40 25.70
CA VAL B 216 15.51 -3.09 25.10
C VAL B 216 15.96 -2.04 26.10
N VAL B 217 16.79 -1.09 25.63
CA VAL B 217 17.30 -0.02 26.47
C VAL B 217 17.04 1.30 25.77
N LEU B 218 16.37 2.22 26.48
CA LEU B 218 15.98 3.52 25.95
C LEU B 218 16.57 4.62 26.82
N GLY B 219 17.40 5.47 26.22
CA GLY B 219 18.02 6.55 26.96
C GLY B 219 18.45 7.69 26.06
N ARG B 220 18.81 8.80 26.70
CA ARG B 220 19.29 9.97 25.97
C ARG B 220 20.64 9.73 25.30
N GLU B 221 21.42 8.80 25.83
CA GLU B 221 22.78 8.59 25.34
C GLU B 221 22.78 8.19 23.87
N SER B 222 23.93 8.37 23.23
CA SER B 222 24.10 7.99 21.84
C SER B 222 23.94 6.48 21.68
N LEU B 223 23.70 6.06 20.43
CA LEU B 223 23.52 4.63 20.18
C LEU B 223 24.78 3.84 20.47
N ASP B 224 25.96 4.45 20.30
CA ASP B 224 27.20 3.74 20.61
C ASP B 224 27.42 3.63 22.12
N ASP B 225 27.30 4.75 22.84
CA ASP B 225 27.41 4.68 24.29
C ASP B 225 26.41 3.68 24.88
N LEU B 226 25.19 3.67 24.34
CA LEU B 226 24.21 2.67 24.79
C LEU B 226 24.68 1.27 24.44
N THR B 227 25.30 1.10 23.26
CA THR B 227 25.78 -0.22 22.87
C THR B 227 26.88 -0.70 23.80
N ASN B 228 27.81 0.19 24.16
CA ASN B 228 28.86 -0.17 25.10
C ASN B 228 28.27 -0.51 26.46
N LEU B 229 27.32 0.28 26.94
CA LEU B 229 26.67 0.01 28.22
C LEU B 229 25.97 -1.35 28.20
N VAL B 230 25.21 -1.63 27.15
CA VAL B 230 24.44 -2.86 27.09
C VAL B 230 25.36 -4.08 27.08
N VAL B 231 26.40 -4.04 26.25
CA VAL B 231 27.31 -5.18 26.15
C VAL B 231 28.07 -5.36 27.45
N LYS B 232 28.50 -4.26 28.07
CA LYS B 232 29.23 -4.33 29.33
C LYS B 232 28.45 -5.12 30.37
N LEU B 233 27.17 -4.79 30.55
CA LEU B 233 26.40 -5.34 31.66
C LEU B 233 25.80 -6.70 31.34
N PHE B 234 25.46 -6.97 30.07
CA PHE B 234 24.69 -8.15 29.73
C PHE B 234 25.47 -9.23 29.00
N SER B 235 26.61 -8.91 28.40
CA SER B 235 27.41 -9.93 27.74
C SER B 235 27.91 -10.99 28.70
N GLU B 236 27.84 -10.72 30.01
CA GLU B 236 28.27 -11.67 31.03
C GLU B 236 27.15 -12.61 31.47
N VAL B 237 25.97 -12.52 30.86
CA VAL B 237 24.91 -13.48 31.12
C VAL B 237 25.26 -14.80 30.42
N GLU B 238 24.97 -15.91 31.08
CA GLU B 238 25.42 -17.21 30.62
C GLU B 238 24.42 -17.82 29.64
N ASN B 239 24.94 -18.46 28.60
CA ASN B 239 24.14 -19.11 27.58
C ASN B 239 24.11 -20.60 27.85
N LYS B 240 22.92 -21.14 28.08
CA LYS B 240 22.74 -22.57 28.37
C LYS B 240 22.15 -23.33 27.19
N ASN B 241 21.87 -22.65 26.07
CA ASN B 241 21.31 -23.29 24.89
C ASN B 241 20.03 -24.06 25.24
N VAL B 242 19.19 -23.44 26.05
CA VAL B 242 17.89 -24.04 26.36
C VAL B 242 17.06 -24.10 25.08
N PRO B 243 16.54 -25.27 24.70
CA PRO B 243 15.64 -25.31 23.54
C PRO B 243 14.34 -24.61 23.85
N LEU B 244 13.87 -23.82 22.88
CA LEU B 244 12.63 -23.09 23.06
C LEU B 244 11.46 -24.05 23.18
N PRO B 245 10.70 -24.01 24.27
CA PRO B 245 9.58 -24.95 24.42
C PRO B 245 8.47 -24.62 23.43
N GLU B 246 7.92 -25.66 22.81
CA GLU B 246 6.78 -25.51 21.93
C GLU B 246 5.81 -26.67 22.16
N PHE B 247 4.52 -26.39 21.94
CA PHE B 247 3.42 -27.29 22.30
C PHE B 247 2.60 -27.57 21.05
N PRO B 248 3.01 -28.55 20.24
CA PRO B 248 2.26 -28.82 19.00
C PRO B 248 0.91 -29.46 19.26
N GLU B 249 0.80 -30.29 20.31
CA GLU B 249 -0.47 -30.91 20.64
C GLU B 249 -1.48 -29.84 21.07
N HIS B 250 -2.66 -29.88 20.48
CA HIS B 250 -3.63 -28.89 20.94
C HIS B 250 -4.25 -29.35 22.24
N PRO B 251 -4.53 -28.43 23.18
CA PRO B 251 -5.13 -28.85 24.45
C PRO B 251 -6.52 -29.44 24.31
N PHE B 252 -7.25 -29.12 23.24
CA PHE B 252 -8.59 -29.60 23.00
C PHE B 252 -8.57 -30.64 21.88
N GLN B 253 -8.79 -31.90 22.24
CA GLN B 253 -8.86 -32.99 21.29
C GLN B 253 -10.31 -33.33 20.99
N GLU B 254 -10.56 -34.50 20.40
CA GLU B 254 -11.91 -34.85 19.96
C GLU B 254 -12.90 -34.82 21.11
N GLU B 255 -12.60 -35.56 22.18
CA GLU B 255 -13.54 -35.68 23.29
C GLU B 255 -13.89 -34.35 23.93
N HIS B 256 -13.07 -33.31 23.71
CA HIS B 256 -13.34 -32.00 24.28
C HIS B 256 -14.17 -31.10 23.37
N LEU B 257 -14.59 -31.59 22.21
CA LEU B 257 -15.36 -30.79 21.26
C LEU B 257 -16.84 -31.19 21.30
N LYS B 258 -17.68 -30.28 20.81
CA LYS B 258 -19.13 -30.45 20.84
C LYS B 258 -19.61 -30.62 22.29
N GLN B 259 -18.99 -29.88 23.19
CA GLN B 259 -19.34 -29.88 24.60
C GLN B 259 -19.92 -28.53 24.99
N LEU B 260 -20.79 -28.54 26.00
CA LEU B 260 -21.45 -27.35 26.50
C LEU B 260 -21.26 -27.25 28.00
N TYR B 261 -21.01 -26.04 28.49
CA TYR B 261 -20.73 -25.83 29.90
C TYR B 261 -21.66 -24.74 30.43
N LYS B 262 -22.30 -25.02 31.56
CA LYS B 262 -23.22 -24.09 32.21
C LYS B 262 -22.59 -23.69 33.54
N ILE B 263 -22.22 -22.42 33.64
CA ILE B 263 -21.34 -21.93 34.69
C ILE B 263 -22.07 -20.88 35.51
N VAL B 264 -21.94 -20.98 36.83
CA VAL B 264 -22.56 -20.03 37.76
C VAL B 264 -21.57 -18.90 37.99
N PRO B 265 -21.92 -17.65 37.67
CA PRO B 265 -21.03 -16.53 37.96
C PRO B 265 -21.29 -15.95 39.35
N ILE B 266 -20.31 -15.19 39.83
CA ILE B 266 -20.47 -14.50 41.11
C ILE B 266 -21.31 -13.25 40.94
N LYS B 267 -20.95 -12.39 39.99
CA LYS B 267 -21.82 -11.30 39.60
C LYS B 267 -23.07 -11.85 38.93
N ASP B 268 -24.03 -10.97 38.66
CA ASP B 268 -25.22 -11.35 37.90
C ASP B 268 -24.97 -10.94 36.47
N ILE B 269 -24.43 -11.87 35.67
CA ILE B 269 -24.10 -11.61 34.27
C ILE B 269 -24.66 -12.75 33.43
N ARG B 270 -24.76 -12.48 32.14
CA ARG B 270 -25.31 -13.44 31.17
C ARG B 270 -24.42 -13.37 29.92
N ASN B 271 -23.53 -14.34 29.80
CA ASN B 271 -22.54 -14.33 28.71
C ASN B 271 -22.51 -15.69 28.03
N LEU B 272 -22.08 -15.67 26.77
CA LEU B 272 -22.03 -16.87 25.93
C LEU B 272 -20.71 -16.84 25.17
N TYR B 273 -19.90 -17.89 25.34
CA TYR B 273 -18.60 -17.98 24.71
C TYR B 273 -18.59 -19.15 23.75
N VAL B 274 -18.24 -18.90 22.50
CA VAL B 274 -18.12 -19.92 21.47
C VAL B 274 -16.65 -19.95 21.04
N THR B 275 -16.02 -21.11 21.17
CA THR B 275 -14.60 -21.26 20.91
C THR B 275 -14.38 -22.33 19.86
N PHE B 276 -13.36 -22.11 19.02
CA PHE B 276 -12.92 -23.10 18.05
C PHE B 276 -11.41 -23.23 18.19
N PRO B 277 -10.88 -24.44 18.36
CA PRO B 277 -9.43 -24.62 18.36
C PRO B 277 -8.87 -24.46 16.96
N ILE B 278 -7.76 -23.75 16.87
CA ILE B 278 -7.09 -23.51 15.57
C ILE B 278 -5.59 -23.64 15.76
N PRO B 279 -4.86 -23.83 14.66
CA PRO B 279 -3.41 -23.97 14.76
C PRO B 279 -2.75 -22.63 15.03
N ASP B 280 -1.46 -22.69 15.32
CA ASP B 280 -0.68 -21.51 15.67
C ASP B 280 -0.50 -20.65 14.42
N LEU B 281 -1.36 -19.63 14.27
CA LEU B 281 -1.29 -18.73 13.14
C LEU B 281 -0.16 -17.70 13.25
N GLN B 282 0.65 -17.79 14.31
CA GLN B 282 1.67 -16.77 14.53
C GLN B 282 2.61 -16.63 13.34
N LYS B 283 2.89 -17.74 12.63
CA LYS B 283 3.87 -17.67 11.56
C LYS B 283 3.33 -16.95 10.33
N TYR B 284 2.00 -16.95 10.14
CA TYR B 284 1.39 -16.23 9.03
C TYR B 284 1.15 -14.75 9.36
N TYR B 285 2.05 -14.16 10.17
CA TYR B 285 1.82 -12.81 10.68
C TYR B 285 1.78 -11.77 9.58
N LYS B 286 2.47 -12.03 8.47
CA LYS B 286 2.51 -11.05 7.38
C LYS B 286 1.13 -10.81 6.81
N SER B 287 0.34 -11.87 6.66
CA SER B 287 -1.01 -11.77 6.12
C SER B 287 -2.08 -11.68 7.20
N ASN B 288 -1.87 -12.36 8.34
CA ASN B 288 -2.75 -12.26 9.50
C ASN B 288 -4.18 -12.63 9.15
N PRO B 289 -4.44 -13.91 8.85
CA PRO B 289 -5.82 -14.31 8.53
C PRO B 289 -6.75 -14.30 9.74
N GLY B 290 -6.21 -14.39 10.95
CA GLY B 290 -7.05 -14.35 12.13
C GLY B 290 -7.77 -13.03 12.31
N HIS B 291 -7.10 -11.93 11.98
CA HIS B 291 -7.70 -10.61 12.14
C HIS B 291 -8.62 -10.24 10.99
N TYR B 292 -8.43 -10.83 9.81
CA TYR B 292 -9.39 -10.65 8.73
C TYR B 292 -10.75 -11.20 9.12
N LEU B 293 -10.77 -12.43 9.65
CA LEU B 293 -12.03 -13.01 10.10
C LEU B 293 -12.51 -12.35 11.38
N GLY B 294 -11.59 -12.07 12.31
CA GLY B 294 -11.97 -11.34 13.51
C GLY B 294 -12.52 -9.97 13.18
N HIS B 295 -12.06 -9.37 12.07
CA HIS B 295 -12.58 -8.08 11.66
C HIS B 295 -14.04 -8.19 11.21
N LEU B 296 -14.35 -9.19 10.37
CA LEU B 296 -15.68 -9.31 9.82
C LEU B 296 -16.69 -9.83 10.85
N ILE B 297 -16.32 -10.87 11.60
CA ILE B 297 -17.23 -11.40 12.61
C ILE B 297 -17.52 -10.35 13.67
N GLY B 298 -16.47 -9.81 14.28
CA GLY B 298 -16.64 -8.80 15.31
C GLY B 298 -17.03 -7.43 14.80
N HIS B 299 -17.36 -7.31 13.52
CA HIS B 299 -17.80 -6.03 12.98
C HIS B 299 -19.15 -5.64 13.55
N GLU B 300 -19.30 -4.36 13.88
CA GLU B 300 -20.54 -3.85 14.47
C GLU B 300 -21.34 -2.99 13.51
N GLY B 301 -20.97 -2.95 12.23
CA GLY B 301 -21.64 -2.09 11.28
C GLY B 301 -22.94 -2.68 10.78
N PRO B 302 -23.57 -1.97 9.85
CA PRO B 302 -24.85 -2.42 9.31
C PRO B 302 -24.72 -3.77 8.61
N GLY B 303 -25.75 -4.60 8.76
CA GLY B 303 -25.74 -5.92 8.18
C GLY B 303 -24.82 -6.90 8.86
N SER B 304 -24.22 -6.53 9.99
CA SER B 304 -23.27 -7.37 10.69
C SER B 304 -23.98 -8.42 11.54
N LEU B 305 -23.19 -9.35 12.08
CA LEU B 305 -23.75 -10.37 12.96
C LEU B 305 -24.39 -9.75 14.19
N LEU B 306 -23.74 -8.74 14.78
CA LEU B 306 -24.27 -8.12 15.99
C LEU B 306 -25.63 -7.47 15.73
N SER B 307 -25.77 -6.77 14.60
CA SER B 307 -26.99 -6.01 14.33
C SER B 307 -28.23 -6.89 14.39
N GLU B 308 -28.15 -8.09 13.82
CA GLU B 308 -29.33 -8.97 13.82
C GLU B 308 -29.54 -9.59 15.20
N LEU B 309 -28.47 -10.07 15.84
CA LEU B 309 -28.60 -10.51 17.22
C LEU B 309 -29.05 -9.37 18.13
N LYS B 310 -28.67 -8.14 17.81
CA LYS B 310 -29.16 -6.98 18.54
C LYS B 310 -30.61 -6.69 18.20
N SER B 311 -30.94 -6.66 16.91
CA SER B 311 -32.30 -6.36 16.50
C SER B 311 -33.30 -7.35 17.07
N LYS B 312 -32.91 -8.62 17.21
CA LYS B 312 -33.76 -9.60 17.86
C LYS B 312 -33.71 -9.51 19.38
N GLY B 313 -33.08 -8.45 19.93
CA GLY B 313 -33.08 -8.23 21.36
C GLY B 313 -32.43 -9.32 22.17
N TRP B 314 -31.45 -10.01 21.60
CA TRP B 314 -30.80 -11.14 22.26
C TRP B 314 -29.47 -10.78 22.92
N VAL B 315 -28.64 -9.97 22.25
CA VAL B 315 -27.34 -9.58 22.78
C VAL B 315 -27.22 -8.06 22.71
N ASN B 316 -26.14 -7.55 23.31
CA ASN B 316 -25.87 -6.12 23.31
C ASN B 316 -24.48 -5.85 22.75
N THR B 317 -23.55 -6.77 23.02
CA THR B 317 -22.17 -6.64 22.57
C THR B 317 -21.73 -7.96 21.93
N LEU B 318 -20.86 -7.85 20.94
CA LEU B 318 -20.25 -9.01 20.31
C LEU B 318 -18.76 -8.77 20.15
N VAL B 319 -17.97 -9.80 20.44
CA VAL B 319 -16.52 -9.74 20.38
C VAL B 319 -16.04 -10.96 19.62
N GLY B 320 -15.13 -10.75 18.68
CA GLY B 320 -14.63 -11.84 17.86
C GLY B 320 -13.20 -11.59 17.44
N GLY B 321 -12.52 -12.68 17.10
CA GLY B 321 -11.13 -12.63 16.70
C GLY B 321 -10.35 -13.83 17.21
N GLN B 322 -9.06 -13.87 16.90
CA GLN B 322 -8.22 -14.96 17.37
C GLN B 322 -7.79 -14.70 18.81
N LYS B 323 -7.77 -15.77 19.61
CA LYS B 323 -7.36 -15.70 21.00
C LYS B 323 -6.01 -16.41 21.16
N GLU B 324 -5.08 -15.75 21.82
CA GLU B 324 -3.71 -16.23 21.85
C GLU B 324 -3.58 -17.51 22.66
N GLY B 325 -2.72 -18.41 22.18
CA GLY B 325 -2.26 -19.54 22.95
C GLY B 325 -0.79 -19.78 22.69
N ALA B 326 -0.21 -20.69 23.47
CA ALA B 326 1.22 -20.95 23.35
C ALA B 326 1.58 -21.36 21.92
N ARG B 327 2.89 -21.43 21.67
CA ARG B 327 3.39 -21.86 20.36
C ARG B 327 2.83 -23.22 19.97
N GLY B 328 2.04 -23.23 18.89
CA GLY B 328 1.48 -24.46 18.37
C GLY B 328 -0.01 -24.60 18.51
N PHE B 329 -0.69 -23.62 19.10
CA PHE B 329 -2.14 -23.68 19.21
C PHE B 329 -2.69 -22.30 19.53
N MET B 330 -3.84 -21.99 18.95
CA MET B 330 -4.56 -20.75 19.19
C MET B 330 -6.03 -21.11 19.37
N PHE B 331 -6.83 -20.10 19.67
CA PHE B 331 -8.28 -20.28 19.76
C PHE B 331 -8.96 -19.19 18.94
N PHE B 332 -10.26 -19.39 18.73
CA PHE B 332 -11.11 -18.40 18.10
C PHE B 332 -12.37 -18.27 18.96
N ILE B 333 -12.57 -17.09 19.53
CA ILE B 333 -13.66 -16.87 20.48
C ILE B 333 -14.67 -15.93 19.85
N ILE B 334 -15.94 -16.13 20.19
CA ILE B 334 -17.00 -15.18 19.92
C ILE B 334 -17.73 -14.94 21.23
N ASN B 335 -17.68 -13.71 21.72
CA ASN B 335 -18.22 -13.34 23.02
C ASN B 335 -19.40 -12.41 22.79
N VAL B 336 -20.58 -12.83 23.26
CA VAL B 336 -21.77 -11.98 23.27
C VAL B 336 -22.37 -12.03 24.66
N ASP B 337 -22.77 -10.87 25.17
CA ASP B 337 -23.61 -10.85 26.35
C ASP B 337 -25.02 -11.29 25.98
N LEU B 338 -25.80 -11.66 26.99
CA LEU B 338 -27.12 -12.23 26.79
C LEU B 338 -28.16 -11.39 27.52
N THR B 339 -29.18 -10.96 26.78
CA THR B 339 -30.37 -10.37 27.39
C THR B 339 -31.16 -11.47 28.10
N GLU B 340 -32.23 -11.06 28.79
CA GLU B 340 -33.12 -12.04 29.40
C GLU B 340 -33.64 -13.01 28.34
N GLU B 341 -34.06 -12.49 27.20
CA GLU B 341 -34.57 -13.34 26.13
C GLU B 341 -33.43 -14.10 25.44
N GLY B 342 -32.31 -13.42 25.21
CA GLY B 342 -31.17 -14.09 24.61
C GLY B 342 -30.75 -15.34 25.36
N LEU B 343 -30.91 -15.33 26.69
CA LEU B 343 -30.55 -16.49 27.48
C LEU B 343 -31.32 -17.73 27.04
N LEU B 344 -32.58 -17.55 26.64
CA LEU B 344 -33.42 -18.68 26.25
C LEU B 344 -33.22 -19.12 24.81
N HIS B 345 -32.51 -18.33 24.00
CA HIS B 345 -32.35 -18.59 22.58
C HIS B 345 -30.88 -18.82 22.22
N VAL B 346 -30.13 -19.48 23.10
CA VAL B 346 -28.72 -19.72 22.81
C VAL B 346 -28.57 -20.59 21.56
N GLU B 347 -29.46 -21.58 21.40
CA GLU B 347 -29.42 -22.41 20.20
C GLU B 347 -29.57 -21.56 18.94
N ASP B 348 -30.54 -20.63 18.94
CA ASP B 348 -30.77 -19.80 17.77
C ASP B 348 -29.65 -18.78 17.58
N ILE B 349 -29.16 -18.20 18.68
CA ILE B 349 -28.06 -17.24 18.58
C ILE B 349 -26.85 -17.91 17.91
N ILE B 350 -26.46 -19.08 18.39
CA ILE B 350 -25.31 -19.78 17.83
C ILE B 350 -25.59 -20.16 16.38
N LEU B 351 -26.82 -20.53 16.07
CA LEU B 351 -27.20 -20.76 14.68
C LEU B 351 -26.92 -19.52 13.84
N HIS B 352 -27.45 -18.37 14.27
CA HIS B 352 -27.17 -17.12 13.58
C HIS B 352 -25.68 -16.89 13.40
N MET B 353 -24.86 -17.40 14.33
CA MET B 353 -23.41 -17.29 14.16
C MET B 353 -22.94 -18.05 12.93
N PHE B 354 -23.33 -19.34 12.82
CA PHE B 354 -22.87 -20.14 11.69
C PHE B 354 -23.51 -19.69 10.39
N GLN B 355 -24.70 -19.09 10.45
CA GLN B 355 -25.30 -18.51 9.25
C GLN B 355 -24.41 -17.41 8.69
N TYR B 356 -23.85 -16.58 9.57
CA TYR B 356 -22.94 -15.53 9.13
C TYR B 356 -21.65 -16.12 8.57
N ILE B 357 -21.10 -17.14 9.22
CA ILE B 357 -19.88 -17.78 8.73
C ILE B 357 -20.10 -18.36 7.35
N GLN B 358 -21.22 -19.06 7.15
CA GLN B 358 -21.53 -19.61 5.83
C GLN B 358 -21.56 -18.51 4.77
N LYS B 359 -22.07 -17.33 5.16
CA LYS B 359 -22.02 -16.19 4.24
C LYS B 359 -20.58 -15.88 3.84
N LEU B 360 -19.66 -15.89 4.80
CA LEU B 360 -18.26 -15.59 4.49
C LEU B 360 -17.64 -16.66 3.60
N ARG B 361 -18.10 -17.91 3.71
CA ARG B 361 -17.57 -18.97 2.86
C ARG B 361 -18.08 -18.83 1.44
N ALA B 362 -19.33 -18.42 1.28
CA ALA B 362 -19.92 -18.33 -0.06
C ALA B 362 -19.40 -17.13 -0.83
N GLU B 363 -19.15 -16.01 -0.15
CA GLU B 363 -18.54 -14.86 -0.81
C GLU B 363 -17.03 -14.99 -0.91
N GLY B 364 -16.41 -15.76 -0.03
CA GLY B 364 -14.98 -15.97 -0.07
C GLY B 364 -14.23 -14.74 0.40
N PRO B 365 -12.91 -14.85 0.51
CA PRO B 365 -12.12 -13.69 0.93
C PRO B 365 -12.29 -12.54 -0.05
N GLN B 366 -12.38 -11.33 0.51
CA GLN B 366 -12.57 -10.11 -0.27
C GLN B 366 -11.28 -9.31 -0.18
N GLU B 367 -10.55 -9.22 -1.29
CA GLU B 367 -9.26 -8.53 -1.27
C GLU B 367 -9.41 -7.06 -0.92
N TRP B 368 -10.50 -6.42 -1.33
CA TRP B 368 -10.66 -4.99 -1.03
C TRP B 368 -10.74 -4.75 0.47
N VAL B 369 -11.30 -5.71 1.21
CA VAL B 369 -11.33 -5.60 2.66
C VAL B 369 -9.91 -5.61 3.22
N PHE B 370 -9.11 -6.62 2.84
CA PHE B 370 -7.74 -6.69 3.31
C PHE B 370 -6.96 -5.42 2.94
N GLN B 371 -7.17 -4.89 1.74
CA GLN B 371 -6.49 -3.66 1.35
C GLN B 371 -6.91 -2.50 2.25
N GLU B 372 -8.18 -2.48 2.68
CA GLU B 372 -8.61 -1.45 3.60
C GLU B 372 -7.88 -1.57 4.93
N LEU B 373 -7.78 -2.80 5.46
CA LEU B 373 -7.05 -2.99 6.71
C LEU B 373 -5.56 -2.68 6.53
N LYS B 374 -4.98 -3.09 5.40
CA LYS B 374 -3.57 -2.82 5.16
C LYS B 374 -3.30 -1.32 5.04
N ASP B 375 -4.17 -0.61 4.31
CA ASP B 375 -3.99 0.84 4.17
C ASP B 375 -4.30 1.56 5.48
N LEU B 376 -5.31 1.08 6.22
CA LEU B 376 -5.63 1.69 7.51
C LEU B 376 -4.48 1.52 8.50
N ASN B 377 -3.94 0.31 8.60
CA ASN B 377 -2.81 0.08 9.50
C ASN B 377 -1.61 0.93 9.06
N ALA B 378 -1.38 1.03 7.75
CA ALA B 378 -0.28 1.85 7.25
C ALA B 378 -0.39 3.28 7.77
N VAL B 379 -1.59 3.86 7.75
CA VAL B 379 -1.77 5.23 8.23
C VAL B 379 -1.48 5.31 9.72
N ALA B 380 -2.12 4.43 10.51
CA ALA B 380 -1.92 4.45 11.95
C ALA B 380 -0.46 4.37 12.33
N PHE B 381 0.33 3.61 11.57
CA PHE B 381 1.75 3.46 11.90
C PHE B 381 2.55 4.71 11.55
N ARG B 382 2.25 5.33 10.41
CA ARG B 382 2.96 6.55 10.03
C ARG B 382 2.78 7.64 11.08
N PHE B 383 1.55 7.84 11.55
CA PHE B 383 1.24 8.86 12.54
C PHE B 383 1.09 8.26 13.94
N LYS B 384 1.97 7.34 14.28
CA LYS B 384 1.95 6.70 15.59
C LYS B 384 2.34 7.68 16.68
N ASP B 385 1.54 7.73 17.75
CA ASP B 385 1.86 8.58 18.89
C ASP B 385 3.09 8.06 19.61
N LYS B 386 3.88 8.98 20.16
CA LYS B 386 5.10 8.63 20.86
C LYS B 386 4.76 7.91 22.17
N GLU B 387 5.31 6.71 22.34
CA GLU B 387 4.95 5.87 23.47
C GLU B 387 5.75 6.24 24.71
N ARG B 388 5.21 5.88 25.87
CA ARG B 388 5.95 6.03 27.12
C ARG B 388 7.12 5.03 27.15
N PRO B 389 8.27 5.45 27.67
CA PRO B 389 9.45 4.54 27.64
C PRO B 389 9.22 3.21 28.34
N ARG B 390 8.57 3.22 29.51
CA ARG B 390 8.38 1.98 30.25
C ARG B 390 7.54 0.98 29.45
N GLY B 391 6.46 1.46 28.84
CA GLY B 391 5.61 0.57 28.06
C GLY B 391 6.24 0.17 26.74
N TYR B 392 6.96 1.09 26.09
CA TYR B 392 7.56 0.81 24.80
C TYR B 392 8.59 -0.31 24.90
N THR B 393 9.53 -0.19 25.84
CA THR B 393 10.58 -1.20 25.98
C THR B 393 10.00 -2.57 26.28
N SER B 394 8.99 -2.64 27.16
CA SER B 394 8.42 -3.93 27.51
C SER B 394 7.71 -4.57 26.31
N LYS B 395 6.95 -3.79 25.56
CA LYS B 395 6.25 -4.35 24.40
C LYS B 395 7.23 -4.83 23.34
N ILE B 396 8.26 -4.03 23.06
CA ILE B 396 9.25 -4.41 22.06
C ILE B 396 10.08 -5.60 22.56
N ALA B 397 10.44 -5.60 23.84
CA ALA B 397 11.22 -6.71 24.38
C ALA B 397 10.50 -8.04 24.19
N GLY B 398 9.17 -8.01 24.19
CA GLY B 398 8.42 -9.25 24.01
C GLY B 398 8.42 -9.74 22.57
N ILE B 399 8.42 -8.82 21.60
CA ILE B 399 8.29 -9.19 20.19
C ILE B 399 9.64 -9.36 19.50
N LEU B 400 10.75 -9.11 20.21
CA LEU B 400 12.06 -9.42 19.64
C LEU B 400 12.29 -10.91 19.45
N HIS B 401 11.52 -11.75 20.14
CA HIS B 401 11.65 -13.20 20.00
C HIS B 401 11.00 -13.74 18.74
N TYR B 402 10.06 -13.00 18.14
CA TYR B 402 9.24 -13.53 17.06
C TYR B 402 9.60 -12.97 15.69
N TYR B 403 10.31 -11.86 15.62
CA TYR B 403 10.58 -11.18 14.36
C TYR B 403 12.05 -10.82 14.27
N PRO B 404 12.58 -10.65 13.06
CA PRO B 404 13.97 -10.21 12.91
C PRO B 404 14.16 -8.82 13.51
N LEU B 405 15.44 -8.49 13.77
CA LEU B 405 15.76 -7.23 14.42
C LEU B 405 15.19 -6.03 13.66
N GLU B 406 15.26 -6.06 12.32
CA GLU B 406 14.87 -4.90 11.55
C GLU B 406 13.36 -4.71 11.52
N GLU B 407 12.59 -5.79 11.56
CA GLU B 407 11.13 -5.72 11.43
C GLU B 407 10.42 -5.56 12.76
N VAL B 408 11.15 -5.55 13.87
CA VAL B 408 10.53 -5.60 15.19
C VAL B 408 9.50 -4.50 15.37
N LEU B 409 9.78 -3.30 14.84
CA LEU B 409 8.87 -2.18 15.06
C LEU B 409 7.60 -2.29 14.22
N THR B 410 7.71 -2.83 13.00
CA THR B 410 6.58 -2.88 12.07
C THR B 410 5.82 -4.20 12.10
N ALA B 411 6.43 -5.27 12.60
CA ALA B 411 5.84 -6.60 12.44
C ALA B 411 4.41 -6.67 12.97
N GLU B 412 4.12 -5.97 14.07
CA GLU B 412 2.80 -6.05 14.67
C GLU B 412 1.83 -4.99 14.16
N TYR B 413 2.26 -4.11 13.26
CA TYR B 413 1.38 -3.11 12.68
C TYR B 413 1.03 -3.40 11.23
N LEU B 414 2.03 -3.37 10.33
CA LEU B 414 1.78 -3.40 8.91
C LEU B 414 1.43 -4.81 8.42
N LEU B 415 0.63 -4.85 7.36
CA LEU B 415 0.30 -6.07 6.64
C LEU B 415 0.85 -5.95 5.21
N GLU B 416 1.12 -7.09 4.58
CA GLU B 416 1.67 -7.04 3.23
C GLU B 416 1.01 -8.01 2.27
N GLU B 417 1.06 -9.29 2.57
CA GLU B 417 0.55 -10.31 1.66
C GLU B 417 -0.90 -10.61 1.98
N PHE B 418 -1.74 -10.66 0.94
CA PHE B 418 -3.11 -11.14 1.06
C PHE B 418 -3.15 -12.61 0.66
N ARG B 419 -3.39 -13.48 1.64
CA ARG B 419 -3.35 -14.93 1.46
C ARG B 419 -4.76 -15.49 1.62
N PRO B 420 -5.57 -15.50 0.56
CA PRO B 420 -6.91 -16.09 0.67
C PRO B 420 -6.89 -17.58 0.96
N ASP B 421 -5.78 -18.27 0.68
CA ASP B 421 -5.70 -19.69 1.00
C ASP B 421 -5.70 -19.91 2.51
N LEU B 422 -5.00 -19.08 3.26
CA LEU B 422 -4.99 -19.20 4.71
C LEU B 422 -6.34 -18.82 5.31
N ILE B 423 -6.99 -17.80 4.74
CA ILE B 423 -8.30 -17.38 5.23
C ILE B 423 -9.29 -18.53 5.14
N GLU B 424 -9.34 -19.20 3.98
CA GLU B 424 -10.22 -20.35 3.83
C GLU B 424 -9.83 -21.45 4.81
N MET B 425 -8.56 -21.51 5.20
CA MET B 425 -8.11 -22.56 6.12
C MET B 425 -8.67 -22.34 7.53
N VAL B 426 -8.59 -21.11 8.03
CA VAL B 426 -9.15 -20.83 9.35
C VAL B 426 -10.67 -20.90 9.30
N LEU B 427 -11.28 -20.36 8.24
CA LEU B 427 -12.73 -20.39 8.12
C LEU B 427 -13.26 -21.80 8.09
N ASP B 428 -12.42 -22.78 7.72
CA ASP B 428 -12.83 -24.18 7.74
C ASP B 428 -12.74 -24.79 9.13
N LYS B 429 -11.92 -24.23 10.01
CA LYS B 429 -11.85 -24.69 11.38
C LYS B 429 -13.01 -24.17 12.22
N LEU B 430 -13.77 -23.20 11.72
CA LEU B 430 -14.92 -22.65 12.44
C LEU B 430 -16.17 -23.38 11.96
N ARG B 431 -16.43 -24.53 12.58
CA ARG B 431 -17.53 -25.40 12.19
C ARG B 431 -18.13 -26.03 13.42
N PRO B 432 -19.38 -26.50 13.34
CA PRO B 432 -20.07 -26.99 14.55
C PRO B 432 -19.44 -28.22 15.16
N GLU B 433 -18.81 -29.09 14.37
CA GLU B 433 -18.15 -30.26 14.94
C GLU B 433 -16.85 -29.93 15.66
N ASN B 434 -16.43 -28.65 15.64
CA ASN B 434 -15.20 -28.21 16.26
C ASN B 434 -15.44 -27.23 17.39
N VAL B 435 -16.69 -27.08 17.83
CA VAL B 435 -17.09 -25.97 18.69
C VAL B 435 -16.99 -26.38 20.16
N ARG B 436 -16.84 -25.36 21.00
CA ARG B 436 -16.97 -25.50 22.45
C ARG B 436 -17.80 -24.32 22.93
N VAL B 437 -18.82 -24.59 23.75
CA VAL B 437 -19.80 -23.59 24.12
C VAL B 437 -19.83 -23.44 25.64
N ALA B 438 -19.88 -22.19 26.10
CA ALA B 438 -19.91 -21.88 27.52
C ALA B 438 -21.00 -20.84 27.77
N ILE B 439 -21.90 -21.15 28.70
CA ILE B 439 -22.99 -20.26 29.07
C ILE B 439 -22.80 -19.87 30.54
N VAL B 440 -22.86 -18.58 30.82
CA VAL B 440 -22.67 -18.05 32.16
C VAL B 440 -23.92 -17.28 32.54
N SER B 441 -24.65 -17.80 33.52
CA SER B 441 -25.85 -17.13 34.02
C SER B 441 -26.15 -17.62 35.42
N LYS B 442 -26.57 -16.70 36.29
CA LYS B 442 -27.01 -17.07 37.63
C LYS B 442 -28.17 -18.06 37.61
N SER B 443 -28.83 -18.24 36.46
CA SER B 443 -29.99 -19.13 36.38
C SER B 443 -29.61 -20.59 36.57
N PHE B 444 -28.32 -20.93 36.45
CA PHE B 444 -27.85 -22.28 36.70
C PHE B 444 -27.51 -22.51 38.17
N GLU B 445 -27.90 -21.59 39.05
CA GLU B 445 -27.65 -21.74 40.47
C GLU B 445 -28.29 -23.02 40.99
N GLY B 446 -27.47 -23.90 41.57
CA GLY B 446 -27.95 -25.13 42.15
C GLY B 446 -28.11 -26.29 41.20
N LYS B 447 -28.14 -26.03 39.90
CA LYS B 447 -28.32 -27.08 38.90
C LYS B 447 -26.99 -27.60 38.34
N THR B 448 -25.87 -27.19 38.91
CA THR B 448 -24.56 -27.64 38.49
C THR B 448 -24.17 -28.89 39.26
N ASP B 449 -23.34 -29.73 38.63
CA ASP B 449 -22.89 -30.97 39.26
C ASP B 449 -21.37 -31.08 39.39
N ARG B 450 -20.62 -30.09 38.92
CA ARG B 450 -19.17 -30.13 38.97
C ARG B 450 -18.63 -28.87 39.63
N THR B 451 -17.42 -28.97 40.15
CA THR B 451 -16.73 -27.86 40.79
C THR B 451 -15.29 -27.82 40.32
N GLU B 452 -14.79 -26.61 40.09
CA GLU B 452 -13.39 -26.41 39.71
C GLU B 452 -12.54 -26.31 40.97
N GLU B 453 -11.47 -27.11 41.02
CA GLU B 453 -10.77 -27.33 42.29
C GLU B 453 -10.01 -26.09 42.76
N TRP B 454 -9.58 -25.22 41.86
CA TRP B 454 -8.73 -24.10 42.26
C TRP B 454 -9.55 -22.89 42.71
N TYR B 455 -10.58 -22.53 41.95
CA TYR B 455 -11.39 -21.35 42.27
C TYR B 455 -12.76 -21.70 42.83
N GLY B 456 -13.17 -22.97 42.76
CA GLY B 456 -14.46 -23.38 43.27
C GLY B 456 -15.61 -23.17 42.30
N THR B 457 -15.32 -22.80 41.05
CA THR B 457 -16.37 -22.45 40.11
C THR B 457 -17.36 -23.60 39.96
N GLN B 458 -18.64 -23.27 40.06
CA GLN B 458 -19.71 -24.23 39.85
C GLN B 458 -20.08 -24.27 38.37
N TYR B 459 -20.09 -25.46 37.79
CA TYR B 459 -20.43 -25.62 36.39
C TYR B 459 -21.00 -27.02 36.16
N LYS B 460 -21.60 -27.19 34.98
CA LYS B 460 -22.13 -28.48 34.57
C LYS B 460 -21.72 -28.72 33.12
N GLN B 461 -21.27 -29.94 32.84
CA GLN B 461 -20.77 -30.29 31.51
C GLN B 461 -21.81 -31.13 30.79
N GLU B 462 -22.17 -30.70 29.58
CA GLU B 462 -23.15 -31.38 28.76
C GLU B 462 -22.60 -31.57 27.35
N ALA B 463 -22.88 -32.72 26.77
CA ALA B 463 -22.57 -32.93 25.36
C ALA B 463 -23.65 -32.31 24.50
N ILE B 464 -23.24 -31.65 23.42
CA ILE B 464 -24.19 -30.99 22.53
C ILE B 464 -24.91 -32.05 21.72
N PRO B 465 -26.24 -32.12 21.78
CA PRO B 465 -26.97 -33.18 21.09
C PRO B 465 -26.68 -33.19 19.59
N ASP B 466 -26.50 -34.39 19.04
CA ASP B 466 -26.24 -34.54 17.62
C ASP B 466 -27.29 -33.82 16.79
N GLU B 467 -28.54 -33.83 17.26
CA GLU B 467 -29.61 -33.12 16.56
C GLU B 467 -29.27 -31.65 16.37
N VAL B 468 -28.70 -31.02 17.39
CA VAL B 468 -28.38 -29.59 17.32
C VAL B 468 -27.21 -29.35 16.39
N ILE B 469 -26.20 -30.21 16.41
CA ILE B 469 -25.05 -30.01 15.53
C ILE B 469 -25.47 -30.02 14.07
N LYS B 470 -26.34 -30.98 13.69
CA LYS B 470 -26.78 -31.06 12.30
C LYS B 470 -27.51 -29.78 11.87
N LYS B 471 -28.37 -29.26 12.74
CA LYS B 471 -29.06 -28.01 12.41
C LYS B 471 -28.06 -26.89 12.14
N TRP B 472 -27.04 -26.76 12.99
CA TRP B 472 -26.04 -25.71 12.79
C TRP B 472 -25.29 -25.91 11.47
N GLN B 473 -24.93 -27.17 11.17
CA GLN B 473 -24.22 -27.44 9.93
C GLN B 473 -25.05 -27.03 8.72
N ASN B 474 -26.29 -27.51 8.65
CA ASN B 474 -27.21 -27.13 7.58
C ASN B 474 -27.70 -25.71 7.79
N ALA B 475 -26.78 -24.76 7.81
CA ALA B 475 -27.10 -23.35 8.09
C ALA B 475 -27.52 -22.67 6.80
N ASP B 476 -28.82 -22.42 6.65
CA ASP B 476 -29.29 -21.65 5.52
C ASP B 476 -28.61 -20.29 5.51
N LEU B 477 -28.64 -19.63 4.35
CA LEU B 477 -28.11 -18.28 4.24
C LEU B 477 -29.16 -17.28 4.70
N ASN B 478 -28.80 -16.45 5.66
CA ASN B 478 -29.69 -15.42 6.18
C ASN B 478 -29.53 -14.15 5.35
N GLY B 479 -30.64 -13.66 4.79
CA GLY B 479 -30.59 -12.44 4.01
C GLY B 479 -30.34 -11.19 4.82
N LYS B 480 -30.31 -11.31 6.15
CA LYS B 480 -30.08 -10.17 7.02
C LYS B 480 -28.59 -9.93 7.28
N PHE B 481 -27.71 -10.80 6.78
CA PHE B 481 -26.27 -10.69 6.98
C PHE B 481 -25.64 -10.24 5.68
N LYS B 482 -25.28 -8.97 5.59
CA LYS B 482 -24.57 -8.43 4.45
C LYS B 482 -23.13 -8.11 4.85
N LEU B 483 -22.23 -8.22 3.88
CA LEU B 483 -20.85 -7.84 4.12
C LEU B 483 -20.76 -6.33 4.39
N PRO B 484 -19.82 -5.92 5.25
CA PRO B 484 -19.64 -4.49 5.48
C PRO B 484 -19.33 -3.76 4.19
N THR B 485 -19.56 -2.45 4.21
CA THR B 485 -19.33 -1.61 3.04
C THR B 485 -18.07 -0.80 3.22
N LYS B 486 -17.63 -0.17 2.14
CA LYS B 486 -16.43 0.66 2.18
C LYS B 486 -16.54 1.66 3.32
N ASN B 487 -15.52 1.70 4.17
CA ASN B 487 -15.48 2.62 5.30
C ASN B 487 -15.33 4.04 4.78
N GLU B 488 -16.37 4.86 4.99
CA GLU B 488 -16.36 6.24 4.50
C GLU B 488 -15.61 7.19 5.43
N PHE B 489 -15.18 6.75 6.61
CA PHE B 489 -14.49 7.62 7.56
C PHE B 489 -12.98 7.61 7.40
N ILE B 490 -12.45 6.86 6.43
CA ILE B 490 -10.99 6.88 6.24
C ILE B 490 -10.55 8.33 5.98
N PRO B 491 -9.55 8.83 6.69
CA PRO B 491 -9.11 10.21 6.46
C PRO B 491 -8.27 10.34 5.21
N THR B 492 -8.37 11.51 4.58
CA THR B 492 -7.62 11.82 3.37
C THR B 492 -6.74 13.05 3.50
N ASN B 493 -7.10 14.00 4.36
CA ASN B 493 -6.36 15.25 4.51
C ASN B 493 -5.52 15.17 5.78
N PHE B 494 -4.24 14.85 5.62
CA PHE B 494 -3.29 14.79 6.72
C PHE B 494 -2.44 16.04 6.82
N GLU B 495 -2.90 17.15 6.23
CA GLU B 495 -2.09 18.35 6.14
C GLU B 495 -1.89 18.95 7.52
N ILE B 496 -0.63 19.16 7.90
CA ILE B 496 -0.30 19.83 9.16
C ILE B 496 -0.47 21.32 8.94
N LEU B 497 -1.43 21.91 9.64
CA LEU B 497 -1.69 23.33 9.46
C LEU B 497 -0.52 24.15 10.01
N PRO B 498 -0.10 25.20 9.31
CA PRO B 498 1.01 26.01 9.80
C PRO B 498 0.63 26.75 11.08
N LEU B 499 1.62 26.96 11.93
CA LEU B 499 1.39 27.55 13.24
C LEU B 499 1.10 29.04 13.11
N GLU B 500 -0.08 29.46 13.54
CA GLU B 500 -0.49 30.85 13.41
C GLU B 500 0.44 31.77 14.20
N LYS B 501 0.50 33.03 13.76
CA LYS B 501 1.36 34.00 14.43
C LYS B 501 0.91 34.26 15.86
N GLU B 502 -0.38 34.56 16.05
CA GLU B 502 -0.93 34.82 17.37
C GLU B 502 -1.09 33.57 18.21
N ALA B 503 -0.41 32.48 17.84
CA ALA B 503 -0.49 31.24 18.59
C ALA B 503 0.09 31.40 19.98
N THR B 504 -0.32 30.53 20.88
CA THR B 504 0.09 30.55 22.28
C THR B 504 0.73 29.23 22.67
N PRO B 505 1.51 29.20 23.75
CA PRO B 505 2.07 27.93 24.23
C PRO B 505 1.08 27.18 25.11
N TYR B 506 0.22 27.91 25.79
CA TYR B 506 -0.80 27.35 26.65
C TYR B 506 -2.20 27.64 26.10
N PRO B 507 -3.19 26.87 26.52
CA PRO B 507 -4.56 27.09 25.99
C PRO B 507 -5.03 28.50 26.29
N ALA B 508 -5.59 29.14 25.27
CA ALA B 508 -6.11 30.50 25.39
C ALA B 508 -7.63 30.48 25.45
N LEU B 509 -8.19 31.42 26.20
CA LEU B 509 -9.63 31.56 26.32
C LEU B 509 -10.12 32.48 25.21
N ILE B 510 -10.60 31.89 24.11
CA ILE B 510 -10.98 32.63 22.92
C ILE B 510 -12.49 32.86 22.86
N LYS B 511 -13.23 32.50 23.91
CA LYS B 511 -14.67 32.74 23.91
C LYS B 511 -15.20 32.59 25.34
N ASP B 512 -15.92 33.62 25.82
CA ASP B 512 -16.46 33.65 27.18
C ASP B 512 -17.86 34.28 27.13
N THR B 513 -18.85 33.48 26.72
CA THR B 513 -20.23 33.93 26.66
C THR B 513 -21.01 33.33 27.82
N ALA B 514 -22.29 33.70 27.90
CA ALA B 514 -23.17 33.13 28.92
C ALA B 514 -23.39 31.64 28.72
N MET B 515 -23.20 31.15 27.50
CA MET B 515 -23.42 29.74 27.18
C MET B 515 -22.14 28.97 26.95
N SER B 516 -21.11 29.58 26.37
CA SER B 516 -19.86 28.89 26.07
C SER B 516 -18.70 29.54 26.82
N LYS B 517 -17.62 28.77 26.92
CA LYS B 517 -16.34 29.24 27.43
C LYS B 517 -15.29 28.34 26.78
N LEU B 518 -14.64 28.85 25.74
CA LEU B 518 -13.87 28.01 24.83
C LEU B 518 -12.38 28.22 25.06
N TRP B 519 -11.68 27.13 25.41
CA TRP B 519 -10.24 27.13 25.55
C TRP B 519 -9.62 26.53 24.30
N PHE B 520 -8.57 27.18 23.78
CA PHE B 520 -7.97 26.79 22.51
C PHE B 520 -6.46 26.83 22.60
N LYS B 521 -5.83 25.81 22.00
CA LYS B 521 -4.39 25.82 21.76
C LYS B 521 -4.10 25.04 20.49
N GLN B 522 -3.38 25.67 19.57
CA GLN B 522 -2.92 24.99 18.38
C GLN B 522 -1.68 24.17 18.71
N ASP B 523 -1.69 22.89 18.33
CA ASP B 523 -0.58 22.01 18.70
C ASP B 523 0.72 22.54 18.12
N ASP B 524 1.72 22.72 19.00
CA ASP B 524 3.02 23.23 18.61
C ASP B 524 4.15 22.26 18.97
N LYS B 525 3.83 21.01 19.26
CA LYS B 525 4.81 20.09 19.78
C LYS B 525 4.92 18.79 18.99
N PHE B 526 3.79 18.25 18.51
CA PHE B 526 3.75 16.92 17.93
C PHE B 526 3.55 16.92 16.42
N PHE B 527 2.71 17.83 15.90
CA PHE B 527 2.52 17.99 14.46
C PHE B 527 2.10 16.68 13.79
N LEU B 528 1.02 16.10 14.31
CA LEU B 528 0.35 14.97 13.66
C LEU B 528 -1.07 15.37 13.29
N PRO B 529 -1.64 14.75 12.26
CA PRO B 529 -2.98 15.14 11.82
C PRO B 529 -4.07 14.65 12.78
N LYS B 530 -3.99 15.09 14.03
CA LYS B 530 -4.93 14.68 15.06
C LYS B 530 -5.37 15.90 15.85
N ALA B 531 -6.49 15.75 16.54
CA ALA B 531 -7.03 16.81 17.38
C ALA B 531 -7.86 16.18 18.49
N ASN B 532 -7.90 16.88 19.62
CA ASN B 532 -8.70 16.47 20.77
C ASN B 532 -9.77 17.52 21.03
N LEU B 533 -11.01 17.08 21.11
CA LEU B 533 -12.16 17.96 21.31
C LEU B 533 -12.87 17.56 22.60
N ASN B 534 -12.67 18.35 23.66
CA ASN B 534 -13.27 18.07 24.96
C ASN B 534 -14.37 19.07 25.24
N PHE B 535 -15.53 18.57 25.67
CA PHE B 535 -16.69 19.38 25.97
C PHE B 535 -17.27 18.95 27.31
N GLU B 536 -17.52 19.93 28.19
CA GLU B 536 -18.24 19.70 29.43
C GLU B 536 -19.57 20.45 29.33
N PHE B 537 -20.68 19.72 29.36
CA PHE B 537 -22.00 20.31 29.34
C PHE B 537 -22.54 20.37 30.77
N PHE B 538 -22.81 21.57 31.25
CA PHE B 538 -23.30 21.79 32.60
C PHE B 538 -24.82 21.92 32.60
N SER B 539 -25.49 21.09 33.40
CA SER B 539 -26.91 21.23 33.67
C SER B 539 -27.14 20.79 35.10
N PRO B 540 -27.80 21.60 35.93
CA PRO B 540 -28.08 21.17 37.31
C PRO B 540 -29.06 20.02 37.42
N PHE B 541 -29.66 19.60 36.31
CA PHE B 541 -30.66 18.54 36.31
C PHE B 541 -30.07 17.16 36.02
N ALA B 542 -28.75 17.06 35.90
CA ALA B 542 -28.11 15.77 35.68
C ALA B 542 -27.77 15.04 36.97
N TYR B 543 -27.81 15.73 38.11
CA TYR B 543 -27.50 15.09 39.39
C TYR B 543 -28.38 15.61 40.51
N VAL B 544 -29.54 16.20 40.21
CA VAL B 544 -30.37 16.81 41.24
C VAL B 544 -30.88 15.75 42.21
N ASP B 545 -31.17 14.55 41.71
CA ASP B 545 -31.62 13.46 42.57
C ASP B 545 -31.32 12.14 41.86
N PRO B 546 -31.45 11.01 42.56
CA PRO B 546 -31.17 9.71 41.92
C PRO B 546 -31.95 9.48 40.64
N LEU B 547 -33.27 9.73 40.65
CA LEU B 547 -34.08 9.51 39.46
C LEU B 547 -33.47 10.20 38.25
N HIS B 548 -33.05 11.46 38.42
CA HIS B 548 -32.48 12.21 37.30
C HIS B 548 -31.07 11.73 36.98
N SER B 549 -30.31 11.29 37.97
CA SER B 549 -28.99 10.75 37.70
C SER B 549 -29.09 9.50 36.82
N ASN B 550 -30.03 8.62 37.14
CA ASN B 550 -30.23 7.41 36.33
C ASN B 550 -30.60 7.77 34.90
N MET B 551 -31.53 8.72 34.72
CA MET B 551 -31.96 9.08 33.38
C MET B 551 -30.84 9.76 32.61
N ALA B 552 -29.96 10.50 33.30
CA ALA B 552 -28.76 11.01 32.65
C ALA B 552 -27.95 9.87 32.05
N TYR B 553 -27.69 8.83 32.83
CA TYR B 553 -26.96 7.67 32.33
C TYR B 553 -27.71 7.00 31.18
N LEU B 554 -28.98 6.68 31.39
CA LEU B 554 -29.73 5.98 30.36
C LEU B 554 -29.81 6.80 29.07
N TYR B 555 -29.98 8.12 29.21
CA TYR B 555 -30.02 8.98 28.03
C TYR B 555 -28.80 8.77 27.14
N LEU B 556 -27.61 8.82 27.74
CA LEU B 556 -26.38 8.72 26.96
C LEU B 556 -26.10 7.28 26.53
N GLU B 557 -26.34 6.31 27.42
CA GLU B 557 -26.11 4.92 27.05
C GLU B 557 -27.06 4.49 25.93
N LEU B 558 -28.27 5.02 25.90
CA LEU B 558 -29.17 4.77 24.77
C LEU B 558 -28.68 5.47 23.52
N LEU B 559 -28.23 6.72 23.66
CA LEU B 559 -27.74 7.47 22.50
C LEU B 559 -26.54 6.78 21.86
N LYS B 560 -25.57 6.37 22.67
CA LYS B 560 -24.41 5.67 22.13
C LYS B 560 -24.84 4.37 21.46
N ASP B 561 -25.81 3.67 22.04
CA ASP B 561 -26.34 2.47 21.42
C ASP B 561 -26.89 2.77 20.03
N SER B 562 -27.57 3.92 19.88
CA SER B 562 -28.13 4.29 18.58
C SER B 562 -27.02 4.58 17.57
N LEU B 563 -25.97 5.28 18.01
CA LEU B 563 -24.91 5.71 17.12
C LEU B 563 -23.89 4.62 16.81
N ASN B 564 -23.89 3.52 17.57
CA ASN B 564 -22.82 2.52 17.45
C ASN B 564 -22.65 2.05 16.02
N GLU B 565 -23.75 1.68 15.36
CA GLU B 565 -23.67 1.26 13.96
C GLU B 565 -22.97 2.31 13.12
N TYR B 566 -23.37 3.56 13.27
CA TYR B 566 -22.76 4.65 12.51
C TYR B 566 -21.30 4.87 12.93
N ALA B 567 -21.05 4.99 14.24
CA ALA B 567 -19.74 5.42 14.73
C ALA B 567 -18.68 4.34 14.66
N TYR B 568 -19.04 3.07 14.55
CA TYR B 568 -18.04 2.02 14.58
C TYR B 568 -17.01 2.19 13.47
N ALA B 569 -17.47 2.58 12.27
CA ALA B 569 -16.54 2.85 11.18
C ALA B 569 -15.54 3.94 11.57
N ALA B 570 -16.03 5.01 12.20
CA ALA B 570 -15.14 6.09 12.63
C ALA B 570 -14.06 5.56 13.56
N GLU B 571 -14.45 4.74 14.54
CA GLU B 571 -13.48 4.16 15.46
C GLU B 571 -12.33 3.51 14.70
N LEU B 572 -12.65 2.70 13.69
CA LEU B 572 -11.61 2.06 12.88
C LEU B 572 -10.74 3.10 12.18
N ALA B 573 -11.32 4.21 11.74
CA ALA B 573 -10.58 5.20 10.99
C ALA B 573 -9.82 6.13 11.94
N GLY B 574 -9.42 5.60 13.10
CA GLY B 574 -8.68 6.39 14.06
C GLY B 574 -9.43 7.62 14.52
N LEU B 575 -10.75 7.52 14.71
CA LEU B 575 -11.59 8.66 15.07
C LEU B 575 -12.66 8.13 16.03
N SER B 576 -12.41 8.26 17.33
CA SER B 576 -13.28 7.71 18.34
C SER B 576 -13.90 8.85 19.15
N TYR B 577 -14.96 8.52 19.88
CA TYR B 577 -15.64 9.48 20.73
C TYR B 577 -16.04 8.81 22.03
N ASP B 578 -15.93 9.56 23.13
CA ASP B 578 -16.34 9.10 24.45
C ASP B 578 -17.41 10.03 24.97
N LEU B 579 -18.50 9.44 25.48
CA LEU B 579 -19.66 10.21 25.92
C LEU B 579 -20.22 9.56 27.17
N GLN B 580 -20.34 10.34 28.23
CA GLN B 580 -20.83 9.81 29.50
C GLN B 580 -21.24 10.97 30.40
N ASN B 581 -22.09 10.65 31.37
CA ASN B 581 -22.59 11.65 32.29
C ASN B 581 -21.62 11.86 33.44
N THR B 582 -21.67 13.06 34.01
CA THR B 582 -20.90 13.42 35.19
C THR B 582 -21.86 13.91 36.27
N ILE B 583 -21.30 14.31 37.42
CA ILE B 583 -22.13 14.87 38.49
C ILE B 583 -22.57 16.29 38.22
N TYR B 584 -22.07 16.90 37.13
CA TYR B 584 -22.47 18.25 36.75
C TYR B 584 -23.16 18.30 35.39
N GLY B 585 -23.30 17.17 34.70
CA GLY B 585 -23.91 17.15 33.38
C GLY B 585 -23.37 16.06 32.49
N MET B 586 -22.88 16.43 31.32
CA MET B 586 -22.36 15.47 30.35
C MET B 586 -20.94 15.84 29.95
N TYR B 587 -20.21 14.85 29.46
CA TYR B 587 -18.84 15.01 28.99
C TYR B 587 -18.72 14.29 27.66
N LEU B 588 -18.34 15.02 26.61
CA LEU B 588 -18.20 14.48 25.27
C LEU B 588 -16.79 14.74 24.79
N SER B 589 -16.09 13.69 24.39
CA SER B 589 -14.72 13.78 23.93
C SER B 589 -14.60 13.15 22.55
N VAL B 590 -13.87 13.82 21.67
CA VAL B 590 -13.66 13.37 20.29
C VAL B 590 -12.18 13.52 19.97
N LYS B 591 -11.48 12.41 19.83
CA LYS B 591 -10.05 12.40 19.54
C LYS B 591 -9.79 11.59 18.28
N GLY B 592 -8.72 11.92 17.57
CA GLY B 592 -8.34 11.16 16.39
C GLY B 592 -7.97 12.07 15.25
N TYR B 593 -7.94 11.49 14.05
CA TYR B 593 -7.56 12.24 12.86
C TYR B 593 -8.56 13.38 12.61
N ASN B 594 -8.03 14.60 12.48
CA ASN B 594 -8.83 15.81 12.42
C ASN B 594 -9.63 15.96 11.13
N ASP B 595 -9.42 15.10 10.14
CA ASP B 595 -10.04 15.31 8.83
C ASP B 595 -11.56 15.20 8.90
N LYS B 596 -12.06 13.99 9.18
CA LYS B 596 -13.50 13.73 9.26
C LYS B 596 -14.07 14.04 10.63
N GLN B 597 -13.37 14.84 11.44
CA GLN B 597 -13.79 15.03 12.82
C GLN B 597 -15.08 15.83 12.91
N PRO B 598 -15.24 16.98 12.25
CA PRO B 598 -16.49 17.74 12.38
C PRO B 598 -17.72 16.97 11.90
N ILE B 599 -17.56 15.98 11.03
CA ILE B 599 -18.71 15.22 10.56
C ILE B 599 -19.28 14.36 11.67
N LEU B 600 -18.41 13.73 12.46
CA LEU B 600 -18.88 12.88 13.56
C LEU B 600 -19.44 13.71 14.69
N LEU B 601 -18.80 14.83 15.01
CA LEU B 601 -19.27 15.66 16.11
C LEU B 601 -20.67 16.21 15.84
N LYS B 602 -20.94 16.60 14.60
CA LYS B 602 -22.26 17.09 14.25
C LYS B 602 -23.31 16.01 14.42
N LYS B 603 -23.03 14.80 13.94
CA LYS B 603 -24.00 13.73 14.04
C LYS B 603 -24.30 13.38 15.50
N ILE B 604 -23.33 13.57 16.39
CA ILE B 604 -23.57 13.30 17.81
C ILE B 604 -24.48 14.37 18.40
N ILE B 605 -24.15 15.65 18.18
CA ILE B 605 -24.93 16.72 18.77
C ILE B 605 -26.33 16.76 18.17
N GLU B 606 -26.45 16.52 16.87
CA GLU B 606 -27.77 16.37 16.26
C GLU B 606 -28.54 15.24 16.92
N LYS B 607 -27.91 14.07 17.06
CA LYS B 607 -28.57 12.94 17.69
C LYS B 607 -28.96 13.24 19.13
N MET B 608 -28.16 14.06 19.82
CA MET B 608 -28.50 14.47 21.18
C MET B 608 -29.84 15.19 21.22
N ALA B 609 -29.97 16.29 20.46
CA ALA B 609 -31.15 17.13 20.55
C ALA B 609 -32.35 16.57 19.81
N THR B 610 -32.15 15.62 18.90
CA THR B 610 -33.24 15.04 18.11
C THR B 610 -33.33 13.54 18.36
N PHE B 611 -33.12 13.12 19.60
CA PHE B 611 -33.07 11.71 19.92
C PHE B 611 -34.45 11.12 20.11
N GLU B 612 -34.66 9.94 19.52
CA GLU B 612 -35.89 9.17 19.69
C GLU B 612 -35.53 7.80 20.25
N ILE B 613 -36.23 7.41 21.32
CA ILE B 613 -35.87 6.23 22.10
C ILE B 613 -36.61 5.01 21.55
N ASP B 614 -35.85 3.94 21.30
CA ASP B 614 -36.44 2.64 21.00
C ASP B 614 -36.91 2.01 22.30
N GLU B 615 -38.20 1.70 22.38
CA GLU B 615 -38.76 1.19 23.62
C GLU B 615 -38.14 -0.15 23.99
N LYS B 616 -37.90 -1.02 23.00
CA LYS B 616 -37.31 -2.32 23.29
C LYS B 616 -35.90 -2.18 23.82
N ARG B 617 -35.12 -1.24 23.27
CA ARG B 617 -33.76 -1.03 23.75
C ARG B 617 -33.76 -0.42 25.15
N PHE B 618 -34.67 0.53 25.41
CA PHE B 618 -34.77 1.14 26.72
C PHE B 618 -34.89 0.09 27.81
N GLU B 619 -35.86 -0.82 27.68
CA GLU B 619 -36.07 -1.82 28.72
C GLU B 619 -34.89 -2.77 28.86
N ILE B 620 -34.09 -2.93 27.81
CA ILE B 620 -32.95 -3.84 27.88
C ILE B 620 -31.78 -3.20 28.62
N ILE B 621 -31.50 -1.93 28.32
CA ILE B 621 -30.40 -1.24 29.01
C ILE B 621 -30.78 -0.96 30.47
N LYS B 622 -32.05 -0.61 30.70
CA LYS B 622 -32.49 -0.33 32.06
C LYS B 622 -32.32 -1.55 32.96
N GLU B 623 -32.57 -2.75 32.41
CA GLU B 623 -32.30 -3.97 33.15
C GLU B 623 -30.81 -4.17 33.33
N ALA B 624 -30.06 -4.18 32.22
CA ALA B 624 -28.61 -4.34 32.30
C ALA B 624 -27.98 -3.32 33.25
N TYR B 625 -28.52 -2.10 33.26
CA TYR B 625 -27.99 -1.09 34.17
C TYR B 625 -28.24 -1.46 35.63
N MET B 626 -29.38 -2.08 35.93
CA MET B 626 -29.66 -2.45 37.32
C MET B 626 -28.70 -3.54 37.79
N ARG B 627 -28.38 -4.51 36.93
CA ARG B 627 -27.38 -5.51 37.28
C ARG B 627 -26.03 -4.85 37.56
N SER B 628 -25.66 -3.84 36.75
CA SER B 628 -24.40 -3.15 36.97
C SER B 628 -24.35 -2.49 38.34
N LEU B 629 -25.50 -2.07 38.87
CA LEU B 629 -25.54 -1.49 40.20
C LEU B 629 -25.46 -2.57 41.28
N ASN B 630 -26.27 -3.62 41.15
CA ASN B 630 -26.19 -4.74 42.09
C ASN B 630 -24.81 -5.36 42.08
N ASN B 631 -24.22 -5.56 40.90
CA ASN B 631 -22.94 -6.24 40.79
C ASN B 631 -21.80 -5.49 41.44
N PHE B 632 -22.03 -4.27 41.94
CA PHE B 632 -20.96 -3.58 42.65
C PHE B 632 -20.63 -4.24 43.97
N ARG B 633 -21.57 -5.01 44.54
CA ARG B 633 -21.32 -5.71 45.80
C ARG B 633 -20.19 -6.73 45.67
N ALA B 634 -19.81 -7.10 44.46
CA ALA B 634 -18.77 -8.09 44.23
C ALA B 634 -17.45 -7.46 43.80
N GLU B 635 -17.27 -6.17 44.06
CA GLU B 635 -16.02 -5.49 43.75
C GLU B 635 -15.02 -5.64 44.90
N GLN B 636 -13.77 -5.32 44.61
CA GLN B 636 -12.71 -5.52 45.59
C GLN B 636 -13.00 -4.71 46.86
N PRO B 637 -12.69 -5.26 48.04
CA PRO B 637 -12.95 -4.51 49.28
C PRO B 637 -12.26 -3.15 49.32
N HIS B 638 -11.05 -3.04 48.76
CA HIS B 638 -10.38 -1.74 48.76
C HIS B 638 -11.11 -0.75 47.85
N GLN B 639 -11.83 -1.26 46.84
CA GLN B 639 -12.65 -0.39 46.02
C GLN B 639 -13.92 0.06 46.76
N HIS B 640 -14.46 -0.79 47.64
CA HIS B 640 -15.56 -0.37 48.50
C HIS B 640 -15.13 0.77 49.41
N ALA B 641 -13.97 0.63 50.07
CA ALA B 641 -13.49 1.67 50.97
C ALA B 641 -13.38 3.00 50.25
N MET B 642 -12.81 3.00 49.05
CA MET B 642 -12.71 4.24 48.27
C MET B 642 -14.08 4.80 47.94
N TYR B 643 -15.00 3.92 47.52
CA TYR B 643 -16.36 4.35 47.22
C TYR B 643 -17.00 5.03 48.43
N TYR B 644 -16.97 4.35 49.59
CA TYR B 644 -17.59 4.91 50.78
C TYR B 644 -16.97 6.26 51.15
N LEU B 645 -15.64 6.35 51.12
CA LEU B 645 -14.99 7.61 51.46
C LEU B 645 -15.43 8.74 50.53
N ARG B 646 -15.57 8.43 49.23
CA ARG B 646 -16.07 9.43 48.30
C ARG B 646 -17.43 9.96 48.72
N LEU B 647 -18.33 9.06 49.16
CA LEU B 647 -19.64 9.49 49.60
C LEU B 647 -19.56 10.38 50.84
N LEU B 648 -18.66 10.04 51.76
CA LEU B 648 -18.62 10.75 53.03
C LEU B 648 -18.12 12.18 52.87
N MET B 649 -17.17 12.41 51.97
CA MET B 649 -16.45 13.67 51.91
C MET B 649 -16.95 14.61 50.81
N THR B 650 -17.95 14.20 50.03
CA THR B 650 -18.49 15.04 48.97
C THR B 650 -19.85 15.57 49.38
N GLU B 651 -20.09 16.85 49.08
CA GLU B 651 -21.28 17.53 49.55
C GLU B 651 -22.54 16.74 49.20
N VAL B 652 -22.73 16.45 47.91
CA VAL B 652 -23.87 15.68 47.43
C VAL B 652 -23.32 14.47 46.67
N ALA B 653 -23.88 13.30 46.95
CA ALA B 653 -23.45 12.07 46.30
C ALA B 653 -24.44 10.96 46.57
N TRP B 654 -24.88 10.28 45.52
CA TRP B 654 -25.93 9.27 45.61
C TRP B 654 -25.30 7.89 45.69
N THR B 655 -25.78 7.07 46.62
CA THR B 655 -25.27 5.72 46.77
C THR B 655 -25.80 4.82 45.65
N LYS B 656 -25.13 3.68 45.46
CA LYS B 656 -25.64 2.68 44.54
C LYS B 656 -27.05 2.25 44.93
N ASP B 657 -27.28 2.08 46.24
CA ASP B 657 -28.60 1.66 46.72
C ASP B 657 -29.66 2.72 46.44
N GLU B 658 -29.31 4.00 46.63
CA GLU B 658 -30.29 5.05 46.37
C GLU B 658 -30.70 5.08 44.90
N LEU B 659 -29.73 4.97 43.99
CA LEU B 659 -30.06 4.93 42.56
C LEU B 659 -30.82 3.65 42.21
N LYS B 660 -30.38 2.51 42.72
CA LYS B 660 -30.95 1.23 42.31
C LYS B 660 -32.43 1.14 42.67
N GLU B 661 -32.82 1.67 43.83
CA GLU B 661 -34.23 1.65 44.19
C GLU B 661 -35.04 2.59 43.30
N ALA B 662 -34.54 3.80 43.06
CA ALA B 662 -35.24 4.78 42.24
C ALA B 662 -35.21 4.41 40.76
N LEU B 663 -34.44 3.39 40.37
CA LEU B 663 -34.36 3.01 38.97
C LEU B 663 -35.64 2.37 38.49
N ASP B 664 -36.38 1.72 39.39
CA ASP B 664 -37.65 1.09 39.00
C ASP B 664 -38.67 2.14 38.59
N ASP B 665 -38.57 3.35 39.12
CA ASP B 665 -39.52 4.42 38.83
C ASP B 665 -39.23 5.15 37.53
N VAL B 666 -38.24 4.70 36.76
CA VAL B 666 -37.87 5.36 35.49
C VAL B 666 -38.71 4.71 34.40
N THR B 667 -39.89 5.28 34.14
CA THR B 667 -40.70 4.87 33.01
C THR B 667 -40.26 5.62 31.76
N LEU B 668 -40.48 5.00 30.60
CA LEU B 668 -40.05 5.64 29.35
C LEU B 668 -40.64 7.03 29.16
N PRO B 669 -41.92 7.28 29.45
CA PRO B 669 -42.41 8.67 29.37
C PRO B 669 -41.53 9.67 30.10
N ARG B 670 -41.23 9.41 31.37
CA ARG B 670 -40.41 10.35 32.15
C ARG B 670 -39.05 10.57 31.50
N LEU B 671 -38.46 9.50 30.94
CA LEU B 671 -37.17 9.66 30.26
C LEU B 671 -37.31 10.54 29.01
N LYS B 672 -38.37 10.34 28.23
CA LYS B 672 -38.59 11.18 27.06
C LYS B 672 -38.75 12.64 27.46
N ALA B 673 -39.37 12.91 28.60
CA ALA B 673 -39.51 14.28 29.07
C ALA B 673 -38.23 14.80 29.70
N PHE B 674 -37.40 13.90 30.25
CA PHE B 674 -36.15 14.32 30.87
C PHE B 674 -35.24 15.04 29.88
N ILE B 675 -35.02 14.45 28.70
CA ILE B 675 -34.02 14.92 27.75
C ILE B 675 -34.18 16.41 27.45
N PRO B 676 -35.34 16.86 26.95
CA PRO B 676 -35.48 18.29 26.64
C PRO B 676 -35.30 19.20 27.85
N GLN B 677 -35.68 18.75 29.04
CA GLN B 677 -35.38 19.53 30.24
C GLN B 677 -33.89 19.57 30.52
N LEU B 678 -33.19 18.46 30.29
CA LEU B 678 -31.75 18.45 30.52
C LEU B 678 -31.02 19.34 29.52
N LEU B 679 -31.54 19.43 28.30
CA LEU B 679 -30.91 20.24 27.26
C LEU B 679 -31.43 21.67 27.21
N SER B 680 -32.44 22.00 28.02
CA SER B 680 -33.09 23.31 27.89
C SER B 680 -32.18 24.44 28.35
N ARG B 681 -31.32 24.19 29.32
CA ARG B 681 -30.37 25.18 29.81
C ARG B 681 -29.03 24.50 30.04
N LEU B 682 -27.99 25.00 29.39
CA LEU B 682 -26.66 24.40 29.49
C LEU B 682 -25.61 25.50 29.54
N HIS B 683 -24.44 25.11 30.05
CA HIS B 683 -23.22 25.89 29.90
C HIS B 683 -22.15 24.95 29.35
N ILE B 684 -21.41 25.43 28.36
CA ILE B 684 -20.47 24.60 27.62
C ILE B 684 -19.07 25.17 27.82
N GLU B 685 -18.23 24.40 28.51
CA GLU B 685 -16.82 24.72 28.67
C GLU B 685 -16.06 23.70 27.85
N ALA B 686 -15.23 24.17 26.92
CA ALA B 686 -14.67 23.29 25.91
C ALA B 686 -13.19 23.56 25.74
N LEU B 687 -12.45 22.50 25.43
CA LEU B 687 -11.03 22.58 25.12
C LEU B 687 -10.80 21.95 23.76
N LEU B 688 -10.36 22.75 22.80
CA LEU B 688 -10.02 22.28 21.46
C LEU B 688 -8.51 22.43 21.28
N HIS B 689 -7.84 21.31 21.05
CA HIS B 689 -6.38 21.26 21.08
C HIS B 689 -5.90 20.24 20.07
N GLY B 690 -5.08 20.68 19.13
CA GLY B 690 -4.50 19.78 18.16
C GLY B 690 -4.16 20.50 16.88
N ASN B 691 -4.30 19.78 15.77
CA ASN B 691 -4.00 20.31 14.45
C ASN B 691 -5.24 21.03 13.91
N ILE B 692 -5.47 22.23 14.44
CA ILE B 692 -6.59 23.05 14.00
C ILE B 692 -6.29 24.50 14.33
N THR B 693 -6.91 25.40 13.57
CA THR B 693 -6.68 26.84 13.69
C THR B 693 -7.67 27.48 14.66
N LYS B 694 -7.38 28.71 15.05
CA LYS B 694 -8.26 29.44 15.96
C LYS B 694 -9.66 29.57 15.37
N GLN B 695 -9.75 29.98 14.10
CA GLN B 695 -11.06 30.19 13.48
C GLN B 695 -11.79 28.86 13.34
N ALA B 696 -11.08 27.79 12.98
CA ALA B 696 -11.69 26.48 12.94
C ALA B 696 -12.22 26.08 14.31
N ALA B 697 -11.53 26.48 15.39
CA ALA B 697 -12.01 26.20 16.72
C ALA B 697 -13.31 26.96 17.00
N LEU B 698 -13.32 28.26 16.71
CA LEU B 698 -14.55 29.02 16.83
C LEU B 698 -15.65 28.41 15.97
N GLY B 699 -15.30 27.89 14.80
CA GLY B 699 -16.29 27.22 13.97
C GLY B 699 -16.85 25.96 14.63
N ILE B 700 -15.98 25.19 15.30
CA ILE B 700 -16.43 23.99 15.99
C ILE B 700 -17.47 24.35 17.05
N MET B 701 -17.11 25.27 17.95
CA MET B 701 -18.00 25.64 19.05
C MET B 701 -19.33 26.16 18.53
N GLN B 702 -19.28 27.08 17.55
CA GLN B 702 -20.51 27.69 17.06
C GLN B 702 -21.45 26.66 16.45
N MET B 703 -20.91 25.58 15.89
CA MET B 703 -21.77 24.50 15.40
C MET B 703 -22.44 23.76 16.54
N VAL B 704 -21.70 23.50 17.62
CA VAL B 704 -22.30 22.85 18.79
C VAL B 704 -23.38 23.74 19.39
N GLU B 705 -23.11 25.04 19.49
CA GLU B 705 -24.13 25.97 19.98
C GLU B 705 -25.32 26.04 19.04
N ASP B 706 -25.05 26.33 17.76
CA ASP B 706 -26.13 26.49 16.79
C ASP B 706 -27.00 25.24 16.71
N THR B 707 -26.38 24.05 16.79
CA THR B 707 -27.14 22.81 16.73
C THR B 707 -28.04 22.65 17.94
N LEU B 708 -27.52 22.94 19.14
CA LEU B 708 -28.33 22.83 20.34
C LEU B 708 -29.49 23.82 20.33
N ILE B 709 -29.23 25.06 19.92
CA ILE B 709 -30.27 26.08 19.92
C ILE B 709 -31.37 25.73 18.95
N GLU B 710 -31.02 25.25 17.75
CA GLU B 710 -32.03 24.96 16.74
C GLU B 710 -32.94 23.83 17.19
N HIS B 711 -32.37 22.72 17.66
CA HIS B 711 -33.13 21.51 17.93
C HIS B 711 -33.54 21.34 19.38
N ALA B 712 -32.90 22.03 20.33
CA ALA B 712 -33.25 21.92 21.73
C ALA B 712 -33.65 23.25 22.38
N HIS B 713 -33.58 24.36 21.64
CA HIS B 713 -33.91 25.68 22.20
C HIS B 713 -33.15 25.91 23.50
N THR B 714 -31.83 25.76 23.43
CA THR B 714 -30.99 25.84 24.61
C THR B 714 -30.78 27.29 25.01
N LYS B 715 -30.93 27.57 26.31
CA LYS B 715 -30.68 28.87 26.89
C LYS B 715 -29.47 28.81 27.81
N PRO B 716 -28.80 29.92 28.05
CA PRO B 716 -27.66 29.91 28.97
C PRO B 716 -28.11 29.73 30.41
N LEU B 717 -27.16 29.42 31.27
CA LEU B 717 -27.39 29.34 32.70
C LEU B 717 -26.97 30.64 33.37
N LEU B 718 -27.47 30.84 34.58
CA LEU B 718 -26.99 31.96 35.37
C LEU B 718 -25.69 31.56 36.07
N PRO B 719 -24.76 32.51 36.22
CA PRO B 719 -23.51 32.19 36.93
C PRO B 719 -23.74 31.58 38.29
N SER B 720 -24.83 31.96 38.95
CA SER B 720 -25.18 31.41 40.25
C SER B 720 -25.68 29.98 40.17
N GLN B 721 -26.04 29.48 38.99
CA GLN B 721 -26.44 28.10 38.83
C GLN B 721 -25.24 27.16 38.72
N LEU B 722 -24.07 27.68 38.36
CA LEU B 722 -22.87 26.88 38.16
C LEU B 722 -22.21 26.61 39.51
N VAL B 723 -22.92 25.85 40.34
CA VAL B 723 -22.50 25.59 41.72
C VAL B 723 -21.71 24.28 41.73
N ARG B 724 -20.47 24.36 42.23
CA ARG B 724 -19.63 23.18 42.42
C ARG B 724 -19.82 22.62 43.82
N TYR B 725 -19.59 21.31 43.96
CA TYR B 725 -19.72 20.66 45.25
C TYR B 725 -18.48 20.90 46.11
N ARG B 726 -18.70 21.03 47.42
CA ARG B 726 -17.65 21.27 48.39
C ARG B 726 -17.32 19.97 49.11
N GLU B 727 -16.18 19.97 49.80
CA GLU B 727 -15.77 18.83 50.61
C GLU B 727 -15.97 19.14 52.09
N VAL B 728 -16.34 18.12 52.85
CA VAL B 728 -16.63 18.31 54.26
C VAL B 728 -15.37 18.78 54.99
N GLN B 729 -15.54 19.76 55.87
CA GLN B 729 -14.43 20.29 56.68
C GLN B 729 -14.39 19.51 57.98
N LEU B 730 -13.39 18.66 58.13
CA LEU B 730 -13.27 17.89 59.36
C LEU B 730 -12.75 18.78 60.49
N PRO B 731 -13.16 18.50 61.73
CA PRO B 731 -12.70 19.31 62.85
C PRO B 731 -11.32 18.89 63.32
N ASP B 732 -10.59 19.87 63.87
CA ASP B 732 -9.26 19.59 64.39
C ASP B 732 -9.31 18.49 65.44
N ARG B 733 -8.26 17.68 65.48
CA ARG B 733 -8.13 16.58 66.41
C ARG B 733 -9.27 15.57 66.31
N GLY B 734 -9.99 15.56 65.18
CA GLY B 734 -11.10 14.67 65.02
C GLY B 734 -10.73 13.36 64.34
N TRP B 735 -11.55 12.34 64.60
CA TRP B 735 -11.35 11.04 63.95
C TRP B 735 -12.69 10.34 63.85
N PHE B 736 -13.12 10.08 62.61
CA PHE B 736 -14.38 9.41 62.35
C PHE B 736 -14.10 8.08 61.65
N VAL B 737 -14.97 7.10 61.87
CA VAL B 737 -14.80 5.75 61.30
C VAL B 737 -16.14 5.26 60.78
N TYR B 738 -16.16 4.88 59.50
CA TYR B 738 -17.34 4.30 58.86
C TYR B 738 -17.04 2.83 58.56
N GLN B 739 -17.90 1.94 59.06
CA GLN B 739 -17.67 0.51 59.00
C GLN B 739 -18.76 -0.16 58.17
N GLN B 740 -18.35 -0.94 57.18
CA GLN B 740 -19.26 -1.70 56.33
C GLN B 740 -18.61 -3.04 55.99
N ARG B 741 -19.39 -3.91 55.37
CA ARG B 741 -18.96 -5.27 55.05
C ARG B 741 -18.97 -5.48 53.55
N ASN B 742 -18.20 -6.47 53.10
CA ASN B 742 -18.21 -6.93 51.71
C ASN B 742 -18.71 -8.36 51.70
N GLU B 743 -19.89 -8.57 51.10
CA GLU B 743 -20.53 -9.88 51.15
C GLU B 743 -19.88 -10.91 50.23
N VAL B 744 -19.00 -10.49 49.32
CA VAL B 744 -18.47 -11.39 48.30
C VAL B 744 -17.07 -11.86 48.68
N HIS B 745 -16.11 -10.93 48.70
CA HIS B 745 -14.73 -11.29 48.96
C HIS B 745 -14.47 -11.45 50.45
N ASN B 746 -13.72 -12.49 50.82
CA ASN B 746 -13.34 -12.73 52.21
C ASN B 746 -12.06 -12.02 52.61
N ASN B 747 -11.79 -10.86 52.02
CA ASN B 747 -10.67 -10.01 52.41
C ASN B 747 -11.22 -8.69 52.95
N SER B 748 -10.44 -8.04 53.81
CA SER B 748 -10.82 -6.76 54.37
C SER B 748 -10.08 -5.62 53.65
N GLY B 749 -10.69 -4.45 53.68
CA GLY B 749 -10.12 -3.28 53.05
C GLY B 749 -10.27 -2.08 53.96
N ILE B 750 -9.47 -1.06 53.67
CA ILE B 750 -9.44 0.14 54.51
C ILE B 750 -8.79 1.27 53.73
N GLU B 751 -9.37 2.46 53.84
CA GLU B 751 -8.76 3.70 53.39
C GLU B 751 -8.67 4.66 54.58
N ILE B 752 -7.57 5.40 54.67
CA ILE B 752 -7.34 6.34 55.76
C ILE B 752 -7.01 7.69 55.17
N TYR B 753 -7.83 8.70 55.48
CA TYR B 753 -7.75 10.02 54.88
C TYR B 753 -7.33 11.02 55.96
N TYR B 754 -6.15 11.61 55.79
CA TYR B 754 -5.68 12.69 56.64
C TYR B 754 -5.87 14.00 55.87
N GLN B 755 -6.86 14.78 56.28
CA GLN B 755 -7.24 15.97 55.55
C GLN B 755 -6.35 17.13 55.98
N THR B 756 -5.69 17.77 55.02
CA THR B 756 -4.78 18.86 55.32
C THR B 756 -5.52 20.19 55.20
N ASP B 757 -5.49 20.79 54.01
CA ASP B 757 -6.14 22.07 53.79
C ASP B 757 -6.37 22.27 52.30
N MET B 758 -7.12 23.31 51.97
CA MET B 758 -7.44 23.64 50.58
C MET B 758 -6.18 23.65 49.73
N GLN B 759 -6.34 23.27 48.46
CA GLN B 759 -5.18 23.21 47.58
C GLN B 759 -4.55 24.59 47.43
N SER B 760 -3.22 24.62 47.37
CA SER B 760 -2.45 25.85 47.27
C SER B 760 -1.01 25.48 46.94
N THR B 761 -0.31 26.41 46.27
CA THR B 761 1.06 26.13 45.87
C THR B 761 1.91 25.73 47.06
N SER B 762 1.65 26.32 48.23
CA SER B 762 2.40 25.96 49.43
C SER B 762 1.93 24.62 49.99
N GLU B 763 0.64 24.53 50.36
CA GLU B 763 0.12 23.31 50.95
C GLU B 763 0.16 22.13 49.98
N ASN B 764 0.16 22.40 48.67
CA ASN B 764 0.29 21.33 47.69
C ASN B 764 1.65 20.65 47.79
N MET B 765 2.72 21.44 47.76
CA MET B 765 4.06 20.86 47.71
C MET B 765 4.45 20.22 49.03
N PHE B 766 3.99 20.76 50.16
CA PHE B 766 4.21 20.09 51.44
C PHE B 766 3.72 18.66 51.40
N LEU B 767 2.48 18.46 50.93
CA LEU B 767 1.93 17.10 50.86
C LEU B 767 2.65 16.28 49.80
N GLU B 768 2.75 16.80 48.57
CA GLU B 768 3.34 16.02 47.50
C GLU B 768 4.76 15.60 47.82
N LEU B 769 5.49 16.41 48.58
CA LEU B 769 6.84 16.05 49.00
C LEU B 769 6.82 14.99 50.09
N PHE B 770 6.00 15.21 51.13
CA PHE B 770 5.92 14.23 52.21
C PHE B 770 5.45 12.86 51.70
N ALA B 771 4.50 12.85 50.76
CA ALA B 771 4.07 11.60 50.16
C ALA B 771 5.16 11.00 49.30
N GLN B 772 6.11 11.81 48.83
CA GLN B 772 7.26 11.30 48.09
C GLN B 772 8.25 10.61 49.01
N ILE B 773 8.54 11.22 50.18
CA ILE B 773 9.51 10.63 51.10
C ILE B 773 8.99 9.31 51.65
N ILE B 774 7.68 9.22 51.90
CA ILE B 774 7.09 8.01 52.44
C ILE B 774 6.58 7.08 51.36
N SER B 775 6.57 7.53 50.10
CA SER B 775 6.10 6.72 48.99
C SER B 775 6.61 5.29 49.04
N GLU B 776 7.93 5.12 49.03
CA GLU B 776 8.55 3.80 48.94
C GLU B 776 8.53 3.11 50.31
N PRO B 777 9.07 3.73 51.36
CA PRO B 777 9.09 3.07 52.67
C PRO B 777 7.72 2.57 53.12
N ALA B 778 6.66 3.29 52.78
CA ALA B 778 5.32 2.80 53.12
C ALA B 778 5.05 1.46 52.44
N PHE B 779 5.48 1.31 51.18
CA PHE B 779 5.36 0.02 50.52
C PHE B 779 6.30 -1.01 51.12
N ASN B 780 7.53 -0.60 51.44
CA ASN B 780 8.51 -1.54 51.96
C ASN B 780 8.16 -2.01 53.37
N THR B 781 7.52 -1.15 54.16
CA THR B 781 7.22 -1.50 55.55
C THR B 781 5.90 -2.27 55.68
N LEU B 782 4.85 -1.82 54.99
CA LEU B 782 3.53 -2.41 55.17
C LEU B 782 3.31 -3.65 54.32
N ARG B 783 4.01 -3.79 53.20
CA ARG B 783 3.92 -5.00 52.38
C ARG B 783 5.20 -5.82 52.41
N THR B 784 6.32 -5.25 51.97
CA THR B 784 7.54 -6.03 51.83
C THR B 784 7.95 -6.65 53.15
N LYS B 785 7.79 -5.92 54.25
CA LYS B 785 8.16 -6.41 55.58
C LYS B 785 6.98 -7.09 56.26
N GLU B 786 5.97 -6.31 56.63
CA GLU B 786 4.85 -6.80 57.43
C GLU B 786 3.85 -7.65 56.63
N GLN B 787 3.90 -7.61 55.31
CA GLN B 787 3.08 -8.48 54.46
C GLN B 787 1.61 -8.41 54.85
N LEU B 788 1.10 -7.20 55.03
CA LEU B 788 -0.32 -7.02 55.33
C LEU B 788 -1.19 -7.51 54.19
N GLY B 789 -0.72 -7.39 52.96
CA GLY B 789 -1.50 -7.84 51.81
C GLY B 789 -0.78 -7.53 50.52
N TYR B 790 -1.47 -7.78 49.41
CA TYR B 790 -0.91 -7.48 48.10
C TYR B 790 -1.09 -6.02 47.72
N ILE B 791 -2.15 -5.37 48.21
CA ILE B 791 -2.51 -4.02 47.80
C ILE B 791 -2.19 -3.09 48.97
N VAL B 792 -1.14 -2.28 48.81
CA VAL B 792 -0.75 -1.29 49.81
C VAL B 792 -0.38 -0.02 49.06
N PHE B 793 -1.21 1.01 49.16
CA PHE B 793 -1.03 2.26 48.43
C PHE B 793 -1.02 3.45 49.38
N SER B 794 -0.09 4.37 49.14
CA SER B 794 0.02 5.62 49.89
C SER B 794 0.28 6.76 48.91
N GLY B 795 -0.43 7.87 49.10
CA GLY B 795 -0.26 9.03 48.26
C GLY B 795 -1.25 10.12 48.57
N PRO B 796 -1.16 11.23 47.84
CA PRO B 796 -2.11 12.33 48.05
C PRO B 796 -3.50 11.97 47.54
N ARG B 797 -4.51 12.64 48.11
CA ARG B 797 -5.87 12.58 47.63
C ARG B 797 -6.34 13.99 47.33
N ARG B 798 -6.76 14.23 46.08
CA ARG B 798 -7.27 15.52 45.65
C ARG B 798 -8.73 15.39 45.26
N ALA B 799 -9.56 16.32 45.73
CA ALA B 799 -11.00 16.24 45.47
C ALA B 799 -11.69 17.53 45.92
N ASN B 800 -12.47 18.12 45.01
CA ASN B 800 -13.29 19.30 45.31
C ASN B 800 -12.44 20.46 45.82
N GLY B 801 -11.22 20.59 45.31
CA GLY B 801 -10.34 21.67 45.70
C GLY B 801 -9.58 21.45 46.99
N ILE B 802 -9.81 20.33 47.67
CA ILE B 802 -9.12 20.01 48.92
C ILE B 802 -8.14 18.88 48.64
N GLN B 803 -7.30 18.59 49.62
CA GLN B 803 -6.30 17.53 49.48
C GLN B 803 -5.98 16.97 50.86
N GLY B 804 -5.08 16.00 50.87
CA GLY B 804 -4.72 15.32 52.08
C GLY B 804 -4.00 14.02 51.74
N LEU B 805 -3.55 13.34 52.79
CA LEU B 805 -2.83 12.09 52.65
C LEU B 805 -3.77 10.92 52.88
N ARG B 806 -3.60 9.87 52.08
CA ARG B 806 -4.48 8.69 52.16
C ARG B 806 -3.65 7.43 52.07
N PHE B 807 -4.02 6.45 52.89
CA PHE B 807 -3.49 5.10 52.81
C PHE B 807 -4.63 4.16 52.42
N ILE B 808 -4.32 3.15 51.61
CA ILE B 808 -5.31 2.18 51.16
C ILE B 808 -4.67 0.80 51.20
N ILE B 809 -5.23 -0.09 52.02
CA ILE B 809 -4.69 -1.43 52.19
C ILE B 809 -5.82 -2.44 52.03
N GLN B 810 -5.51 -3.56 51.39
CA GLN B 810 -6.40 -4.71 51.32
C GLN B 810 -5.65 -5.90 51.91
N SER B 811 -6.21 -6.48 52.96
CA SER B 811 -5.50 -7.48 53.75
C SER B 811 -6.45 -8.58 54.15
N GLU B 812 -5.89 -9.59 54.82
CA GLU B 812 -6.68 -10.61 55.51
C GLU B 812 -6.91 -10.25 56.97
N LYS B 813 -6.13 -9.33 57.52
CA LYS B 813 -6.22 -8.91 58.91
C LYS B 813 -7.42 -7.99 59.11
N PRO B 814 -7.84 -7.80 60.36
CA PRO B 814 -8.92 -6.84 60.61
C PRO B 814 -8.44 -5.42 60.36
N PRO B 815 -9.33 -4.52 59.94
CA PRO B 815 -8.88 -3.15 59.61
C PRO B 815 -8.26 -2.41 60.79
N HIS B 816 -8.86 -2.52 61.98
CA HIS B 816 -8.33 -1.76 63.12
C HIS B 816 -6.91 -2.15 63.47
N TYR B 817 -6.47 -3.35 63.08
CA TYR B 817 -5.05 -3.66 63.17
C TYR B 817 -4.26 -2.86 62.15
N LEU B 818 -4.71 -2.90 60.89
CA LEU B 818 -4.05 -2.12 59.85
C LEU B 818 -4.00 -0.64 60.22
N GLU B 819 -5.01 -0.16 60.95
CA GLU B 819 -5.00 1.22 61.44
C GLU B 819 -3.75 1.51 62.28
N SER B 820 -3.48 0.65 63.27
CA SER B 820 -2.32 0.86 64.13
C SER B 820 -1.02 0.76 63.32
N ARG B 821 -0.95 -0.20 62.40
CA ARG B 821 0.30 -0.43 61.67
C ARG B 821 0.68 0.78 60.84
N VAL B 822 -0.31 1.40 60.17
CA VAL B 822 -0.03 2.62 59.42
C VAL B 822 0.29 3.77 60.37
N GLU B 823 -0.33 3.78 61.56
CA GLU B 823 0.05 4.75 62.57
C GLU B 823 1.43 4.45 63.12
N ALA B 824 1.74 3.16 63.30
CA ALA B 824 3.08 2.79 63.75
C ALA B 824 4.13 3.14 62.71
N PHE B 825 3.79 3.00 61.42
CA PHE B 825 4.73 3.38 60.37
C PHE B 825 4.96 4.89 60.33
N LEU B 826 3.92 5.68 60.63
CA LEU B 826 4.06 7.13 60.56
C LEU B 826 5.10 7.65 61.54
N ILE B 827 5.25 6.99 62.69
CA ILE B 827 6.27 7.41 63.65
C ILE B 827 7.65 6.97 63.17
N THR B 828 7.73 5.85 62.46
CA THR B 828 9.00 5.45 61.86
C THR B 828 9.51 6.53 60.90
N MET B 829 8.61 7.16 60.16
CA MET B 829 9.01 8.22 59.23
C MET B 829 9.43 9.47 59.97
N GLU B 830 8.71 9.82 61.05
CA GLU B 830 9.08 10.98 61.85
C GLU B 830 10.57 10.94 62.20
N LYS B 831 11.04 9.79 62.67
CA LYS B 831 12.47 9.61 62.93
C LYS B 831 13.28 9.68 61.64
N SER B 832 12.93 8.84 60.66
CA SER B 832 13.68 8.77 59.40
C SER B 832 13.90 10.14 58.76
N ILE B 833 12.97 11.08 58.94
CA ILE B 833 13.15 12.41 58.37
C ILE B 833 14.14 13.22 59.18
N GLU B 834 14.02 13.18 60.51
CA GLU B 834 14.93 13.95 61.35
C GLU B 834 16.36 13.46 61.19
N ASP B 835 16.55 12.15 61.01
CA ASP B 835 17.86 11.58 60.77
C ASP B 835 18.27 11.58 59.31
N MET B 836 17.32 11.79 58.40
CA MET B 836 17.62 11.74 56.97
C MET B 836 18.65 12.79 56.61
N THR B 837 19.66 12.38 55.85
CA THR B 837 20.74 13.29 55.47
C THR B 837 20.20 14.47 54.68
N GLU B 838 20.94 15.57 54.72
CA GLU B 838 20.57 16.72 53.89
C GLU B 838 20.71 16.39 52.42
N GLU B 839 21.59 15.43 52.08
CA GLU B 839 21.75 15.01 50.70
C GLU B 839 20.63 14.10 50.26
N ALA B 840 20.25 13.12 51.10
CA ALA B 840 19.11 12.28 50.78
C ALA B 840 17.83 13.08 50.68
N PHE B 841 17.75 14.22 51.38
CA PHE B 841 16.57 15.07 51.28
C PHE B 841 16.49 15.73 49.91
N GLN B 842 17.52 16.49 49.54
CA GLN B 842 17.54 17.14 48.24
C GLN B 842 17.41 16.14 47.10
N LYS B 843 17.75 14.87 47.32
CA LYS B 843 17.51 13.84 46.31
C LYS B 843 16.01 13.68 46.06
N HIS B 844 15.21 13.57 47.12
CA HIS B 844 13.77 13.44 46.95
C HIS B 844 13.20 14.65 46.21
N ILE B 845 13.70 15.85 46.54
CA ILE B 845 13.25 17.06 45.86
C ILE B 845 13.49 16.90 44.35
N GLN B 846 14.68 16.47 43.97
CA GLN B 846 14.97 16.24 42.56
C GLN B 846 14.09 15.13 41.99
N ALA B 847 13.74 14.13 42.81
CA ALA B 847 12.88 13.05 42.35
C ALA B 847 11.49 13.57 42.00
N LEU B 848 10.87 14.32 42.92
CA LEU B 848 9.55 14.88 42.65
C LEU B 848 9.61 15.87 41.49
N ALA B 849 10.65 16.71 41.46
CA ALA B 849 10.76 17.72 40.40
C ALA B 849 10.86 17.07 39.03
N ILE B 850 11.57 15.95 38.93
CA ILE B 850 11.68 15.25 37.66
C ILE B 850 10.31 14.77 37.20
N ARG B 851 9.57 14.10 38.09
CA ARG B 851 8.27 13.54 37.71
C ARG B 851 7.24 14.64 37.43
N ARG B 852 7.36 15.78 38.11
CA ARG B 852 6.40 16.86 37.86
C ARG B 852 6.67 17.56 36.53
N LEU B 853 7.93 17.62 36.11
CA LEU B 853 8.31 18.32 34.89
C LEU B 853 8.49 17.39 33.70
N ASP B 854 8.07 16.13 33.82
CA ASP B 854 8.09 15.23 32.68
C ASP B 854 7.21 15.77 31.57
N LYS B 855 7.81 16.04 30.42
CA LYS B 855 7.05 16.60 29.31
C LYS B 855 6.13 15.53 28.73
N PRO B 856 4.89 15.87 28.39
CA PRO B 856 4.00 14.88 27.77
C PRO B 856 4.54 14.41 26.44
N LYS B 857 4.40 13.11 26.18
CA LYS B 857 4.95 12.51 24.97
C LYS B 857 4.01 12.57 23.79
N LYS B 858 2.70 12.49 24.02
CA LYS B 858 1.72 12.50 22.94
C LYS B 858 0.66 13.55 23.22
N LEU B 859 -0.10 13.87 22.17
CA LEU B 859 -1.10 14.93 22.27
C LEU B 859 -2.16 14.61 23.31
N SER B 860 -2.66 13.37 23.31
CA SER B 860 -3.69 12.99 24.28
C SER B 860 -3.27 13.32 25.71
N ALA B 861 -1.99 13.14 26.02
CA ALA B 861 -1.52 13.38 27.38
C ALA B 861 -1.48 14.87 27.70
N GLU B 862 -1.00 15.68 26.75
CA GLU B 862 -0.92 17.12 27.00
C GLU B 862 -2.31 17.71 27.19
N SER B 863 -3.30 17.23 26.45
CA SER B 863 -4.66 17.72 26.61
C SER B 863 -5.19 17.42 28.01
N ALA B 864 -4.84 16.26 28.57
CA ALA B 864 -5.30 15.92 29.91
C ALA B 864 -4.83 16.93 30.94
N LYS B 865 -3.53 17.27 30.92
CA LYS B 865 -3.02 18.26 31.86
C LYS B 865 -3.84 19.55 31.81
N TYR B 866 -4.07 20.06 30.59
CA TYR B 866 -4.89 21.26 30.45
C TYR B 866 -6.33 20.99 30.85
N TRP B 867 -6.88 19.84 30.45
CA TRP B 867 -8.28 19.53 30.77
C TRP B 867 -8.50 19.38 32.27
N GLY B 868 -7.47 18.95 33.01
CA GLY B 868 -7.60 18.89 34.45
C GLY B 868 -7.71 20.27 35.07
N GLU B 869 -6.89 21.21 34.61
CA GLU B 869 -6.97 22.58 35.09
C GLU B 869 -8.31 23.23 34.78
N ILE B 870 -9.02 22.76 33.76
CA ILE B 870 -10.25 23.42 33.34
C ILE B 870 -11.44 22.94 34.17
N ILE B 871 -11.66 21.62 34.21
CA ILE B 871 -12.78 21.10 34.98
C ILE B 871 -12.61 21.43 36.47
N SER B 872 -11.36 21.53 36.93
CA SER B 872 -11.08 21.85 38.32
C SER B 872 -11.31 23.30 38.65
N GLN B 873 -11.71 24.11 37.67
CA GLN B 873 -11.97 25.53 37.88
C GLN B 873 -10.75 26.27 38.42
N GLN B 874 -9.55 25.74 38.19
CA GLN B 874 -8.32 26.34 38.71
C GLN B 874 -7.51 27.06 37.64
N TYR B 875 -7.46 26.53 36.42
CA TYR B 875 -6.91 27.25 35.26
C TYR B 875 -5.47 27.70 35.52
N ASN B 876 -4.66 26.78 36.04
CA ASN B 876 -3.26 27.06 36.33
C ASN B 876 -2.39 26.23 35.39
N PHE B 877 -2.34 26.68 34.13
CA PHE B 877 -1.69 25.91 33.08
C PHE B 877 -0.17 25.88 33.23
N ASP B 878 0.41 26.82 33.98
CA ASP B 878 1.82 26.82 34.28
C ASP B 878 2.11 26.28 35.68
N ARG B 879 1.25 25.37 36.16
CA ARG B 879 1.36 24.89 37.53
C ARG B 879 2.68 24.17 37.78
N ASP B 880 3.17 23.41 36.79
CA ASP B 880 4.34 22.57 37.01
C ASP B 880 5.58 23.40 37.27
N ASN B 881 5.82 24.43 36.46
CA ASN B 881 6.96 25.30 36.68
C ASN B 881 6.82 26.07 37.98
N THR B 882 5.61 26.58 38.27
CA THR B 882 5.41 27.38 39.47
C THR B 882 5.60 26.53 40.73
N GLU B 883 5.01 25.34 40.76
CA GLU B 883 5.05 24.52 41.97
C GLU B 883 6.45 23.93 42.18
N VAL B 884 7.11 23.51 41.10
CA VAL B 884 8.47 22.95 41.24
C VAL B 884 9.43 24.02 41.74
N ALA B 885 9.28 25.26 41.27
CA ALA B 885 10.14 26.33 41.72
C ALA B 885 10.04 26.50 43.24
N TYR B 886 8.80 26.53 43.75
CA TYR B 886 8.61 26.58 45.19
C TYR B 886 9.15 25.32 45.87
N LEU B 887 8.93 24.16 45.25
CA LEU B 887 9.35 22.89 45.86
C LEU B 887 10.82 22.92 46.24
N LYS B 888 11.67 23.46 45.37
CA LYS B 888 13.10 23.46 45.64
C LYS B 888 13.46 24.33 46.83
N THR B 889 12.63 25.30 47.18
CA THR B 889 12.89 26.16 48.33
C THR B 889 12.52 25.51 49.65
N LEU B 890 11.94 24.31 49.63
CA LEU B 890 11.56 23.64 50.86
C LEU B 890 12.77 23.06 51.58
N THR B 891 12.69 23.04 52.90
CA THR B 891 13.74 22.50 53.75
C THR B 891 13.22 21.28 54.50
N LYS B 892 14.16 20.49 55.02
CA LYS B 892 13.76 19.34 55.83
C LYS B 892 13.01 19.79 57.08
N GLU B 893 13.31 20.99 57.59
CA GLU B 893 12.63 21.49 58.77
C GLU B 893 11.19 21.88 58.45
N ASP B 894 10.98 22.51 57.29
CA ASP B 894 9.63 22.86 56.88
C ASP B 894 8.73 21.63 56.80
N ILE B 895 9.28 20.48 56.39
CA ILE B 895 8.48 19.26 56.32
C ILE B 895 8.12 18.77 57.72
N ILE B 896 9.09 18.81 58.65
CA ILE B 896 8.86 18.28 59.99
C ILE B 896 7.75 19.06 60.69
N LYS B 897 7.75 20.38 60.57
CA LYS B 897 6.71 21.18 61.18
C LYS B 897 5.35 20.91 60.53
N PHE B 898 5.34 20.63 59.23
CA PHE B 898 4.11 20.23 58.56
C PHE B 898 3.56 18.93 59.15
N TYR B 899 4.42 17.94 59.35
CA TYR B 899 3.99 16.68 59.95
C TYR B 899 3.50 16.89 61.37
N LYS B 900 4.23 17.68 62.17
CA LYS B 900 3.83 17.89 63.55
C LYS B 900 2.47 18.59 63.65
N GLU B 901 2.12 19.39 62.64
CA GLU B 901 0.92 20.21 62.70
C GLU B 901 -0.28 19.57 62.02
N MET B 902 -0.08 18.79 60.95
CA MET B 902 -1.18 18.26 60.16
C MET B 902 -1.38 16.77 60.28
N LEU B 903 -0.32 16.00 60.45
CA LEU B 903 -0.37 14.55 60.30
C LEU B 903 -0.11 13.79 61.59
N ALA B 904 0.86 14.23 62.39
CA ALA B 904 1.26 13.48 63.59
C ALA B 904 0.04 13.09 64.42
N VAL B 905 0.18 11.98 65.15
CA VAL B 905 -0.95 11.42 65.89
C VAL B 905 -1.49 12.41 66.90
N ASP B 906 -0.64 13.31 67.40
CA ASP B 906 -1.05 14.32 68.36
C ASP B 906 -0.87 15.73 67.80
N ALA B 907 -0.99 15.88 66.49
CA ALA B 907 -0.93 17.19 65.87
C ALA B 907 -2.13 18.03 66.30
N PRO B 908 -2.00 19.36 66.30
CA PRO B 908 -3.14 20.19 66.67
C PRO B 908 -4.23 20.23 65.61
N ARG B 909 -3.88 20.09 64.34
CA ARG B 909 -4.82 20.19 63.24
C ARG B 909 -5.02 18.86 62.51
N ARG B 910 -4.89 17.74 63.22
CA ARG B 910 -5.09 16.45 62.58
C ARG B 910 -6.56 16.26 62.22
N HIS B 911 -6.83 15.99 60.94
CA HIS B 911 -8.17 15.72 60.43
C HIS B 911 -8.17 14.33 59.83
N LYS B 912 -8.69 13.35 60.58
CA LYS B 912 -8.60 11.94 60.20
C LYS B 912 -9.99 11.34 60.08
N VAL B 913 -10.19 10.58 59.00
CA VAL B 913 -11.42 9.82 58.77
C VAL B 913 -11.03 8.48 58.15
N SER B 914 -11.62 7.41 58.67
CA SER B 914 -11.25 6.06 58.26
C SER B 914 -12.48 5.29 57.79
N VAL B 915 -12.28 4.43 56.79
CA VAL B 915 -13.32 3.57 56.25
C VAL B 915 -12.87 2.13 56.42
N HIS B 916 -13.67 1.33 57.13
CA HIS B 916 -13.34 -0.06 57.40
C HIS B 916 -14.33 -0.95 56.64
N VAL B 917 -13.80 -1.77 55.73
CA VAL B 917 -14.59 -2.76 55.00
C VAL B 917 -14.16 -4.14 55.48
N LEU B 918 -15.09 -4.85 56.11
CA LEU B 918 -14.78 -6.15 56.71
C LEU B 918 -15.00 -7.27 55.70
N ALA B 919 -14.12 -8.26 55.74
CA ALA B 919 -14.26 -9.41 54.86
C ALA B 919 -15.61 -10.08 55.09
N ARG B 920 -16.06 -10.83 54.08
CA ARG B 920 -17.37 -11.47 54.12
C ARG B 920 -17.67 -12.09 55.47
N GLU B 921 -16.75 -12.93 55.97
CA GLU B 921 -16.97 -13.70 57.18
C GLU B 921 -16.28 -13.09 58.39
N MET B 922 -15.72 -11.90 58.26
CA MET B 922 -15.00 -11.26 59.37
C MET B 922 -15.98 -10.90 60.48
N ASP B 923 -15.73 -11.41 61.68
CA ASP B 923 -16.54 -11.04 62.84
C ASP B 923 -16.50 -9.52 63.03
N SER B 924 -17.62 -8.98 63.51
CA SER B 924 -17.73 -7.54 63.73
C SER B 924 -16.51 -7.03 64.48
N ASN B 925 -15.65 -6.27 63.80
CA ASN B 925 -14.42 -5.78 64.40
C ASN B 925 -14.72 -4.63 65.37
N PRO B 926 -13.84 -4.43 66.36
CA PRO B 926 -13.94 -3.34 67.34
C PRO B 926 -13.07 -2.14 66.96
N ILE B 937 5.91 -8.57 69.31
CA ILE B 937 6.77 -9.36 68.44
C ILE B 937 7.96 -8.52 67.97
N ASN B 938 8.41 -8.78 66.75
CA ASN B 938 9.54 -8.09 66.15
C ASN B 938 9.14 -6.83 65.40
N LEU B 939 7.92 -6.34 65.61
CA LEU B 939 7.40 -5.19 64.87
C LEU B 939 7.56 -3.91 65.68
N SER B 940 7.39 -2.78 64.99
CA SER B 940 7.53 -1.49 65.63
C SER B 940 6.38 -1.22 66.58
N GLN B 941 6.60 -0.28 67.51
CA GLN B 941 5.63 0.01 68.55
C GLN B 941 4.51 0.87 67.99
N ALA B 942 3.27 0.44 68.21
CA ALA B 942 2.17 1.24 67.66
C ALA B 942 1.71 2.27 68.67
N PRO B 943 1.43 3.49 68.21
CA PRO B 943 1.01 4.56 69.13
C PRO B 943 -0.41 4.32 69.63
N ALA B 944 -0.76 5.06 70.69
CA ALA B 944 -2.07 4.98 71.30
C ALA B 944 -3.05 5.88 70.56
N LEU B 945 -4.22 5.32 70.21
CA LEU B 945 -5.17 6.07 69.41
C LEU B 945 -6.37 6.51 70.24
N PRO B 946 -6.90 7.70 70.00
CA PRO B 946 -8.08 8.16 70.75
C PRO B 946 -9.32 7.36 70.44
N GLN B 947 -10.43 7.70 71.10
CA GLN B 947 -11.70 7.02 70.86
C GLN B 947 -12.37 7.59 69.62
N PRO B 948 -12.56 6.81 68.56
CA PRO B 948 -13.11 7.36 67.32
C PRO B 948 -14.62 7.57 67.42
N GLU B 949 -15.08 8.59 66.70
CA GLU B 949 -16.52 8.79 66.56
C GLU B 949 -17.02 7.92 65.41
N VAL B 950 -18.02 7.10 65.69
CA VAL B 950 -18.44 6.04 64.79
C VAL B 950 -19.58 6.58 63.92
N ILE B 951 -19.32 6.74 62.62
CA ILE B 951 -20.36 7.19 61.71
C ILE B 951 -21.49 6.17 61.74
N GLN B 952 -22.70 6.64 62.08
CA GLN B 952 -23.88 5.81 62.07
C GLN B 952 -24.70 5.98 60.79
N ASN B 953 -24.76 7.22 60.28
CA ASN B 953 -25.47 7.56 59.07
C ASN B 953 -24.68 8.64 58.34
N MET B 954 -24.49 8.45 57.03
CA MET B 954 -23.65 9.38 56.29
C MET B 954 -24.26 10.77 56.21
N THR B 955 -25.59 10.86 56.15
CA THR B 955 -26.23 12.17 56.06
C THR B 955 -26.08 12.94 57.36
N GLU B 956 -26.27 12.27 58.50
CA GLU B 956 -26.07 12.94 59.78
C GLU B 956 -24.62 13.38 59.94
N PHE B 957 -23.68 12.59 59.42
CA PHE B 957 -22.28 12.98 59.45
C PHE B 957 -22.07 14.32 58.76
N LYS B 958 -22.59 14.47 57.54
CA LYS B 958 -22.41 15.71 56.80
C LYS B 958 -23.18 16.86 57.43
N ARG B 959 -24.40 16.59 57.92
CA ARG B 959 -25.20 17.66 58.49
C ARG B 959 -24.50 18.35 59.66
N GLY B 960 -23.67 17.62 60.40
CA GLY B 960 -23.00 18.15 61.57
C GLY B 960 -21.63 18.76 61.35
N LEU B 961 -21.24 18.97 60.10
CA LEU B 961 -19.91 19.49 59.81
C LEU B 961 -19.98 20.63 58.80
N PRO B 962 -19.04 21.55 58.85
CA PRO B 962 -18.99 22.62 57.87
C PRO B 962 -18.59 22.09 56.50
N LEU B 963 -18.63 22.97 55.53
CA LEU B 963 -18.18 22.66 54.18
C LEU B 963 -17.07 23.61 53.77
N PHE B 964 -16.00 23.04 53.19
CA PHE B 964 -14.90 23.86 52.74
C PHE B 964 -15.36 24.84 51.66
N PRO B 965 -14.63 25.94 51.48
CA PRO B 965 -14.92 26.84 50.36
C PRO B 965 -14.61 26.19 49.03
N LEU B 966 -14.45 27.00 47.99
CA LEU B 966 -14.03 26.52 46.68
C LEU B 966 -12.81 27.31 46.23
N VAL B 967 -11.92 26.62 45.52
CA VAL B 967 -10.64 27.22 45.16
C VAL B 967 -10.85 28.40 44.22
N LYS B 968 -10.13 29.48 44.48
CA LYS B 968 -10.11 30.61 43.56
C LYS B 968 -9.33 30.23 42.30
N PRO B 969 -9.82 30.61 41.13
CA PRO B 969 -9.19 30.18 39.87
C PRO B 969 -8.09 31.14 39.41
N HIS B 970 -7.31 30.66 38.45
CA HIS B 970 -6.34 31.49 37.74
C HIS B 970 -5.07 31.70 38.56
#